data_9ISG
#
_entry.id   9ISG
#
_cell.length_a   1.00
_cell.length_b   1.00
_cell.length_c   1.00
_cell.angle_alpha   90.00
_cell.angle_beta   90.00
_cell.angle_gamma   90.00
#
_symmetry.space_group_name_H-M   'P 1'
#
loop_
_entity.id
_entity.type
_entity.pdbx_description
1 polymer 'Transient receptor potential cation channel subfamily V member 1'
2 non-polymer 4-azanyl-3-sulfanylidene-1,2,4-triazine-5,6-dione
#
_entity_poly.entity_id   1
_entity_poly.type   'polypeptide(L)'
_entity_poly.pdbx_seq_one_letter_code
;MDYKDDDDKWSHPQFEKGGGGSGGSAWSHPQFEKEFKGLVDMEQRASLDSEESESPPQENSCLDPPDRDPNCKPPPVKPH
IFTTRSRTRLFGKGDSEEASPLDCPYEEGGLASCPIITVSSVLTIQRPGDGPASVRPSSQDSVSAGEKPPRLYDRRSIFD
AVAQSNCQELESLLPFLQRSKKRLTDSEFKDPETGKTCLLKAMLNLHNGQNDTIALLLDVARKTDSLKQFVNASYTDSYY
KGQTALHIAIERRNMTLVTLLVENGADVQAAANGDFFKKTKGRPGFYFGELPLSLAACTNQLAIVKFLLQNSWQPADISA
RDSVGNTVLHALVEVADNTVDNTKFVTSMYNEILILGAKLHPTLKLEEITNRKGLTPLALAASSGKIGVLAYILQREIHE
PECRHLSRKFTEWAYGPVHSSLYDLSCIDTCEKNSVLEVIAYSSSETPNRHDMLLVEPLNRLLQDKWDRFVKRIFYFNFF
VYCLYMIIFTAAAYYRPVEGLPPYKLKNTVGDYFRVTGEILSVSGGVYFFFRGIQYFLQRRPSLKSLFVDSYSEILFFVQ
SLFMLVSVVLYFSQRKEYVASMVFSLAMGWTNMLYYTRGFQQMGIYAVMIEKMILRDLCRFMFVYLVFLFGFSTAVVTLI
EDGKNNSLPMESTPHKCRGSACKPGNSYNSLYSTCLELFKFTIGMGDLEFTENYDFKAVFIILLLAYVILTYILLLNMLI
ALMGETVNKIAQESKNIWKLQRAITILDTEKSFLKCMRKAFRSGKLLQVGFTPDGKDDYRWCFRVDEVNWTTWNTNVGII
NEDPGNCEGVKRTLSFSLRSGRVSGRNWKNFALVPLLRDASTRDRHATQQEEVQLKHYTGSLKPEDAEVFKDSMVPGEK
;
_entity_poly.pdbx_strand_id   A,B,C,D
#
# COMPACT_ATOMS: atom_id res chain seq x y z
N TYR A 235 -46.96 3.96 -40.12
CA TYR A 235 -45.54 3.79 -39.84
C TYR A 235 -44.73 4.99 -40.33
N THR A 236 -45.13 6.19 -39.90
CA THR A 236 -44.46 7.42 -40.29
C THR A 236 -43.83 8.16 -39.11
N ASP A 237 -43.96 7.65 -37.90
CA ASP A 237 -43.39 8.33 -36.74
C ASP A 237 -41.87 8.21 -36.76
N SER A 238 -41.21 9.15 -36.09
CA SER A 238 -39.75 9.21 -36.09
C SER A 238 -39.12 8.16 -35.19
N TYR A 239 -39.88 7.57 -34.26
CA TYR A 239 -39.31 6.59 -33.35
C TYR A 239 -38.86 5.34 -34.09
N TYR A 240 -39.61 4.92 -35.11
CA TYR A 240 -39.25 3.81 -35.96
C TYR A 240 -39.35 4.19 -37.43
N LYS A 241 -38.83 5.37 -37.77
CA LYS A 241 -38.92 5.86 -39.14
C LYS A 241 -37.81 5.25 -39.99
N GLY A 242 -38.13 5.02 -41.27
CA GLY A 242 -37.17 4.50 -42.21
C GLY A 242 -36.98 3.00 -42.12
N GLN A 243 -37.07 2.45 -40.91
CA GLN A 243 -36.87 1.02 -40.72
C GLN A 243 -37.85 0.22 -41.58
N THR A 244 -37.32 -0.74 -42.31
CA THR A 244 -38.09 -1.56 -43.24
C THR A 244 -38.05 -3.02 -42.81
N ALA A 245 -38.74 -3.87 -43.56
CA ALA A 245 -38.79 -5.29 -43.24
C ALA A 245 -37.39 -5.90 -43.20
N LEU A 246 -36.50 -5.43 -44.09
CA LEU A 246 -35.14 -5.96 -44.11
C LEU A 246 -34.44 -5.68 -42.79
N HIS A 247 -34.62 -4.49 -42.23
CA HIS A 247 -34.00 -4.16 -40.96
C HIS A 247 -34.50 -5.08 -39.85
N ILE A 248 -35.81 -5.31 -39.80
CA ILE A 248 -36.37 -6.19 -38.79
C ILE A 248 -35.82 -7.60 -38.94
N ALA A 249 -35.73 -8.09 -40.18
CA ALA A 249 -35.18 -9.42 -40.40
C ALA A 249 -33.72 -9.49 -39.95
N ILE A 250 -32.93 -8.46 -40.24
CA ILE A 250 -31.53 -8.45 -39.81
C ILE A 250 -31.44 -8.43 -38.29
N GLU A 251 -32.36 -7.74 -37.62
CA GLU A 251 -32.31 -7.62 -36.17
C GLU A 251 -32.71 -8.91 -35.47
N ARG A 252 -33.42 -9.80 -36.14
CA ARG A 252 -33.90 -11.04 -35.54
C ARG A 252 -32.90 -12.19 -35.65
N ARG A 253 -31.72 -11.96 -36.22
CA ARG A 253 -30.73 -13.01 -36.41
C ARG A 253 -31.27 -14.14 -37.27
N ASN A 254 -32.14 -13.81 -38.22
CA ASN A 254 -32.71 -14.78 -39.15
C ASN A 254 -32.06 -14.59 -40.51
N MET A 255 -31.55 -15.69 -41.07
CA MET A 255 -30.79 -15.64 -42.32
C MET A 255 -31.64 -16.01 -43.53
N THR A 256 -32.45 -17.06 -43.44
CA THR A 256 -33.30 -17.43 -44.56
C THR A 256 -34.34 -16.35 -44.85
N LEU A 257 -34.90 -15.76 -43.80
CA LEU A 257 -35.91 -14.72 -43.99
C LEU A 257 -35.33 -13.51 -44.72
N VAL A 258 -34.09 -13.16 -44.40
CA VAL A 258 -33.45 -12.04 -45.08
C VAL A 258 -33.35 -12.32 -46.58
N THR A 259 -32.93 -13.53 -46.94
CA THR A 259 -32.86 -13.89 -48.36
C THR A 259 -34.24 -13.86 -49.01
N LEU A 260 -35.25 -14.37 -48.32
CA LEU A 260 -36.60 -14.35 -48.88
C LEU A 260 -37.05 -12.93 -49.14
N LEU A 261 -36.76 -12.01 -48.22
CA LEU A 261 -37.13 -10.61 -48.41
C LEU A 261 -36.35 -9.98 -49.56
N VAL A 262 -35.03 -10.21 -49.59
CA VAL A 262 -34.19 -9.55 -50.59
C VAL A 262 -34.56 -10.01 -51.99
N GLU A 263 -34.74 -11.33 -52.18
CA GLU A 263 -35.05 -11.84 -53.51
C GLU A 263 -36.35 -11.29 -54.07
N ASN A 264 -37.25 -10.80 -53.20
CA ASN A 264 -38.50 -10.24 -53.68
C ASN A 264 -38.32 -8.86 -54.32
N GLY A 265 -37.25 -8.15 -53.97
CA GLY A 265 -37.01 -6.82 -54.51
C GLY A 265 -36.75 -5.78 -53.45
N ALA A 266 -36.48 -6.22 -52.23
CA ALA A 266 -36.24 -5.28 -51.14
C ALA A 266 -35.07 -4.36 -51.47
N ASP A 267 -35.24 -3.08 -51.15
CA ASP A 267 -34.21 -2.08 -51.41
C ASP A 267 -33.29 -1.99 -50.19
N VAL A 268 -32.01 -2.35 -50.39
CA VAL A 268 -31.04 -2.32 -49.31
C VAL A 268 -30.51 -0.93 -49.02
N GLN A 269 -30.90 0.07 -49.80
CA GLN A 269 -30.43 1.44 -49.63
C GLN A 269 -31.44 2.33 -48.92
N ALA A 270 -32.54 1.76 -48.41
CA ALA A 270 -33.55 2.54 -47.70
C ALA A 270 -33.00 2.89 -46.32
N ALA A 271 -32.09 3.86 -46.31
CA ALA A 271 -31.43 4.24 -45.06
C ALA A 271 -32.46 4.71 -44.04
N ALA A 272 -32.30 4.24 -42.80
CA ALA A 272 -33.18 4.62 -41.70
C ALA A 272 -32.67 5.92 -41.08
N ASN A 273 -33.42 7.00 -41.28
CA ASN A 273 -33.04 8.31 -40.79
C ASN A 273 -33.82 8.73 -39.55
N GLY A 274 -34.38 7.77 -38.82
CA GLY A 274 -35.15 8.11 -37.64
C GLY A 274 -34.26 8.61 -36.51
N ASP A 275 -34.84 9.47 -35.66
CA ASP A 275 -34.10 10.00 -34.53
C ASP A 275 -33.80 8.91 -33.51
N PHE A 276 -34.58 7.83 -33.50
CA PHE A 276 -34.26 6.69 -32.64
C PHE A 276 -32.92 6.09 -33.04
N PHE A 277 -32.70 5.92 -34.35
CA PHE A 277 -31.40 5.49 -34.88
C PHE A 277 -30.59 6.75 -35.18
N LYS A 278 -30.00 7.31 -34.13
CA LYS A 278 -29.23 8.54 -34.24
C LYS A 278 -28.24 8.47 -35.39
N GLY A 285 -32.42 5.28 -27.82
CA GLY A 285 -32.13 4.23 -28.79
C GLY A 285 -30.66 4.05 -29.04
N PHE A 286 -30.33 3.39 -30.15
CA PHE A 286 -28.95 3.15 -30.53
C PHE A 286 -28.79 3.42 -32.01
N TYR A 287 -27.59 3.87 -32.39
CA TYR A 287 -27.26 4.20 -33.78
C TYR A 287 -26.24 3.20 -34.28
N PHE A 288 -26.62 2.44 -35.31
CA PHE A 288 -25.77 1.38 -35.85
C PHE A 288 -25.20 1.70 -37.23
N GLY A 289 -25.71 2.72 -37.90
CA GLY A 289 -25.21 3.06 -39.23
C GLY A 289 -26.29 3.49 -40.18
N GLU A 290 -27.55 3.28 -39.79
CA GLU A 290 -28.72 3.73 -40.56
C GLU A 290 -28.82 3.03 -41.91
N LEU A 291 -28.10 1.93 -42.10
CA LEU A 291 -28.21 1.12 -43.31
C LEU A 291 -28.33 -0.34 -42.92
N PRO A 292 -29.02 -1.15 -43.73
CA PRO A 292 -29.10 -2.58 -43.40
C PRO A 292 -27.74 -3.26 -43.34
N LEU A 293 -26.82 -2.87 -44.21
CA LEU A 293 -25.50 -3.46 -44.22
C LEU A 293 -24.74 -3.13 -42.94
N SER A 294 -24.71 -1.85 -42.56
CA SER A 294 -24.04 -1.46 -41.33
C SER A 294 -24.75 -2.03 -40.11
N LEU A 295 -26.08 -2.08 -40.15
CA LEU A 295 -26.84 -2.66 -39.05
C LEU A 295 -26.49 -4.12 -38.85
N ALA A 296 -26.39 -4.88 -39.95
CA ALA A 296 -25.98 -6.28 -39.83
C ALA A 296 -24.54 -6.40 -39.35
N ALA A 297 -23.64 -5.56 -39.88
CA ALA A 297 -22.23 -5.68 -39.52
C ALA A 297 -22.02 -5.39 -38.03
N CYS A 298 -22.68 -4.36 -37.49
CA CYS A 298 -22.47 -3.97 -36.11
C CYS A 298 -23.14 -4.90 -35.12
N THR A 299 -24.04 -5.77 -35.56
CA THR A 299 -24.70 -6.73 -34.69
C THR A 299 -24.04 -8.11 -34.74
N ASN A 300 -22.88 -8.22 -35.38
CA ASN A 300 -22.11 -9.46 -35.46
C ASN A 300 -22.74 -10.49 -36.40
N GLN A 301 -23.59 -10.05 -37.32
CA GLN A 301 -24.18 -10.95 -38.32
C GLN A 301 -23.36 -10.87 -39.61
N LEU A 302 -22.17 -11.47 -39.55
CA LEU A 302 -21.26 -11.42 -40.69
C LEU A 302 -21.84 -12.13 -41.90
N ALA A 303 -22.67 -13.16 -41.71
CA ALA A 303 -23.26 -13.86 -42.84
C ALA A 303 -24.16 -12.95 -43.65
N ILE A 304 -24.94 -12.10 -42.98
CA ILE A 304 -25.83 -11.19 -43.69
C ILE A 304 -25.03 -10.20 -44.52
N VAL A 305 -23.93 -9.68 -43.97
CA VAL A 305 -23.06 -8.79 -44.73
C VAL A 305 -22.48 -9.53 -45.93
N LYS A 306 -22.02 -10.77 -45.73
CA LYS A 306 -21.46 -11.55 -46.82
C LYS A 306 -22.47 -11.71 -47.93
N PHE A 307 -23.73 -12.01 -47.59
CA PHE A 307 -24.75 -12.16 -48.62
C PHE A 307 -25.03 -10.84 -49.32
N LEU A 308 -25.23 -9.77 -48.55
CA LEU A 308 -25.65 -8.49 -49.14
C LEU A 308 -24.57 -7.93 -50.06
N LEU A 309 -23.30 -7.99 -49.64
CA LEU A 309 -22.24 -7.36 -50.41
C LEU A 309 -22.13 -7.96 -51.81
N GLN A 310 -22.23 -9.28 -51.91
CA GLN A 310 -22.00 -10.00 -53.17
C GLN A 310 -23.22 -10.83 -53.55
N ASN A 311 -24.42 -10.30 -53.32
CA ASN A 311 -25.62 -10.98 -53.77
C ASN A 311 -25.75 -10.86 -55.28
N SER A 312 -26.32 -11.89 -55.90
CA SER A 312 -26.52 -11.89 -57.35
C SER A 312 -27.76 -11.11 -57.78
N TRP A 313 -28.56 -10.62 -56.83
CA TRP A 313 -29.82 -9.96 -57.17
C TRP A 313 -29.66 -8.44 -57.28
N GLN A 314 -29.24 -7.79 -56.20
CA GLN A 314 -29.14 -6.34 -56.17
C GLN A 314 -27.87 -5.92 -55.44
N PRO A 315 -26.96 -5.20 -56.09
CA PRO A 315 -25.69 -4.86 -55.43
C PRO A 315 -25.91 -4.06 -54.17
N ALA A 316 -25.05 -4.29 -53.18
CA ALA A 316 -25.05 -3.55 -51.92
C ALA A 316 -23.84 -2.63 -51.90
N ASP A 317 -24.09 -1.34 -51.70
CA ASP A 317 -23.03 -0.33 -51.75
C ASP A 317 -22.31 -0.33 -50.42
N ILE A 318 -21.08 -0.87 -50.41
CA ILE A 318 -20.26 -0.86 -49.20
C ILE A 318 -19.88 0.56 -48.83
N SER A 319 -19.78 1.46 -49.82
CA SER A 319 -19.37 2.84 -49.59
C SER A 319 -20.56 3.76 -49.31
N ALA A 320 -21.75 3.22 -49.15
CA ALA A 320 -22.92 4.05 -48.90
C ALA A 320 -22.72 4.88 -47.65
N ARG A 321 -23.15 6.14 -47.72
CA ARG A 321 -23.03 7.08 -46.61
C ARG A 321 -24.41 7.62 -46.25
N ASP A 322 -24.70 7.62 -44.95
CA ASP A 322 -26.02 8.00 -44.45
C ASP A 322 -26.05 9.51 -44.23
N SER A 323 -27.08 10.00 -43.53
CA SER A 323 -27.21 11.43 -43.29
C SER A 323 -25.99 12.00 -42.60
N VAL A 324 -25.48 11.28 -41.58
CA VAL A 324 -24.27 11.73 -40.90
C VAL A 324 -23.01 11.46 -41.72
N GLY A 325 -23.08 10.57 -42.70
CA GLY A 325 -21.95 10.28 -43.56
C GLY A 325 -21.06 9.16 -43.07
N ASN A 326 -21.30 8.61 -41.89
CA ASN A 326 -20.47 7.54 -41.35
C ASN A 326 -20.76 6.25 -42.11
N THR A 327 -19.77 5.75 -42.83
CA THR A 327 -19.92 4.52 -43.60
C THR A 327 -19.83 3.31 -42.68
N VAL A 328 -19.74 2.12 -43.26
CA VAL A 328 -19.75 0.89 -42.48
C VAL A 328 -18.62 0.90 -41.46
N LEU A 329 -17.40 1.23 -41.92
CA LEU A 329 -16.26 1.22 -41.01
C LEU A 329 -16.43 2.26 -39.91
N HIS A 330 -16.95 3.44 -40.25
CA HIS A 330 -17.21 4.45 -39.25
C HIS A 330 -18.24 3.95 -38.24
N ALA A 331 -19.27 3.24 -38.71
CA ALA A 331 -20.25 2.68 -37.79
C ALA A 331 -19.61 1.67 -36.86
N LEU A 332 -18.73 0.80 -37.38
CA LEU A 332 -18.05 -0.17 -36.53
C LEU A 332 -17.17 0.52 -35.50
N VAL A 333 -16.49 1.60 -35.90
CA VAL A 333 -15.68 2.35 -34.95
C VAL A 333 -16.54 2.98 -33.88
N GLU A 334 -17.70 3.52 -34.27
CA GLU A 334 -18.56 4.20 -33.31
C GLU A 334 -19.17 3.22 -32.30
N VAL A 335 -19.68 2.09 -32.79
CA VAL A 335 -20.39 1.16 -31.91
C VAL A 335 -19.46 0.64 -30.82
N ALA A 336 -18.19 0.40 -31.16
CA ALA A 336 -17.26 -0.21 -30.22
C ALA A 336 -17.13 0.68 -28.97
N ASP A 337 -17.02 0.02 -27.81
CA ASP A 337 -16.88 0.71 -26.53
C ASP A 337 -15.74 0.14 -25.71
N ASN A 338 -14.69 -0.37 -26.36
CA ASN A 338 -13.45 -0.76 -25.71
C ASN A 338 -13.57 -2.04 -24.89
N THR A 339 -14.76 -2.61 -24.80
CA THR A 339 -14.94 -3.86 -24.08
C THR A 339 -14.21 -5.00 -24.80
N VAL A 340 -13.71 -5.95 -24.02
CA VAL A 340 -12.86 -7.01 -24.57
C VAL A 340 -13.60 -7.79 -25.65
N ASP A 341 -14.80 -8.28 -25.31
CA ASP A 341 -15.59 -9.01 -26.29
C ASP A 341 -15.98 -8.11 -27.45
N ASN A 342 -16.43 -6.89 -27.15
CA ASN A 342 -16.75 -5.94 -28.20
C ASN A 342 -15.52 -5.59 -29.03
N THR A 343 -14.37 -5.49 -28.38
CA THR A 343 -13.14 -5.19 -29.12
C THR A 343 -12.82 -6.30 -30.10
N LYS A 344 -12.91 -7.56 -29.67
CA LYS A 344 -12.66 -8.68 -30.57
C LYS A 344 -13.68 -8.69 -31.70
N PHE A 345 -14.95 -8.46 -31.38
CA PHE A 345 -15.99 -8.46 -32.40
C PHE A 345 -15.72 -7.39 -33.45
N VAL A 346 -15.41 -6.16 -33.02
CA VAL A 346 -15.21 -5.07 -33.96
C VAL A 346 -13.95 -5.33 -34.78
N THR A 347 -12.91 -5.85 -34.16
CA THR A 347 -11.69 -6.18 -34.90
C THR A 347 -11.99 -7.17 -36.01
N SER A 348 -12.66 -8.28 -35.67
CA SER A 348 -12.95 -9.31 -36.66
C SER A 348 -13.86 -8.77 -37.76
N MET A 349 -14.88 -8.01 -37.38
CA MET A 349 -15.83 -7.51 -38.37
C MET A 349 -15.18 -6.50 -39.30
N TYR A 350 -14.35 -5.61 -38.76
CA TYR A 350 -13.60 -4.67 -39.59
C TYR A 350 -12.65 -5.41 -40.53
N ASN A 351 -11.93 -6.42 -40.04
CA ASN A 351 -11.04 -7.18 -40.90
C ASN A 351 -11.81 -7.85 -42.04
N GLU A 352 -12.94 -8.49 -41.72
CA GLU A 352 -13.72 -9.15 -42.77
C GLU A 352 -14.29 -8.15 -43.76
N ILE A 353 -14.77 -7.00 -43.29
CA ILE A 353 -15.29 -5.99 -44.20
C ILE A 353 -14.19 -5.50 -45.14
N LEU A 354 -13.01 -5.24 -44.59
CA LEU A 354 -11.91 -4.77 -45.44
C LEU A 354 -11.53 -5.84 -46.46
N ILE A 355 -11.46 -7.10 -46.05
CA ILE A 355 -11.10 -8.17 -46.97
C ILE A 355 -12.13 -8.28 -48.08
N LEU A 356 -13.42 -8.25 -47.72
CA LEU A 356 -14.47 -8.36 -48.73
C LEU A 356 -14.46 -7.16 -49.68
N GLY A 357 -14.24 -5.96 -49.15
CA GLY A 357 -14.17 -4.79 -50.01
C GLY A 357 -13.01 -4.86 -50.98
N ALA A 358 -11.86 -5.32 -50.51
CA ALA A 358 -10.73 -5.53 -51.42
C ALA A 358 -11.07 -6.58 -52.47
N LYS A 359 -11.74 -7.65 -52.06
CA LYS A 359 -12.11 -8.71 -52.99
C LYS A 359 -13.01 -8.18 -54.10
N LEU A 360 -14.04 -7.42 -53.72
CA LEU A 360 -14.94 -6.85 -54.72
C LEU A 360 -14.26 -5.74 -55.50
N HIS A 361 -13.60 -4.81 -54.81
CA HIS A 361 -12.98 -3.63 -55.41
C HIS A 361 -11.52 -3.58 -54.98
N PRO A 362 -10.66 -4.38 -55.61
CA PRO A 362 -9.24 -4.33 -55.24
C PRO A 362 -8.61 -2.96 -55.44
N THR A 363 -9.08 -2.18 -56.41
CA THR A 363 -8.48 -0.90 -56.72
C THR A 363 -9.01 0.25 -55.88
N LEU A 364 -9.94 -0.02 -54.97
CA LEU A 364 -10.57 1.02 -54.16
C LEU A 364 -10.06 0.93 -52.73
N LYS A 365 -9.59 2.05 -52.19
CA LYS A 365 -9.19 2.14 -50.78
C LYS A 365 -10.42 2.57 -49.98
N LEU A 366 -11.13 1.59 -49.44
CA LEU A 366 -12.36 1.88 -48.72
C LEU A 366 -12.09 2.73 -47.48
N GLU A 367 -11.00 2.43 -46.77
CA GLU A 367 -10.72 3.12 -45.52
C GLU A 367 -10.49 4.61 -45.72
N GLU A 368 -10.24 5.06 -46.95
CA GLU A 368 -9.97 6.47 -47.22
C GLU A 368 -11.24 7.31 -47.30
N ILE A 369 -12.42 6.68 -47.30
CA ILE A 369 -13.67 7.42 -47.41
C ILE A 369 -13.89 8.25 -46.15
N THR A 370 -14.28 9.50 -46.32
CA THR A 370 -14.49 10.44 -45.23
C THR A 370 -15.96 10.77 -45.08
N ASN A 371 -16.39 10.89 -43.83
CA ASN A 371 -17.78 11.22 -43.52
C ASN A 371 -17.98 12.73 -43.68
N ARG A 372 -19.15 13.23 -43.24
CA ARG A 372 -19.45 14.65 -43.36
C ARG A 372 -18.53 15.51 -42.49
N LYS A 373 -17.92 14.93 -41.47
CA LYS A 373 -16.98 15.66 -40.61
C LYS A 373 -15.54 15.56 -41.10
N GLY A 374 -15.27 14.79 -42.14
CA GLY A 374 -13.93 14.63 -42.65
C GLY A 374 -12.99 13.87 -41.73
N LEU A 375 -13.47 12.80 -41.10
CA LEU A 375 -12.66 11.95 -40.23
C LEU A 375 -12.64 10.54 -40.79
N THR A 376 -11.44 10.02 -41.01
CA THR A 376 -11.29 8.64 -41.47
C THR A 376 -11.53 7.68 -40.30
N PRO A 377 -11.83 6.42 -40.58
CA PRO A 377 -12.13 5.48 -39.48
C PRO A 377 -11.03 5.41 -38.43
N LEU A 378 -9.77 5.40 -38.86
CA LEU A 378 -8.68 5.49 -37.90
C LEU A 378 -8.69 6.83 -37.18
N ALA A 379 -8.90 7.91 -37.92
CA ALA A 379 -8.99 9.22 -37.30
C ALA A 379 -10.21 9.31 -36.37
N LEU A 380 -11.33 8.71 -36.78
CA LEU A 380 -12.51 8.71 -35.93
C LEU A 380 -12.25 7.95 -34.64
N ALA A 381 -11.56 6.81 -34.72
CA ALA A 381 -11.20 6.06 -33.52
C ALA A 381 -10.30 6.90 -32.63
N ALA A 382 -9.33 7.60 -33.22
CA ALA A 382 -8.44 8.45 -32.43
C ALA A 382 -9.23 9.55 -31.72
N SER A 383 -10.16 10.19 -32.43
CA SER A 383 -10.93 11.28 -31.84
C SER A 383 -11.85 10.78 -30.74
N SER A 384 -12.52 9.65 -30.97
CA SER A 384 -13.50 9.13 -30.03
C SER A 384 -12.89 8.27 -28.92
N GLY A 385 -11.60 7.98 -28.98
CA GLY A 385 -10.96 7.21 -27.94
C GLY A 385 -11.19 5.72 -28.02
N LYS A 386 -11.34 5.17 -29.22
CA LYS A 386 -11.49 3.73 -29.40
C LYS A 386 -10.09 3.13 -29.40
N ILE A 387 -9.57 2.84 -28.20
CA ILE A 387 -8.21 2.35 -28.08
C ILE A 387 -8.04 0.98 -28.73
N GLY A 388 -9.01 0.08 -28.55
CA GLY A 388 -8.88 -1.24 -29.15
C GLY A 388 -8.82 -1.20 -30.66
N VAL A 389 -9.72 -0.44 -31.28
CA VAL A 389 -9.73 -0.33 -32.73
C VAL A 389 -8.46 0.34 -33.23
N LEU A 390 -7.99 1.37 -32.51
CA LEU A 390 -6.75 2.02 -32.88
C LEU A 390 -5.59 1.04 -32.85
N ALA A 391 -5.50 0.24 -31.78
CA ALA A 391 -4.41 -0.73 -31.67
C ALA A 391 -4.50 -1.77 -32.78
N TYR A 392 -5.71 -2.24 -33.08
CA TYR A 392 -5.86 -3.23 -34.15
C TYR A 392 -5.42 -2.65 -35.48
N ILE A 393 -5.89 -1.45 -35.81
CA ILE A 393 -5.57 -0.86 -37.12
C ILE A 393 -4.08 -0.61 -37.23
N LEU A 394 -3.48 -0.03 -36.19
CA LEU A 394 -2.05 0.22 -36.22
C LEU A 394 -1.22 -1.06 -36.19
N GLN A 395 -1.84 -2.21 -35.89
CA GLN A 395 -1.17 -3.49 -35.94
C GLN A 395 -1.90 -4.48 -36.86
N ARG A 396 -2.68 -3.96 -37.81
CA ARG A 396 -3.40 -4.82 -38.74
C ARG A 396 -2.41 -5.52 -39.65
N GLU A 397 -2.19 -6.81 -39.41
CA GLU A 397 -1.26 -7.62 -40.19
C GLU A 397 -2.04 -8.72 -40.88
N ILE A 398 -1.98 -8.75 -42.21
CA ILE A 398 -2.65 -9.77 -43.02
C ILE A 398 -1.61 -10.36 -43.96
N HIS A 399 -1.40 -11.67 -43.84
CA HIS A 399 -0.39 -12.35 -44.65
C HIS A 399 -0.94 -12.89 -45.96
N GLU A 400 -2.25 -12.96 -46.12
CA GLU A 400 -2.83 -13.59 -47.30
C GLU A 400 -2.51 -12.77 -48.55
N PRO A 401 -2.24 -13.41 -49.68
CA PRO A 401 -2.08 -12.66 -50.93
C PRO A 401 -3.41 -12.06 -51.38
N GLU A 402 -3.31 -10.93 -52.07
CA GLU A 402 -4.43 -10.11 -52.53
C GLU A 402 -5.04 -9.31 -51.38
N CYS A 403 -4.54 -9.47 -50.16
CA CYS A 403 -5.03 -8.71 -49.01
C CYS A 403 -3.90 -8.18 -48.14
N ARG A 404 -2.67 -8.19 -48.64
CA ARG A 404 -1.55 -7.67 -47.86
C ARG A 404 -1.50 -6.16 -47.84
N HIS A 405 -1.90 -5.50 -48.94
CA HIS A 405 -1.75 -4.05 -49.03
C HIS A 405 -2.69 -3.30 -48.09
N LEU A 406 -3.69 -3.96 -47.52
CA LEU A 406 -4.55 -3.32 -46.54
C LEU A 406 -3.92 -3.24 -45.17
N SER A 407 -2.80 -3.94 -44.96
CA SER A 407 -2.18 -4.00 -43.65
C SER A 407 -1.32 -2.75 -43.41
N ARG A 408 -0.79 -2.66 -42.20
CA ARG A 408 0.16 -1.62 -41.83
C ARG A 408 1.43 -2.20 -41.23
N LYS A 409 1.33 -3.31 -40.50
CA LYS A 409 2.48 -3.98 -39.89
C LYS A 409 2.96 -5.05 -40.87
N PHE A 410 4.06 -4.78 -41.54
CA PHE A 410 4.64 -5.69 -42.52
C PHE A 410 5.98 -6.21 -42.02
N THR A 411 6.13 -7.54 -42.00
CA THR A 411 7.37 -8.12 -41.53
C THR A 411 8.49 -7.83 -42.53
N GLU A 412 9.72 -8.01 -42.07
CA GLU A 412 10.92 -7.79 -42.88
C GLU A 412 11.86 -8.95 -42.60
N TRP A 413 13.13 -8.81 -42.97
CA TRP A 413 14.08 -9.89 -42.80
C TRP A 413 13.98 -10.48 -41.41
N ALA A 414 13.57 -11.75 -41.34
CA ALA A 414 13.31 -12.44 -40.08
C ALA A 414 13.92 -13.83 -40.14
N TYR A 415 15.18 -13.90 -40.56
CA TYR A 415 15.82 -15.20 -40.75
C TYR A 415 15.79 -16.04 -39.48
N GLY A 416 15.93 -15.40 -38.32
CA GLY A 416 16.04 -16.12 -37.08
C GLY A 416 15.16 -15.54 -35.99
N PRO A 417 15.64 -15.54 -34.74
CA PRO A 417 14.81 -15.08 -33.62
C PRO A 417 14.61 -13.58 -33.58
N VAL A 418 15.18 -12.82 -34.50
CA VAL A 418 15.07 -11.36 -34.53
C VAL A 418 14.34 -10.95 -35.80
N HIS A 419 13.29 -10.16 -35.63
CA HIS A 419 12.52 -9.67 -36.77
C HIS A 419 12.25 -8.18 -36.61
N SER A 420 12.22 -7.48 -37.74
CA SER A 420 11.95 -6.05 -37.80
C SER A 420 10.62 -5.84 -38.50
N SER A 421 9.71 -5.13 -37.85
CA SER A 421 8.41 -4.81 -38.40
C SER A 421 8.39 -3.39 -38.94
N LEU A 422 7.81 -3.24 -40.13
CA LEU A 422 7.53 -1.93 -40.73
C LEU A 422 6.11 -1.57 -40.34
N TYR A 423 5.98 -0.59 -39.45
CA TYR A 423 4.68 -0.01 -39.11
C TYR A 423 4.42 1.14 -40.08
N ASP A 424 3.32 1.07 -40.80
CA ASP A 424 3.00 2.13 -41.74
C ASP A 424 2.63 3.40 -40.98
N LEU A 425 3.20 4.53 -41.40
CA LEU A 425 2.94 5.82 -40.81
C LEU A 425 2.01 6.67 -41.68
N SER A 426 1.29 6.02 -42.59
CA SER A 426 0.33 6.74 -43.41
C SER A 426 -0.70 7.42 -42.53
N CYS A 427 -0.69 8.75 -42.52
CA CYS A 427 -1.62 9.55 -41.72
C CYS A 427 -1.50 9.25 -40.23
N ILE A 428 -0.29 8.92 -39.77
CA ILE A 428 -0.03 8.69 -38.36
C ILE A 428 0.88 9.81 -37.85
N ASP A 429 1.66 10.41 -38.76
CA ASP A 429 2.50 11.55 -38.42
C ASP A 429 2.01 12.84 -39.07
N THR A 430 1.71 12.80 -40.37
CA THR A 430 1.16 13.96 -41.06
C THR A 430 0.36 13.46 -42.26
N CYS A 431 -0.97 13.51 -42.15
CA CYS A 431 -1.85 13.11 -43.23
C CYS A 431 -2.16 14.26 -44.19
N GLU A 432 -1.78 15.48 -43.85
CA GLU A 432 -2.04 16.72 -44.56
C GLU A 432 -3.49 17.17 -44.37
N LYS A 433 -4.36 16.34 -43.78
CA LYS A 433 -5.71 16.74 -43.44
C LYS A 433 -5.93 16.72 -41.93
N ASN A 434 -5.69 15.59 -41.27
CA ASN A 434 -5.67 15.51 -39.81
C ASN A 434 -5.05 14.18 -39.41
N SER A 435 -3.89 14.23 -38.76
CA SER A 435 -3.16 13.01 -38.45
C SER A 435 -3.61 12.44 -37.11
N VAL A 436 -3.29 11.16 -36.90
CA VAL A 436 -3.67 10.49 -35.66
C VAL A 436 -3.02 11.17 -34.48
N LEU A 437 -1.74 11.51 -34.60
CA LEU A 437 -1.04 12.17 -33.50
C LEU A 437 -1.66 13.52 -33.17
N GLU A 438 -2.03 14.30 -34.19
CA GLU A 438 -2.67 15.57 -33.96
C GLU A 438 -4.00 15.39 -33.23
N VAL A 439 -4.80 14.41 -33.66
CA VAL A 439 -6.10 14.19 -33.03
C VAL A 439 -5.92 13.78 -31.57
N ILE A 440 -4.97 12.88 -31.31
CA ILE A 440 -4.76 12.40 -29.94
C ILE A 440 -4.25 13.54 -29.05
N ALA A 441 -3.27 14.30 -29.54
CA ALA A 441 -2.65 15.33 -28.70
C ALA A 441 -3.54 16.55 -28.55
N TYR A 442 -4.25 16.91 -29.62
CA TYR A 442 -5.10 18.11 -29.63
C TYR A 442 -6.58 17.76 -29.49
N SER A 443 -6.90 16.75 -28.70
CA SER A 443 -8.29 16.34 -28.50
C SER A 443 -9.05 17.41 -27.73
N SER A 444 -10.34 17.17 -27.48
CA SER A 444 -11.19 18.11 -26.77
C SER A 444 -11.15 17.92 -25.26
N SER A 445 -10.34 17.00 -24.76
CA SER A 445 -10.14 16.72 -23.34
C SER A 445 -11.27 15.89 -22.75
N GLU A 446 -12.31 15.55 -23.51
CA GLU A 446 -13.40 14.72 -23.03
C GLU A 446 -13.30 13.28 -23.52
N THR A 447 -12.31 12.96 -24.35
CA THR A 447 -12.15 11.60 -24.83
C THR A 447 -11.90 10.67 -23.65
N PRO A 448 -12.60 9.53 -23.56
CA PRO A 448 -12.47 8.69 -22.35
C PRO A 448 -11.03 8.25 -22.07
N ASN A 449 -10.25 7.93 -23.09
CA ASN A 449 -8.94 7.32 -22.92
C ASN A 449 -7.90 8.00 -23.80
N ARG A 450 -7.86 9.34 -23.76
CA ARG A 450 -6.88 10.06 -24.54
C ARG A 450 -5.46 9.77 -24.06
N HIS A 451 -5.28 9.54 -22.76
CA HIS A 451 -3.94 9.29 -22.23
C HIS A 451 -3.42 7.93 -22.67
N ASP A 452 -4.25 6.89 -22.56
CA ASP A 452 -3.78 5.52 -22.80
C ASP A 452 -3.48 5.26 -24.25
N MET A 453 -4.14 5.95 -25.19
CA MET A 453 -4.00 5.62 -26.60
C MET A 453 -2.55 5.73 -27.05
N LEU A 454 -1.80 6.68 -26.50
CA LEU A 454 -0.41 6.87 -26.93
C LEU A 454 0.51 5.74 -26.50
N LEU A 455 0.05 4.84 -25.64
CA LEU A 455 0.85 3.67 -25.30
C LEU A 455 0.93 2.67 -26.45
N VAL A 456 0.15 2.87 -27.51
CA VAL A 456 0.22 1.98 -28.66
C VAL A 456 1.65 1.94 -29.19
N GLU A 457 2.11 0.74 -29.53
CA GLU A 457 3.50 0.47 -29.88
C GLU A 457 4.01 1.45 -30.92
N PRO A 458 3.45 1.46 -32.14
CA PRO A 458 3.99 2.37 -33.16
C PRO A 458 3.96 3.83 -32.76
N LEU A 459 2.88 4.30 -32.13
CA LEU A 459 2.79 5.71 -31.76
C LEU A 459 3.82 6.07 -30.70
N ASN A 460 3.95 5.23 -29.68
CA ASN A 460 4.91 5.50 -28.61
C ASN A 460 6.33 5.53 -29.17
N ARG A 461 6.68 4.55 -30.01
CA ARG A 461 8.03 4.54 -30.58
C ARG A 461 8.25 5.73 -31.51
N LEU A 462 7.24 6.10 -32.29
CA LEU A 462 7.38 7.24 -33.19
C LEU A 462 7.64 8.51 -32.41
N LEU A 463 6.87 8.74 -31.34
CA LEU A 463 7.07 9.94 -30.55
C LEU A 463 8.43 9.93 -29.85
N GLN A 464 8.83 8.77 -29.33
CA GLN A 464 10.13 8.70 -28.66
C GLN A 464 11.26 8.95 -29.65
N ASP A 465 11.15 8.42 -30.86
CA ASP A 465 12.16 8.66 -31.89
C ASP A 465 12.20 10.14 -32.26
N LYS A 466 11.03 10.77 -32.41
CA LYS A 466 11.00 12.20 -32.68
C LYS A 466 11.71 12.97 -31.58
N TRP A 467 11.45 12.61 -30.32
CA TRP A 467 12.11 13.28 -29.21
C TRP A 467 13.62 13.09 -29.25
N ASP A 468 14.06 11.87 -29.53
CA ASP A 468 15.48 11.54 -29.47
C ASP A 468 16.25 11.99 -30.71
N ARG A 469 15.57 12.39 -31.78
CA ARG A 469 16.26 12.73 -33.02
C ARG A 469 16.59 14.21 -33.09
N PHE A 470 15.57 15.07 -33.10
CA PHE A 470 15.76 16.50 -33.22
C PHE A 470 15.01 17.32 -32.19
N VAL A 471 13.86 16.84 -31.71
CA VAL A 471 13.05 17.67 -30.80
C VAL A 471 13.77 17.91 -29.50
N LYS A 472 14.63 16.98 -29.07
CA LYS A 472 15.31 17.15 -27.79
C LYS A 472 16.19 18.40 -27.81
N ARG A 473 16.96 18.58 -28.88
CA ARG A 473 17.85 19.73 -28.95
C ARG A 473 17.06 21.04 -28.93
N ILE A 474 15.98 21.12 -29.71
CA ILE A 474 15.20 22.34 -29.78
C ILE A 474 14.54 22.63 -28.44
N PHE A 475 14.01 21.60 -27.79
CA PHE A 475 13.35 21.80 -26.49
C PHE A 475 14.36 22.26 -25.45
N TYR A 476 15.56 21.67 -25.44
CA TYR A 476 16.57 22.12 -24.49
C TYR A 476 17.02 23.54 -24.78
N PHE A 477 17.13 23.89 -26.06
CA PHE A 477 17.46 25.27 -26.40
C PHE A 477 16.39 26.23 -25.91
N ASN A 478 15.11 25.86 -26.05
CA ASN A 478 14.03 26.69 -25.54
C ASN A 478 14.11 26.80 -24.02
N PHE A 479 14.44 25.71 -23.34
CA PHE A 479 14.58 25.73 -21.89
C PHE A 479 15.68 26.71 -21.49
N PHE A 480 16.83 26.64 -22.15
CA PHE A 480 17.93 27.55 -21.84
C PHE A 480 17.54 28.99 -22.13
N VAL A 481 16.84 29.23 -23.24
CA VAL A 481 16.42 30.58 -23.58
C VAL A 481 15.47 31.13 -22.52
N TYR A 482 14.54 30.29 -22.05
CA TYR A 482 13.62 30.72 -21.00
C TYR A 482 14.38 31.05 -19.72
N CYS A 483 15.36 30.22 -19.36
CA CYS A 483 16.15 30.49 -18.16
C CYS A 483 16.90 31.82 -18.30
N LEU A 484 17.51 32.04 -19.46
CA LEU A 484 18.23 33.29 -19.69
C LEU A 484 17.29 34.48 -19.59
N TYR A 485 16.14 34.40 -20.25
CA TYR A 485 15.17 35.50 -20.21
C TYR A 485 14.71 35.77 -18.79
N MET A 486 14.47 34.72 -18.01
CA MET A 486 13.90 34.93 -16.69
C MET A 486 14.96 35.44 -15.71
N ILE A 487 16.22 35.03 -15.89
CA ILE A 487 17.29 35.63 -15.11
C ILE A 487 17.43 37.10 -15.46
N ILE A 488 17.28 37.43 -16.75
CA ILE A 488 17.31 38.83 -17.15
C ILE A 488 16.19 39.61 -16.48
N PHE A 489 14.99 39.03 -16.46
CA PHE A 489 13.86 39.68 -15.80
C PHE A 489 14.12 39.87 -14.32
N THR A 490 14.65 38.85 -13.65
CA THR A 490 14.91 38.96 -12.22
C THR A 490 15.94 40.05 -11.94
N ALA A 491 17.01 40.11 -12.73
CA ALA A 491 18.01 41.15 -12.55
C ALA A 491 17.42 42.53 -12.79
N ALA A 492 16.59 42.68 -13.83
CA ALA A 492 16.03 43.98 -14.15
C ALA A 492 15.05 44.44 -13.08
N ALA A 493 14.21 43.54 -12.59
CA ALA A 493 13.21 43.91 -11.59
C ALA A 493 13.86 44.17 -10.24
N TYR A 494 14.79 43.32 -9.82
CA TYR A 494 15.40 43.47 -8.52
C TYR A 494 16.08 44.83 -8.38
N TYR A 495 16.76 45.28 -9.43
CA TYR A 495 17.50 46.53 -9.40
C TYR A 495 16.65 47.73 -9.79
N ARG A 496 15.33 47.63 -9.66
CA ARG A 496 14.47 48.75 -9.97
C ARG A 496 14.73 49.90 -9.00
N PRO A 497 14.69 51.15 -9.46
CA PRO A 497 14.92 52.27 -8.55
C PRO A 497 13.74 52.49 -7.62
N VAL A 498 14.05 52.97 -6.40
CA VAL A 498 13.02 53.22 -5.41
C VAL A 498 12.34 54.57 -5.61
N GLU A 499 12.89 55.43 -6.46
CA GLU A 499 12.33 56.76 -6.64
C GLU A 499 10.88 56.69 -7.10
N GLY A 500 10.20 57.83 -6.98
CA GLY A 500 8.83 57.95 -7.44
C GLY A 500 8.79 58.15 -8.95
N LEU A 501 7.63 58.61 -9.42
CA LEU A 501 7.45 58.79 -10.85
C LEU A 501 7.77 57.49 -11.58
N PRO A 502 6.89 56.49 -11.51
CA PRO A 502 7.19 55.17 -12.07
C PRO A 502 7.91 55.26 -13.40
N PRO A 503 7.49 56.16 -14.31
CA PRO A 503 8.32 56.38 -15.50
C PRO A 503 9.61 57.10 -15.13
N TYR A 504 10.72 56.35 -15.12
CA TYR A 504 12.00 56.85 -14.65
C TYR A 504 12.84 57.32 -15.81
N LYS A 505 13.40 58.53 -15.70
CA LYS A 505 14.29 59.03 -16.72
C LYS A 505 15.54 58.16 -16.79
N LEU A 506 16.05 57.95 -18.00
CA LEU A 506 17.22 57.10 -18.22
C LEU A 506 18.48 57.95 -18.04
N LYS A 507 19.01 57.95 -16.83
CA LYS A 507 20.25 58.67 -16.56
C LYS A 507 21.41 58.01 -17.29
N ASN A 508 22.36 58.82 -17.74
CA ASN A 508 23.49 58.31 -18.50
C ASN A 508 24.43 57.53 -17.60
N THR A 509 24.25 56.21 -17.54
CA THR A 509 25.08 55.35 -16.71
C THR A 509 25.03 53.94 -17.27
N VAL A 510 26.16 53.25 -17.22
CA VAL A 510 26.24 51.90 -17.80
C VAL A 510 25.27 50.97 -17.09
N GLY A 511 25.21 51.04 -15.75
CA GLY A 511 24.27 50.20 -15.01
C GLY A 511 22.82 50.49 -15.38
N ASP A 512 22.49 51.78 -15.51
CA ASP A 512 21.14 52.14 -15.92
C ASP A 512 20.83 51.62 -17.33
N TYR A 513 21.83 51.69 -18.22
CA TYR A 513 21.63 51.16 -19.57
C TYR A 513 21.38 49.66 -19.53
N PHE A 514 22.14 48.93 -18.70
CA PHE A 514 21.90 47.49 -18.56
C PHE A 514 20.50 47.23 -18.03
N ARG A 515 20.06 48.00 -17.04
CA ARG A 515 18.72 47.81 -16.49
C ARG A 515 17.65 48.07 -17.53
N VAL A 516 17.84 49.12 -18.34
CA VAL A 516 16.86 49.43 -19.38
C VAL A 516 16.83 48.32 -20.41
N THR A 517 18.01 47.79 -20.79
CA THR A 517 18.04 46.68 -21.74
C THR A 517 17.32 45.46 -21.17
N GLY A 518 17.54 45.16 -19.90
CA GLY A 518 16.85 44.04 -19.28
C GLY A 518 15.35 44.23 -19.25
N GLU A 519 14.90 45.45 -18.93
CA GLU A 519 13.47 45.73 -18.93
C GLU A 519 12.88 45.58 -20.32
N ILE A 520 13.59 46.07 -21.35
CA ILE A 520 13.11 45.94 -22.72
C ILE A 520 13.00 44.48 -23.11
N LEU A 521 14.02 43.68 -22.76
CA LEU A 521 13.97 42.26 -23.06
C LEU A 521 12.81 41.58 -22.34
N SER A 522 12.58 41.94 -21.08
CA SER A 522 11.49 41.34 -20.33
C SER A 522 10.14 41.68 -20.96
N VAL A 523 9.96 42.95 -21.36
CA VAL A 523 8.69 43.35 -21.96
C VAL A 523 8.50 42.68 -23.31
N SER A 524 9.57 42.52 -24.08
CA SER A 524 9.48 41.81 -25.35
C SER A 524 9.07 40.36 -25.13
N GLY A 525 9.67 39.71 -24.13
CA GLY A 525 9.28 38.35 -23.82
C GLY A 525 7.83 38.24 -23.37
N GLY A 526 7.38 39.21 -22.57
CA GLY A 526 5.99 39.21 -22.16
C GLY A 526 5.03 39.39 -23.33
N VAL A 527 5.37 40.28 -24.27
CA VAL A 527 4.55 40.45 -25.45
C VAL A 527 4.53 39.17 -26.28
N TYR A 528 5.69 38.53 -26.42
CA TYR A 528 5.76 37.28 -27.16
C TYR A 528 4.88 36.21 -26.52
N PHE A 529 4.91 36.11 -25.19
CA PHE A 529 4.08 35.11 -24.52
C PHE A 529 2.60 35.45 -24.63
N PHE A 530 2.26 36.74 -24.58
CA PHE A 530 0.87 37.15 -24.79
C PHE A 530 0.39 36.73 -26.19
N PHE A 531 1.22 36.97 -27.20
CA PHE A 531 0.85 36.59 -28.56
C PHE A 531 0.80 35.08 -28.71
N ARG A 532 1.67 34.35 -28.01
CA ARG A 532 1.60 32.89 -28.01
C ARG A 532 0.28 32.41 -27.41
N GLY A 533 -0.14 33.00 -26.30
CA GLY A 533 -1.42 32.62 -25.71
C GLY A 533 -2.57 32.90 -26.64
N ILE A 534 -2.57 34.08 -27.28
CA ILE A 534 -3.64 34.41 -28.21
C ILE A 534 -3.64 33.45 -29.38
N GLN A 535 -2.45 33.13 -29.92
CA GLN A 535 -2.35 32.21 -31.04
C GLN A 535 -2.86 30.83 -30.67
N TYR A 536 -2.52 30.34 -29.46
CA TYR A 536 -2.99 29.03 -29.05
C TYR A 536 -4.50 29.02 -28.86
N PHE A 537 -5.05 30.11 -28.31
CA PHE A 537 -6.50 30.18 -28.15
C PHE A 537 -7.21 30.22 -29.50
N LEU A 538 -6.61 30.88 -30.49
CA LEU A 538 -7.26 31.00 -31.80
C LEU A 538 -7.09 29.74 -32.65
N GLN A 539 -5.95 29.05 -32.54
CA GLN A 539 -5.69 27.91 -33.41
C GLN A 539 -6.36 26.65 -32.88
N ARG A 540 -5.97 26.21 -31.68
CA ARG A 540 -6.55 24.99 -31.11
C ARG A 540 -8.06 25.11 -30.95
N ARG A 541 -8.58 26.32 -30.84
CA ARG A 541 -10.01 26.54 -30.64
C ARG A 541 -10.50 25.67 -29.48
N PRO A 542 -10.08 25.95 -28.26
CA PRO A 542 -10.60 25.20 -27.11
C PRO A 542 -12.11 25.38 -26.99
N SER A 543 -12.76 24.37 -26.42
CA SER A 543 -14.21 24.33 -26.34
C SER A 543 -14.80 25.30 -25.33
N LEU A 544 -14.01 26.22 -24.79
CA LEU A 544 -14.38 27.16 -23.72
C LEU A 544 -14.43 26.45 -22.38
N LYS A 545 -14.23 25.13 -22.34
CA LYS A 545 -14.15 24.37 -21.11
C LYS A 545 -12.82 23.65 -20.96
N SER A 546 -12.12 23.39 -22.06
CA SER A 546 -10.81 22.74 -21.98
C SER A 546 -9.72 23.69 -21.51
N LEU A 547 -10.01 25.00 -21.44
CA LEU A 547 -9.01 25.96 -21.00
C LEU A 547 -8.58 25.67 -19.56
N PHE A 548 -9.55 25.43 -18.68
CA PHE A 548 -9.27 25.16 -17.28
C PHE A 548 -9.17 23.67 -16.97
N VAL A 549 -9.38 22.80 -17.95
CA VAL A 549 -9.48 21.36 -17.70
C VAL A 549 -8.14 20.69 -17.98
N ASP A 550 -7.65 20.81 -19.21
CA ASP A 550 -6.42 20.12 -19.61
C ASP A 550 -5.34 21.05 -20.14
N SER A 551 -5.57 22.35 -20.17
CA SER A 551 -4.57 23.32 -20.63
C SER A 551 -4.29 24.30 -19.50
N TYR A 552 -3.39 23.92 -18.60
CA TYR A 552 -2.97 24.79 -17.51
C TYR A 552 -1.70 25.55 -17.86
N SER A 553 -0.74 24.89 -18.51
CA SER A 553 0.51 25.55 -18.85
C SER A 553 0.27 26.79 -19.70
N GLU A 554 -0.50 26.65 -20.79
CA GLU A 554 -0.79 27.79 -21.63
C GLU A 554 -1.54 28.87 -20.86
N ILE A 555 -2.47 28.46 -19.99
CA ILE A 555 -3.22 29.44 -19.21
C ILE A 555 -2.29 30.20 -18.27
N LEU A 556 -1.40 29.50 -17.59
CA LEU A 556 -0.48 30.15 -16.67
C LEU A 556 0.44 31.11 -17.42
N PHE A 557 0.97 30.67 -18.56
CA PHE A 557 1.85 31.53 -19.34
C PHE A 557 1.11 32.78 -19.83
N PHE A 558 -0.13 32.61 -20.30
CA PHE A 558 -0.93 33.74 -20.76
C PHE A 558 -1.23 34.71 -19.62
N VAL A 559 -1.56 34.20 -18.43
CA VAL A 559 -1.83 35.08 -17.30
C VAL A 559 -0.56 35.81 -16.84
N GLN A 560 0.60 35.14 -16.87
CA GLN A 560 1.85 35.82 -16.58
C GLN A 560 2.11 36.94 -17.59
N SER A 561 1.83 36.66 -18.87
CA SER A 561 1.97 37.71 -19.89
C SER A 561 1.02 38.86 -19.62
N LEU A 562 -0.21 38.57 -19.20
CA LEU A 562 -1.15 39.63 -18.85
C LEU A 562 -0.61 40.47 -17.70
N PHE A 563 -0.03 39.81 -16.69
CA PHE A 563 0.56 40.55 -15.57
C PHE A 563 1.69 41.45 -16.04
N MET A 564 2.54 40.94 -16.92
CA MET A 564 3.63 41.77 -17.46
C MET A 564 3.07 42.97 -18.22
N LEU A 565 2.05 42.75 -19.04
CA LEU A 565 1.51 43.84 -19.84
C LEU A 565 0.84 44.89 -18.96
N VAL A 566 0.11 44.45 -17.93
CA VAL A 566 -0.49 45.41 -17.00
C VAL A 566 0.60 46.16 -16.25
N SER A 567 1.70 45.48 -15.92
CA SER A 567 2.81 46.16 -15.26
C SER A 567 3.40 47.24 -16.16
N VAL A 568 3.56 46.94 -17.45
CA VAL A 568 4.08 47.94 -18.37
C VAL A 568 3.10 49.11 -18.49
N VAL A 569 1.81 48.81 -18.58
CA VAL A 569 0.81 49.87 -18.70
C VAL A 569 0.84 50.78 -17.48
N LEU A 570 0.94 50.19 -16.28
CA LEU A 570 1.00 51.00 -15.07
C LEU A 570 2.31 51.78 -15.00
N TYR A 571 3.40 51.20 -15.48
CA TYR A 571 4.68 51.90 -15.52
C TYR A 571 4.58 53.16 -16.38
N PHE A 572 3.93 53.04 -17.54
CA PHE A 572 3.75 54.18 -18.43
C PHE A 572 2.53 55.03 -18.07
N SER A 573 1.77 54.65 -17.03
CA SER A 573 0.59 55.38 -16.61
C SER A 573 0.81 56.17 -15.32
N GLN A 574 2.07 56.37 -14.94
CA GLN A 574 2.41 57.13 -13.73
C GLN A 574 1.79 56.51 -12.48
N ARG A 575 1.64 55.19 -12.47
CA ARG A 575 1.10 54.46 -11.34
C ARG A 575 2.21 53.60 -10.72
N LYS A 576 2.42 53.77 -9.42
CA LYS A 576 3.39 52.96 -8.70
C LYS A 576 2.85 51.59 -8.33
N GLU A 577 1.64 51.24 -8.76
CA GLU A 577 1.10 49.91 -8.53
C GLU A 577 1.64 48.89 -9.51
N TYR A 578 2.43 49.32 -10.51
CA TYR A 578 2.97 48.37 -11.48
C TYR A 578 3.81 47.30 -10.79
N VAL A 579 4.49 47.66 -9.70
CA VAL A 579 5.23 46.65 -8.94
C VAL A 579 4.29 45.53 -8.52
N ALA A 580 3.14 45.89 -7.96
CA ALA A 580 2.16 44.89 -7.53
C ALA A 580 1.80 43.93 -8.65
N SER A 581 1.85 44.39 -9.91
CA SER A 581 1.68 43.49 -11.04
C SER A 581 2.99 42.82 -11.44
N MET A 582 4.06 43.60 -11.55
CA MET A 582 5.32 43.03 -12.01
C MET A 582 5.76 41.88 -11.12
N VAL A 583 5.74 42.09 -9.81
CA VAL A 583 6.19 41.06 -8.88
C VAL A 583 5.34 39.80 -9.00
N PHE A 584 4.10 39.93 -9.48
CA PHE A 584 3.26 38.75 -9.66
C PHE A 584 3.63 37.94 -10.89
N SER A 585 4.21 38.59 -11.91
CA SER A 585 4.68 37.85 -13.08
C SER A 585 6.07 37.26 -12.88
N LEU A 586 6.79 37.71 -11.85
CA LEU A 586 8.11 37.16 -11.55
C LEU A 586 7.99 35.85 -10.78
N ALA A 587 7.45 35.90 -9.56
CA ALA A 587 7.28 34.68 -8.78
C ALA A 587 6.53 33.62 -9.57
N MET A 588 5.28 33.92 -9.96
CA MET A 588 4.53 33.00 -10.80
C MET A 588 5.36 32.53 -11.97
N GLY A 589 6.15 33.42 -12.57
CA GLY A 589 6.95 33.03 -13.71
C GLY A 589 7.88 31.88 -13.40
N TRP A 590 8.59 31.97 -12.27
CA TRP A 590 9.49 30.90 -11.89
C TRP A 590 8.73 29.59 -11.70
N THR A 591 7.49 29.66 -11.24
CA THR A 591 6.69 28.44 -11.11
C THR A 591 6.49 27.78 -12.47
N ASN A 592 6.25 28.58 -13.51
CA ASN A 592 6.11 28.03 -14.84
C ASN A 592 7.39 27.33 -15.31
N MET A 593 8.52 27.59 -14.66
CA MET A 593 9.73 26.83 -14.97
C MET A 593 9.51 25.33 -14.79
N LEU A 594 8.46 24.92 -14.10
CA LEU A 594 8.07 23.52 -14.05
C LEU A 594 7.56 23.01 -15.39
N TYR A 595 7.13 23.90 -16.28
CA TYR A 595 6.63 23.49 -17.59
C TYR A 595 7.72 22.88 -18.46
N TYR A 596 8.97 23.29 -18.27
CA TYR A 596 10.08 22.73 -19.02
C TYR A 596 10.61 21.44 -18.42
N THR A 597 9.91 20.89 -17.43
CA THR A 597 10.24 19.60 -16.86
C THR A 597 9.55 18.45 -17.59
N ARG A 598 8.68 18.75 -18.56
CA ARG A 598 7.98 17.71 -19.30
C ARG A 598 8.95 16.82 -20.06
N GLY A 599 10.14 17.31 -20.39
CA GLY A 599 11.07 16.57 -21.22
C GLY A 599 11.86 15.51 -20.47
N PHE A 600 11.92 15.63 -19.16
CA PHE A 600 12.64 14.68 -18.32
C PHE A 600 11.63 13.75 -17.66
N GLN A 601 11.85 12.43 -17.80
CA GLN A 601 10.84 11.46 -17.40
C GLN A 601 10.52 11.59 -15.91
N GLN A 602 11.55 11.54 -15.06
CA GLN A 602 11.31 11.60 -13.62
C GLN A 602 10.74 12.94 -13.21
N MET A 603 11.34 14.03 -13.69
CA MET A 603 10.84 15.36 -13.32
C MET A 603 9.48 15.63 -13.93
N GLY A 604 9.23 15.14 -15.15
CA GLY A 604 7.91 15.28 -15.73
C GLY A 604 6.84 14.55 -14.94
N ILE A 605 7.16 13.33 -14.49
CA ILE A 605 6.22 12.58 -13.66
C ILE A 605 6.00 13.29 -12.34
N TYR A 606 7.06 13.89 -11.78
CA TYR A 606 6.91 14.68 -10.56
C TYR A 606 5.97 15.86 -10.79
N ALA A 607 6.13 16.55 -11.92
CA ALA A 607 5.24 17.68 -12.22
C ALA A 607 3.80 17.22 -12.40
N VAL A 608 3.61 16.07 -13.03
CA VAL A 608 2.25 15.55 -13.21
C VAL A 608 1.64 15.21 -11.85
N MET A 609 2.42 14.60 -10.96
CA MET A 609 1.93 14.36 -9.61
C MET A 609 1.56 15.66 -8.92
N ILE A 610 2.38 16.70 -9.10
CA ILE A 610 2.07 18.00 -8.50
C ILE A 610 0.74 18.52 -9.03
N GLU A 611 0.54 18.41 -10.34
CA GLU A 611 -0.71 18.86 -10.95
C GLU A 611 -1.90 18.13 -10.35
N LYS A 612 -1.84 16.80 -10.31
CA LYS A 612 -2.97 16.01 -9.82
C LYS A 612 -3.24 16.31 -8.35
N MET A 613 -2.19 16.38 -7.53
CA MET A 613 -2.37 16.63 -6.11
C MET A 613 -3.02 17.99 -5.88
N ILE A 614 -2.49 19.03 -6.53
CA ILE A 614 -3.07 20.36 -6.38
C ILE A 614 -4.52 20.35 -6.84
N LEU A 615 -4.81 19.63 -7.94
CA LEU A 615 -6.17 19.62 -8.46
C LEU A 615 -7.14 19.03 -7.46
N ARG A 616 -6.84 17.84 -6.93
CA ARG A 616 -7.80 17.12 -6.10
C ARG A 616 -7.58 17.34 -4.61
N ASP A 617 -6.43 16.89 -4.09
CA ASP A 617 -6.28 16.81 -2.65
C ASP A 617 -6.05 18.18 -2.03
N LEU A 618 -5.19 18.99 -2.65
CA LEU A 618 -4.95 20.32 -2.11
C LEU A 618 -6.22 21.16 -2.18
N CYS A 619 -7.01 20.98 -3.23
CA CYS A 619 -8.26 21.72 -3.36
C CYS A 619 -9.25 21.34 -2.25
N ARG A 620 -9.47 20.04 -2.06
CA ARG A 620 -10.41 19.61 -1.01
C ARG A 620 -9.92 20.06 0.36
N PHE A 621 -8.62 19.90 0.63
CA PHE A 621 -8.08 20.30 1.92
C PHE A 621 -8.24 21.80 2.13
N MET A 622 -8.00 22.59 1.09
CA MET A 622 -8.16 24.04 1.23
C MET A 622 -9.60 24.41 1.50
N PHE A 623 -10.54 23.76 0.81
CA PHE A 623 -11.95 23.99 1.10
C PHE A 623 -12.24 23.78 2.58
N VAL A 624 -11.92 22.58 3.09
CA VAL A 624 -12.29 22.26 4.47
C VAL A 624 -11.52 23.14 5.45
N TYR A 625 -10.24 23.38 5.18
CA TYR A 625 -9.42 24.15 6.11
C TYR A 625 -9.85 25.61 6.15
N LEU A 626 -10.23 26.16 5.00
CA LEU A 626 -10.77 27.52 5.00
C LEU A 626 -12.08 27.57 5.78
N VAL A 627 -12.93 26.56 5.62
CA VAL A 627 -14.15 26.51 6.43
C VAL A 627 -13.79 26.62 7.91
N PHE A 628 -12.93 25.70 8.37
CA PHE A 628 -12.57 25.66 9.79
C PHE A 628 -11.93 26.97 10.24
N LEU A 629 -10.97 27.47 9.45
CA LEU A 629 -10.22 28.65 9.84
C LEU A 629 -11.12 29.88 9.91
N PHE A 630 -11.99 30.06 8.93
CA PHE A 630 -12.91 31.19 8.98
C PHE A 630 -13.83 31.07 10.20
N GLY A 631 -14.35 29.88 10.46
CA GLY A 631 -15.24 29.73 11.60
C GLY A 631 -14.56 30.07 12.91
N PHE A 632 -13.37 29.51 13.13
CA PHE A 632 -12.69 29.72 14.41
C PHE A 632 -12.11 31.12 14.52
N SER A 633 -11.65 31.72 13.42
CA SER A 633 -11.21 33.11 13.46
C SER A 633 -12.37 34.04 13.78
N THR A 634 -13.53 33.81 13.19
CA THR A 634 -14.70 34.60 13.54
C THR A 634 -15.06 34.43 15.01
N ALA A 635 -15.03 33.20 15.51
CA ALA A 635 -15.32 32.96 16.91
C ALA A 635 -14.34 33.72 17.82
N VAL A 636 -13.04 33.58 17.56
CA VAL A 636 -12.04 34.20 18.41
C VAL A 636 -12.14 35.71 18.35
N VAL A 637 -12.33 36.26 17.15
CA VAL A 637 -12.38 37.72 17.02
C VAL A 637 -13.64 38.28 17.65
N THR A 638 -14.75 37.53 17.62
CA THR A 638 -15.92 37.93 18.39
C THR A 638 -15.63 37.90 19.88
N LEU A 639 -14.88 36.90 20.34
CA LEU A 639 -14.51 36.80 21.74
C LEU A 639 -13.41 37.78 22.13
N ILE A 640 -12.52 38.14 21.20
CA ILE A 640 -11.40 39.02 21.50
C ILE A 640 -11.87 40.47 21.47
N GLU A 641 -11.57 41.20 22.54
CA GLU A 641 -11.76 42.64 22.63
C GLU A 641 -11.72 43.09 24.08
N SER A 667 -6.06 45.17 19.90
CA SER A 667 -5.40 45.33 18.61
C SER A 667 -5.63 44.12 17.72
N TYR A 668 -6.03 43.00 18.32
CA TYR A 668 -6.31 41.77 17.61
C TYR A 668 -7.80 41.59 17.34
N ASN A 669 -8.61 42.62 17.58
CA ASN A 669 -10.05 42.52 17.33
C ASN A 669 -10.38 42.49 15.84
N SER A 670 -9.41 42.70 14.97
CA SER A 670 -9.65 42.62 13.54
C SER A 670 -9.71 41.17 13.08
N LEU A 671 -10.55 40.91 12.08
CA LEU A 671 -10.69 39.57 11.53
C LEU A 671 -9.40 39.11 10.85
N TYR A 672 -8.73 40.02 10.15
CA TYR A 672 -7.52 39.66 9.41
C TYR A 672 -6.42 39.17 10.36
N SER A 673 -6.21 39.90 11.46
CA SER A 673 -5.15 39.52 12.40
C SER A 673 -5.44 38.17 13.03
N THR A 674 -6.69 37.94 13.42
CA THR A 674 -7.04 36.65 14.03
C THR A 674 -6.88 35.51 13.03
N CYS A 675 -7.30 35.72 11.78
CA CYS A 675 -7.11 34.70 10.77
C CYS A 675 -5.64 34.39 10.56
N LEU A 676 -4.79 35.42 10.50
CA LEU A 676 -3.36 35.18 10.34
C LEU A 676 -2.80 34.42 11.52
N GLU A 677 -3.20 34.79 12.74
CA GLU A 677 -2.69 34.10 13.92
C GLU A 677 -3.12 32.64 13.93
N LEU A 678 -4.36 32.36 13.50
CA LEU A 678 -4.82 30.97 13.45
C LEU A 678 -4.13 30.20 12.35
N PHE A 679 -3.85 30.84 11.20
CA PHE A 679 -3.14 30.17 10.13
C PHE A 679 -1.69 29.88 10.52
N LYS A 680 -1.11 30.70 11.39
CA LYS A 680 0.25 30.44 11.85
C LYS A 680 0.35 29.14 12.62
N PHE A 681 -0.77 28.59 13.09
CA PHE A 681 -0.75 27.28 13.73
C PHE A 681 -0.48 26.17 12.73
N THR A 682 -0.90 26.36 11.47
CA THR A 682 -0.67 25.34 10.45
C THR A 682 0.79 25.27 10.03
N ILE A 683 1.52 26.38 10.15
CA ILE A 683 2.95 26.40 9.86
C ILE A 683 3.70 26.25 11.18
N GLY A 684 3.02 25.77 12.21
CA GLY A 684 3.67 25.49 13.48
C GLY A 684 4.29 26.70 14.13
N MET A 685 3.57 27.83 14.15
CA MET A 685 4.05 29.05 14.79
C MET A 685 2.99 29.71 15.65
N GLY A 686 1.86 29.05 15.88
CA GLY A 686 0.82 29.64 16.70
C GLY A 686 1.33 29.91 18.11
N ASP A 687 1.07 31.12 18.60
CA ASP A 687 1.50 31.47 19.95
C ASP A 687 0.75 30.68 21.01
N LEU A 688 -0.55 30.49 20.82
CA LEU A 688 -1.47 29.85 21.75
C LEU A 688 -1.86 30.80 22.88
N GLU A 689 -1.17 31.94 23.05
CA GLU A 689 -1.53 32.95 24.02
C GLU A 689 -1.38 34.35 23.43
N PHE A 690 -1.62 34.48 22.12
CA PHE A 690 -1.25 35.68 21.39
C PHE A 690 -2.02 36.92 21.86
N THR A 691 -3.08 36.75 22.64
CA THR A 691 -3.85 37.88 23.14
C THR A 691 -4.23 37.63 24.60
N GLU A 692 -4.71 38.69 25.24
CA GLU A 692 -5.23 38.61 26.60
C GLU A 692 -6.52 39.42 26.76
N ASN A 693 -7.14 39.81 25.65
CA ASN A 693 -8.38 40.57 25.68
C ASN A 693 -9.62 39.70 25.67
N TYR A 694 -9.46 38.39 25.52
CA TYR A 694 -10.62 37.50 25.41
C TYR A 694 -11.58 37.69 26.58
N ASP A 695 -11.03 37.85 27.79
CA ASP A 695 -11.83 38.07 28.99
C ASP A 695 -12.50 36.79 29.47
N PHE A 696 -12.42 35.73 28.67
CA PHE A 696 -12.92 34.40 29.03
C PHE A 696 -11.82 33.42 28.63
N LYS A 697 -10.88 33.18 29.53
CA LYS A 697 -9.72 32.37 29.19
C LYS A 697 -10.13 30.96 28.82
N ALA A 698 -11.09 30.38 29.54
CA ALA A 698 -11.49 29.00 29.28
C ALA A 698 -12.02 28.85 27.85
N VAL A 699 -12.90 29.76 27.44
CA VAL A 699 -13.54 29.63 26.13
C VAL A 699 -12.52 29.79 25.01
N PHE A 700 -11.68 30.83 25.11
CA PHE A 700 -10.68 31.07 24.08
C PHE A 700 -9.69 29.92 24.00
N ILE A 701 -9.26 29.40 25.16
CA ILE A 701 -8.33 28.28 25.18
C ILE A 701 -8.96 27.05 24.55
N ILE A 702 -10.23 26.77 24.88
CA ILE A 702 -10.92 25.63 24.29
C ILE A 702 -11.00 25.80 22.79
N LEU A 703 -11.32 27.01 22.32
CA LEU A 703 -11.45 27.25 20.89
C LEU A 703 -10.12 26.98 20.18
N LEU A 704 -9.04 27.55 20.71
CA LEU A 704 -7.73 27.37 20.07
C LEU A 704 -7.33 25.90 20.08
N LEU A 705 -7.52 25.21 21.22
CA LEU A 705 -7.16 23.80 21.28
C LEU A 705 -7.96 22.98 20.27
N ALA A 706 -9.27 23.20 20.21
CA ALA A 706 -10.10 22.45 19.26
C ALA A 706 -9.67 22.71 17.84
N TYR A 707 -9.39 23.97 17.50
CA TYR A 707 -8.94 24.29 16.14
C TYR A 707 -7.63 23.58 15.84
N VAL A 708 -6.69 23.58 16.80
CA VAL A 708 -5.39 22.96 16.56
C VAL A 708 -5.55 21.46 16.32
N ILE A 709 -6.32 20.78 17.17
CA ILE A 709 -6.49 19.35 17.00
C ILE A 709 -7.22 19.03 15.70
N LEU A 710 -8.21 19.87 15.33
CA LEU A 710 -8.99 19.57 14.13
C LEU A 710 -8.18 19.78 12.87
N THR A 711 -7.42 20.87 12.78
CA THR A 711 -6.71 21.23 11.56
C THR A 711 -5.28 20.72 11.54
N TYR A 712 -4.45 21.18 12.48
CA TYR A 712 -3.03 20.85 12.43
C TYR A 712 -2.80 19.36 12.61
N ILE A 713 -3.34 18.78 13.69
CA ILE A 713 -3.06 17.38 13.98
C ILE A 713 -3.76 16.47 12.99
N LEU A 714 -5.02 16.74 12.68
CA LEU A 714 -5.84 15.83 11.88
C LEU A 714 -5.78 16.19 10.40
N LEU A 715 -6.18 17.42 10.06
CA LEU A 715 -6.39 17.77 8.66
C LEU A 715 -5.09 17.71 7.87
N LEU A 716 -3.99 18.18 8.45
CA LEU A 716 -2.72 18.15 7.73
C LEU A 716 -2.22 16.72 7.56
N ASN A 717 -2.25 15.93 8.64
CA ASN A 717 -1.91 14.52 8.53
C ASN A 717 -2.87 13.80 7.59
N MET A 718 -4.13 14.23 7.55
CA MET A 718 -5.08 13.67 6.61
C MET A 718 -4.70 14.00 5.17
N LEU A 719 -4.26 15.22 4.92
CA LEU A 719 -3.79 15.57 3.59
C LEU A 719 -2.60 14.69 3.22
N ILE A 720 -1.70 14.47 4.17
CA ILE A 720 -0.55 13.59 3.93
C ILE A 720 -1.01 12.20 3.52
N ALA A 721 -1.95 11.63 4.28
CA ALA A 721 -2.41 10.28 3.99
C ALA A 721 -3.11 10.22 2.64
N LEU A 722 -3.93 11.23 2.34
CA LEU A 722 -4.62 11.27 1.05
C LEU A 722 -3.62 11.33 -0.09
N MET A 723 -2.57 12.13 0.06
CA MET A 723 -1.56 12.24 -0.98
C MET A 723 -0.78 10.94 -1.14
N GLY A 724 -0.47 10.25 -0.04
CA GLY A 724 0.16 8.95 -0.15
C GLY A 724 -0.70 7.96 -0.91
N GLU A 725 -1.98 7.87 -0.54
CA GLU A 725 -2.89 6.97 -1.25
C GLU A 725 -3.04 7.36 -2.72
N THR A 726 -3.01 8.67 -3.02
CA THR A 726 -3.17 9.12 -4.39
C THR A 726 -1.94 8.77 -5.23
N VAL A 727 -0.75 9.04 -4.71
CA VAL A 727 0.47 8.67 -5.44
C VAL A 727 0.54 7.17 -5.59
N ASN A 728 -0.04 6.41 -4.66
CA ASN A 728 -0.04 4.97 -4.77
C ASN A 728 -0.96 4.45 -5.87
N LYS A 729 -1.77 5.32 -6.48
CA LYS A 729 -2.77 4.88 -7.46
C LYS A 729 -2.74 5.65 -8.77
N ILE A 730 -1.77 6.56 -8.97
CA ILE A 730 -1.71 7.33 -10.21
C ILE A 730 -0.32 7.29 -10.81
N ALA A 731 0.45 6.26 -10.49
CA ALA A 731 1.79 6.13 -11.05
C ALA A 731 1.74 6.00 -12.56
N GLN A 732 1.10 4.93 -13.06
CA GLN A 732 1.00 4.74 -14.50
C GLN A 732 0.19 5.84 -15.15
N GLU A 733 -0.85 6.33 -14.47
CA GLU A 733 -1.62 7.45 -15.02
C GLU A 733 -0.74 8.69 -15.15
N SER A 734 0.09 8.96 -14.16
CA SER A 734 1.00 10.11 -14.24
C SER A 734 1.99 9.92 -15.39
N LYS A 735 2.53 8.71 -15.56
CA LYS A 735 3.44 8.46 -16.66
C LYS A 735 2.75 8.68 -18.00
N ASN A 736 1.51 8.21 -18.14
CA ASN A 736 0.77 8.39 -19.38
C ASN A 736 0.53 9.87 -19.65
N ILE A 737 0.18 10.63 -18.61
CA ILE A 737 -0.05 12.06 -18.79
C ILE A 737 1.24 12.76 -19.18
N TRP A 738 2.37 12.34 -18.61
CA TRP A 738 3.65 12.92 -19.01
C TRP A 738 3.94 12.63 -20.48
N LYS A 739 3.67 11.41 -20.93
CA LYS A 739 3.88 11.07 -22.33
C LYS A 739 2.95 11.89 -23.24
N LEU A 740 1.72 12.12 -22.78
CA LEU A 740 0.80 12.97 -23.55
C LEU A 740 1.32 14.40 -23.64
N GLN A 741 1.85 14.93 -22.55
CA GLN A 741 2.43 16.27 -22.58
C GLN A 741 3.61 16.32 -23.53
N ARG A 742 4.45 15.28 -23.51
CA ARG A 742 5.57 15.23 -24.44
C ARG A 742 5.08 15.19 -25.89
N ALA A 743 4.01 14.45 -26.15
CA ALA A 743 3.44 14.41 -27.49
C ALA A 743 2.95 15.79 -27.91
N ILE A 744 2.29 16.50 -27.00
CA ILE A 744 1.80 17.84 -27.31
C ILE A 744 2.96 18.77 -27.64
N THR A 745 4.02 18.71 -26.84
CA THR A 745 5.19 19.55 -27.11
C THR A 745 5.82 19.19 -28.44
N ILE A 746 5.92 17.89 -28.74
CA ILE A 746 6.52 17.45 -29.99
C ILE A 746 5.73 17.99 -31.18
N LEU A 747 4.41 17.88 -31.11
CA LEU A 747 3.58 18.36 -32.22
C LEU A 747 3.66 19.87 -32.34
N ASP A 748 3.68 20.59 -31.21
CA ASP A 748 3.80 22.05 -31.29
C ASP A 748 5.11 22.45 -31.93
N THR A 749 6.21 21.79 -31.57
CA THR A 749 7.49 22.08 -32.20
C THR A 749 7.47 21.74 -33.69
N GLU A 750 6.87 20.61 -34.04
CA GLU A 750 6.84 20.18 -35.44
C GLU A 750 6.06 21.17 -36.29
N LYS A 751 4.88 21.58 -35.84
CA LYS A 751 4.08 22.53 -36.61
C LYS A 751 4.72 23.91 -36.62
N SER A 752 5.13 24.39 -35.44
CA SER A 752 5.82 25.67 -35.29
C SER A 752 7.23 25.37 -34.80
N PHE A 753 8.24 25.72 -35.61
CA PHE A 753 9.63 25.43 -35.30
C PHE A 753 10.53 26.65 -35.30
N LEU A 754 10.24 27.65 -36.13
CA LEU A 754 10.99 28.91 -36.12
C LEU A 754 12.48 28.69 -36.43
N LYS A 755 12.80 27.65 -37.19
CA LYS A 755 14.18 27.41 -37.57
C LYS A 755 14.34 26.95 -39.02
N CYS A 756 13.25 26.85 -39.78
CA CYS A 756 13.32 26.49 -41.20
C CYS A 756 14.05 25.16 -41.39
N MET A 757 13.46 24.11 -40.82
CA MET A 757 14.02 22.76 -40.91
C MET A 757 12.95 21.80 -41.41
N ARG A 758 13.40 20.73 -42.06
CA ARG A 758 12.51 19.72 -42.63
C ARG A 758 12.90 18.32 -42.15
N LYS A 759 13.44 18.22 -40.95
CA LYS A 759 13.82 16.93 -40.37
C LYS A 759 12.68 16.28 -39.60
N ALA A 760 11.44 16.73 -39.79
CA ALA A 760 10.30 16.11 -39.15
C ALA A 760 9.85 14.83 -39.84
N PHE A 761 10.45 14.49 -40.98
CA PHE A 761 10.09 13.28 -41.68
C PHE A 761 10.62 12.05 -40.95
N ARG A 762 9.96 10.92 -41.18
CA ARG A 762 10.29 9.67 -40.51
C ARG A 762 11.12 8.80 -41.46
N SER A 763 11.34 7.55 -41.06
CA SER A 763 12.16 6.62 -41.82
C SER A 763 11.79 6.65 -43.29
N GLY A 764 12.81 6.68 -44.15
CA GLY A 764 12.63 6.85 -45.58
C GLY A 764 11.59 5.93 -46.19
N LYS A 765 11.05 6.33 -47.34
CA LYS A 765 10.07 5.52 -48.03
C LYS A 765 10.64 4.15 -48.35
N LEU A 766 9.88 3.10 -48.03
CA LEU A 766 10.30 1.73 -48.25
C LEU A 766 9.30 1.01 -49.15
N LEU A 767 9.82 0.16 -50.02
CA LEU A 767 8.99 -0.63 -50.92
C LEU A 767 8.38 -1.76 -50.10
N GLN A 768 7.20 -1.47 -49.54
CA GLN A 768 6.51 -2.46 -48.71
C GLN A 768 6.41 -3.81 -49.42
N VAL A 769 5.74 -3.83 -50.57
CA VAL A 769 5.63 -5.03 -51.39
C VAL A 769 6.06 -4.71 -52.81
N GLY A 770 5.58 -3.60 -53.35
CA GLY A 770 5.82 -3.25 -54.72
C GLY A 770 4.85 -3.86 -55.71
N PHE A 771 3.92 -4.70 -55.24
CA PHE A 771 2.93 -5.36 -56.09
C PHE A 771 1.55 -5.05 -55.54
N THR A 772 0.98 -3.93 -55.97
CA THR A 772 -0.37 -3.55 -55.60
C THR A 772 -1.38 -4.35 -56.42
N PRO A 773 -2.64 -4.37 -55.99
CA PRO A 773 -3.66 -5.08 -56.77
C PRO A 773 -3.71 -4.65 -58.22
N ASP A 774 -3.38 -3.39 -58.52
CA ASP A 774 -3.25 -2.92 -59.89
C ASP A 774 -1.89 -3.23 -60.50
N GLY A 775 -0.99 -3.85 -59.74
CA GLY A 775 0.35 -4.15 -60.21
C GLY A 775 1.33 -3.03 -60.10
N LYS A 776 0.97 -1.91 -59.46
CA LYS A 776 1.85 -0.76 -59.34
C LYS A 776 2.80 -0.99 -58.16
N ASP A 777 3.54 0.04 -57.77
CA ASP A 777 4.50 -0.04 -56.67
C ASP A 777 3.90 0.60 -55.43
N ASP A 778 3.95 -0.12 -54.31
CA ASP A 778 3.41 0.35 -53.04
C ASP A 778 4.55 1.01 -52.26
N TYR A 779 4.56 2.34 -52.24
CA TYR A 779 5.55 3.12 -51.51
C TYR A 779 4.84 3.83 -50.36
N ARG A 780 5.27 3.53 -49.14
CA ARG A 780 4.68 4.12 -47.94
C ARG A 780 5.79 4.50 -46.97
N TRP A 781 5.54 5.55 -46.19
CA TRP A 781 6.53 6.03 -45.24
C TRP A 781 6.59 5.11 -44.02
N CYS A 782 7.10 3.91 -44.21
CA CYS A 782 7.15 2.92 -43.14
C CYS A 782 8.17 3.32 -42.08
N PHE A 783 7.95 2.81 -40.86
CA PHE A 783 8.84 3.03 -39.74
C PHE A 783 9.30 1.68 -39.19
N ARG A 784 10.58 1.55 -38.94
CA ARG A 784 11.21 0.26 -38.68
C ARG A 784 11.40 0.05 -37.18
N VAL A 785 10.91 -1.08 -36.67
CA VAL A 785 11.04 -1.42 -35.25
C VAL A 785 11.53 -2.85 -35.14
N ASP A 786 12.68 -3.04 -34.50
CA ASP A 786 13.25 -4.38 -34.33
C ASP A 786 12.77 -5.00 -33.03
N GLU A 787 12.76 -6.33 -33.01
CA GLU A 787 12.43 -7.07 -31.80
C GLU A 787 13.01 -8.47 -31.91
N VAL A 788 13.07 -9.17 -30.78
CA VAL A 788 13.66 -10.50 -30.69
C VAL A 788 12.63 -11.45 -30.09
N ASN A 789 12.45 -12.60 -30.74
CA ASN A 789 11.59 -13.66 -30.25
C ASN A 789 12.45 -14.90 -30.03
N TRP A 790 12.38 -15.48 -28.84
CA TRP A 790 13.27 -16.55 -28.43
C TRP A 790 12.58 -17.91 -28.34
N THR A 791 11.32 -18.01 -28.77
CA THR A 791 10.54 -19.24 -28.65
C THR A 791 10.30 -19.84 -30.03
N THR A 792 10.83 -21.04 -30.25
CA THR A 792 10.61 -21.85 -31.43
C THR A 792 11.26 -21.27 -32.69
N TRP A 793 11.91 -20.12 -32.59
CA TRP A 793 12.50 -19.48 -33.76
C TRP A 793 14.00 -19.29 -33.56
N TYR B 235 -42.56 -35.53 27.51
CA TYR B 235 -42.15 -34.63 26.43
C TYR B 235 -42.90 -33.30 26.52
N THR B 236 -42.82 -32.66 27.69
CA THR B 236 -43.49 -31.38 27.91
C THR B 236 -42.51 -30.24 28.20
N ASP B 237 -41.21 -30.51 28.24
CA ASP B 237 -40.25 -29.46 28.53
C ASP B 237 -40.13 -28.51 27.35
N SER B 238 -39.71 -27.28 27.64
CA SER B 238 -39.63 -26.24 26.62
C SER B 238 -38.44 -26.42 25.68
N TYR B 239 -37.44 -27.21 26.06
CA TYR B 239 -36.27 -27.38 25.22
C TYR B 239 -36.62 -28.07 23.91
N TYR B 240 -37.54 -29.04 23.95
CA TYR B 240 -38.04 -29.71 22.76
C TYR B 240 -39.56 -29.74 22.76
N LYS B 241 -40.17 -28.59 23.06
CA LYS B 241 -41.62 -28.51 23.14
C LYS B 241 -42.21 -28.31 21.75
N GLY B 242 -43.39 -28.90 21.55
CA GLY B 242 -44.10 -28.75 20.29
C GLY B 242 -43.61 -29.67 19.20
N GLN B 243 -42.30 -29.94 19.18
CA GLN B 243 -41.71 -30.79 18.15
C GLN B 243 -42.40 -32.16 18.14
N THR B 244 -42.82 -32.59 16.96
CA THR B 244 -43.54 -33.84 16.79
C THR B 244 -42.73 -34.79 15.90
N ALA B 245 -43.28 -35.99 15.68
CA ALA B 245 -42.59 -36.98 14.86
C ALA B 245 -42.31 -36.45 13.46
N LEU B 246 -43.23 -35.64 12.92
CA LEU B 246 -43.02 -35.08 11.59
C LEU B 246 -41.78 -34.20 11.56
N HIS B 247 -41.58 -33.40 12.59
CA HIS B 247 -40.39 -32.54 12.63
C HIS B 247 -39.12 -33.37 12.66
N ILE B 248 -39.09 -34.43 13.47
CA ILE B 248 -37.92 -35.28 13.54
C ILE B 248 -37.66 -35.93 12.18
N ALA B 249 -38.71 -36.40 11.52
CA ALA B 249 -38.54 -37.00 10.20
C ALA B 249 -37.99 -35.99 9.20
N ILE B 250 -38.50 -34.76 9.24
CA ILE B 250 -38.00 -33.73 8.32
C ILE B 250 -36.54 -33.41 8.62
N GLU B 251 -36.14 -33.45 9.89
CA GLU B 251 -34.77 -33.11 10.25
C GLU B 251 -33.77 -34.19 9.86
N ARG B 252 -34.23 -35.42 9.64
CA ARG B 252 -33.35 -36.54 9.32
C ARG B 252 -33.09 -36.69 7.83
N ARG B 253 -33.62 -35.80 6.99
CA ARG B 253 -33.47 -35.89 5.55
C ARG B 253 -34.03 -37.20 5.01
N ASN B 254 -35.08 -37.71 5.64
CA ASN B 254 -35.75 -38.93 5.21
C ASN B 254 -37.07 -38.56 4.55
N MET B 255 -37.29 -39.08 3.34
CA MET B 255 -38.45 -38.71 2.54
C MET B 255 -39.58 -39.74 2.64
N THR B 256 -39.26 -41.02 2.56
CA THR B 256 -40.29 -42.05 2.69
C THR B 256 -40.92 -42.04 4.07
N LEU B 257 -40.10 -41.84 5.11
CA LEU B 257 -40.62 -41.82 6.48
C LEU B 257 -41.60 -40.68 6.67
N VAL B 258 -41.32 -39.53 6.07
CA VAL B 258 -42.24 -38.39 6.18
C VAL B 258 -43.59 -38.75 5.58
N THR B 259 -43.59 -39.39 4.42
CA THR B 259 -44.86 -39.80 3.81
C THR B 259 -45.57 -40.82 4.67
N LEU B 260 -44.84 -41.78 5.23
CA LEU B 260 -45.47 -42.78 6.10
C LEU B 260 -46.13 -42.12 7.29
N LEU B 261 -45.46 -41.12 7.89
CA LEU B 261 -46.05 -40.42 9.03
C LEU B 261 -47.26 -39.61 8.61
N VAL B 262 -47.16 -38.87 7.50
CA VAL B 262 -48.24 -37.98 7.09
C VAL B 262 -49.49 -38.77 6.73
N GLU B 263 -49.33 -39.86 5.97
CA GLU B 263 -50.50 -40.64 5.55
C GLU B 263 -51.26 -41.22 6.73
N ASN B 264 -50.61 -41.36 7.90
CA ASN B 264 -51.30 -41.90 9.06
C ASN B 264 -52.27 -40.88 9.68
N GLY B 265 -52.05 -39.59 9.45
CA GLY B 265 -52.91 -38.57 10.02
C GLY B 265 -52.16 -37.48 10.75
N ALA B 266 -50.84 -37.43 10.55
CA ALA B 266 -50.02 -36.43 11.23
C ALA B 266 -50.53 -35.02 10.91
N ASP B 267 -50.57 -34.18 11.93
CA ASP B 267 -51.02 -32.80 11.78
C ASP B 267 -49.82 -31.92 11.45
N VAL B 268 -49.83 -31.33 10.24
CA VAL B 268 -48.73 -30.48 9.80
C VAL B 268 -48.79 -29.08 10.39
N GLN B 269 -49.83 -28.76 11.15
CA GLN B 269 -50.01 -27.43 11.73
C GLN B 269 -49.63 -27.38 13.21
N ALA B 270 -49.06 -28.46 13.75
CA ALA B 270 -48.64 -28.50 15.15
C ALA B 270 -47.37 -27.66 15.30
N ALA B 271 -47.55 -26.35 15.27
CA ALA B 271 -46.42 -25.43 15.32
C ALA B 271 -45.63 -25.64 16.60
N ALA B 272 -44.30 -25.68 16.46
CA ALA B 272 -43.40 -25.85 17.59
C ALA B 272 -43.12 -24.48 18.21
N ASN B 273 -43.65 -24.26 19.41
CA ASN B 273 -43.50 -22.98 20.10
C ASN B 273 -42.46 -23.03 21.22
N GLY B 274 -41.54 -23.99 21.17
CA GLY B 274 -40.54 -24.10 22.21
C GLY B 274 -39.54 -22.96 22.15
N ASP B 275 -38.99 -22.61 23.33
CA ASP B 275 -37.99 -21.56 23.39
C ASP B 275 -36.70 -21.97 22.69
N PHE B 276 -36.45 -23.27 22.56
CA PHE B 276 -35.31 -23.73 21.78
C PHE B 276 -35.45 -23.31 20.33
N PHE B 277 -36.63 -23.47 19.75
CA PHE B 277 -36.96 -22.97 18.42
C PHE B 277 -37.53 -21.56 18.58
N LYS B 278 -36.64 -20.60 18.76
CA LYS B 278 -37.03 -19.21 18.98
C LYS B 278 -38.04 -18.75 17.94
N GLY B 285 -30.18 -22.74 20.62
CA GLY B 285 -30.81 -23.43 19.51
C GLY B 285 -30.91 -22.59 18.27
N PHE B 286 -31.78 -23.00 17.35
CA PHE B 286 -31.99 -22.28 16.10
C PHE B 286 -33.49 -22.21 15.83
N TYR B 287 -33.90 -21.12 15.17
CA TYR B 287 -35.30 -20.88 14.83
C TYR B 287 -35.45 -20.96 13.32
N PHE B 288 -36.27 -21.92 12.87
CA PHE B 288 -36.45 -22.18 11.44
C PHE B 288 -37.82 -21.76 10.92
N GLY B 289 -38.78 -21.49 11.80
CA GLY B 289 -40.11 -21.11 11.36
C GLY B 289 -41.21 -21.69 12.21
N GLU B 290 -40.86 -22.64 13.08
CA GLU B 290 -41.78 -23.24 14.03
C GLU B 290 -42.91 -24.02 13.36
N LEU B 291 -42.75 -24.34 12.07
CA LEU B 291 -43.71 -25.17 11.35
C LEU B 291 -42.95 -26.23 10.57
N PRO B 292 -43.55 -27.41 10.37
CA PRO B 292 -42.86 -28.43 9.57
C PRO B 292 -42.55 -27.97 8.15
N LEU B 293 -43.43 -27.19 7.55
CA LEU B 293 -43.20 -26.71 6.19
C LEU B 293 -42.01 -25.76 6.16
N SER B 294 -41.98 -24.77 7.05
CA SER B 294 -40.85 -23.84 7.09
C SER B 294 -39.58 -24.55 7.52
N LEU B 295 -39.69 -25.51 8.44
CA LEU B 295 -38.51 -26.27 8.86
C LEU B 295 -37.91 -27.03 7.70
N ALA B 296 -38.76 -27.67 6.89
CA ALA B 296 -38.26 -28.37 5.71
C ALA B 296 -37.67 -27.40 4.70
N ALA B 297 -38.35 -26.26 4.47
CA ALA B 297 -37.88 -25.32 3.46
C ALA B 297 -36.51 -24.75 3.83
N CYS B 298 -36.31 -24.39 5.10
CA CYS B 298 -35.07 -23.75 5.51
C CYS B 298 -33.91 -24.73 5.62
N THR B 299 -34.16 -26.03 5.60
CA THR B 299 -33.11 -27.04 5.65
C THR B 299 -32.75 -27.56 4.26
N ASN B 300 -33.26 -26.95 3.21
CA ASN B 300 -32.96 -27.31 1.82
C ASN B 300 -33.63 -28.62 1.40
N GLN B 301 -34.69 -29.03 2.09
CA GLN B 301 -35.45 -30.22 1.71
C GLN B 301 -36.66 -29.81 0.87
N LEU B 302 -36.36 -29.41 -0.37
CA LEU B 302 -37.42 -28.92 -1.25
C LEU B 302 -38.43 -30.01 -1.57
N ALA B 303 -38.02 -31.28 -1.59
CA ALA B 303 -38.96 -32.35 -1.88
C ALA B 303 -40.04 -32.45 -0.81
N ILE B 304 -39.67 -32.28 0.46
CA ILE B 304 -40.65 -32.35 1.53
C ILE B 304 -41.67 -31.23 1.40
N VAL B 305 -41.20 -30.01 1.07
CA VAL B 305 -42.12 -28.90 0.84
C VAL B 305 -43.04 -29.21 -0.33
N LYS B 306 -42.48 -29.75 -1.42
CA LYS B 306 -43.29 -30.09 -2.58
C LYS B 306 -44.39 -31.06 -2.21
N PHE B 307 -44.06 -32.08 -1.41
CA PHE B 307 -45.06 -33.05 -1.00
C PHE B 307 -46.11 -32.41 -0.10
N LEU B 308 -45.67 -31.67 0.92
CA LEU B 308 -46.60 -31.14 1.92
C LEU B 308 -47.56 -30.14 1.30
N LEU B 309 -47.07 -29.25 0.43
CA LEU B 309 -47.92 -28.19 -0.10
C LEU B 309 -49.09 -28.75 -0.89
N GLN B 310 -48.84 -29.77 -1.70
CA GLN B 310 -49.85 -30.32 -2.62
C GLN B 310 -50.07 -31.81 -2.37
N ASN B 311 -50.06 -32.22 -1.10
CA ASN B 311 -50.39 -33.60 -0.77
C ASN B 311 -51.88 -33.83 -0.94
N SER B 312 -52.24 -35.05 -1.34
CA SER B 312 -53.63 -35.41 -1.52
C SER B 312 -54.34 -35.77 -0.22
N TRP B 313 -53.61 -35.82 0.90
CA TRP B 313 -54.19 -36.27 2.16
C TRP B 313 -54.69 -35.09 3.01
N GLN B 314 -53.80 -34.18 3.38
CA GLN B 314 -54.14 -33.07 4.25
C GLN B 314 -53.48 -31.79 3.77
N PRO B 315 -54.24 -30.76 3.43
CA PRO B 315 -53.62 -29.54 2.89
C PRO B 315 -52.63 -28.93 3.85
N ALA B 316 -51.56 -28.36 3.31
CA ALA B 316 -50.55 -27.64 4.07
C ALA B 316 -50.70 -26.15 3.80
N ASP B 317 -50.86 -25.38 4.86
CA ASP B 317 -51.12 -23.94 4.74
C ASP B 317 -49.79 -23.23 4.52
N ILE B 318 -49.56 -22.78 3.28
CA ILE B 318 -48.36 -22.02 2.97
C ILE B 318 -48.35 -20.69 3.70
N SER B 319 -49.53 -20.14 3.98
CA SER B 319 -49.66 -18.85 4.64
C SER B 319 -49.71 -18.96 6.16
N ALA B 320 -49.49 -20.14 6.71
CA ALA B 320 -49.54 -20.31 8.16
C ALA B 320 -48.55 -19.39 8.83
N ARG B 321 -48.98 -18.80 9.95
CA ARG B 321 -48.15 -17.88 10.73
C ARG B 321 -48.03 -18.39 12.16
N ASP B 322 -46.80 -18.39 12.66
CA ASP B 322 -46.51 -18.95 13.98
C ASP B 322 -46.69 -17.87 15.04
N SER B 323 -46.20 -18.12 16.26
CA SER B 323 -46.38 -17.15 17.35
C SER B 323 -45.78 -15.80 16.98
N VAL B 324 -44.58 -15.81 16.38
CA VAL B 324 -43.97 -14.56 15.94
C VAL B 324 -44.61 -14.01 14.67
N GLY B 325 -45.32 -14.84 13.92
CA GLY B 325 -45.99 -14.40 12.72
C GLY B 325 -45.18 -14.51 11.45
N ASN B 326 -43.90 -14.88 11.54
CA ASN B 326 -43.05 -15.00 10.37
C ASN B 326 -43.46 -16.23 9.56
N THR B 327 -43.95 -16.01 8.35
CA THR B 327 -44.38 -17.11 7.49
C THR B 327 -43.17 -17.77 6.85
N VAL B 328 -43.40 -18.64 5.87
CA VAL B 328 -42.33 -19.40 5.25
C VAL B 328 -41.28 -18.46 4.67
N LEU B 329 -41.73 -17.46 3.90
CA LEU B 329 -40.78 -16.55 3.28
C LEU B 329 -40.00 -15.76 4.32
N HIS B 330 -40.69 -15.33 5.39
CA HIS B 330 -40.01 -14.63 6.47
C HIS B 330 -38.97 -15.54 7.12
N ALA B 331 -39.30 -16.83 7.29
CA ALA B 331 -38.32 -17.76 7.85
C ALA B 331 -37.11 -17.89 6.93
N LEU B 332 -37.34 -17.99 5.62
CA LEU B 332 -36.21 -18.08 4.69
C LEU B 332 -35.35 -16.83 4.73
N VAL B 333 -35.98 -15.66 4.85
CA VAL B 333 -35.22 -14.42 4.96
C VAL B 333 -34.41 -14.40 6.25
N GLU B 334 -35.00 -14.87 7.34
CA GLU B 334 -34.31 -14.83 8.63
C GLU B 334 -33.12 -15.79 8.66
N VAL B 335 -33.32 -17.02 8.18
CA VAL B 335 -32.27 -18.03 8.30
C VAL B 335 -31.03 -17.60 7.53
N ALA B 336 -31.21 -16.95 6.38
CA ALA B 336 -30.08 -16.59 5.53
C ALA B 336 -29.10 -15.69 6.28
N ASP B 337 -27.81 -15.91 6.04
CA ASP B 337 -26.75 -15.12 6.68
C ASP B 337 -25.73 -14.61 5.67
N ASN B 338 -26.17 -14.37 4.43
CA ASN B 338 -25.36 -13.69 3.43
C ASN B 338 -24.24 -14.56 2.86
N THR B 339 -24.08 -15.77 3.37
CA THR B 339 -23.06 -16.67 2.85
C THR B 339 -23.41 -17.09 1.42
N VAL B 340 -22.37 -17.31 0.62
CA VAL B 340 -22.57 -17.56 -0.81
C VAL B 340 -23.44 -18.79 -1.03
N ASP B 341 -23.05 -19.91 -0.40
CA ASP B 341 -23.86 -21.12 -0.53
C ASP B 341 -25.24 -20.92 0.08
N ASN B 342 -25.30 -20.31 1.26
CA ASN B 342 -26.59 -20.02 1.88
C ASN B 342 -27.40 -19.06 1.03
N THR B 343 -26.73 -18.08 0.41
CA THR B 343 -27.44 -17.15 -0.46
C THR B 343 -28.07 -17.87 -1.63
N LYS B 344 -27.32 -18.76 -2.29
CA LYS B 344 -27.88 -19.53 -3.40
C LYS B 344 -29.03 -20.40 -2.93
N PHE B 345 -28.86 -21.07 -1.79
CA PHE B 345 -29.90 -21.93 -1.26
C PHE B 345 -31.19 -21.15 -1.01
N VAL B 346 -31.07 -20.00 -0.34
CA VAL B 346 -32.26 -19.23 0.02
C VAL B 346 -32.91 -18.67 -1.24
N THR B 347 -32.10 -18.23 -2.20
CA THR B 347 -32.65 -17.73 -3.46
C THR B 347 -33.47 -18.82 -4.14
N SER B 348 -32.89 -20.01 -4.29
CA SER B 348 -33.59 -21.10 -4.98
C SER B 348 -34.84 -21.50 -4.22
N MET B 349 -34.75 -21.61 -2.90
CA MET B 349 -35.89 -22.06 -2.12
C MET B 349 -37.01 -21.04 -2.14
N TYR B 350 -36.69 -19.75 -2.04
CA TYR B 350 -37.68 -18.69 -2.17
C TYR B 350 -38.33 -18.71 -3.55
N ASN B 351 -37.54 -18.86 -4.61
CA ASN B 351 -38.11 -18.92 -5.94
C ASN B 351 -39.08 -20.10 -6.09
N GLU B 352 -38.68 -21.28 -5.61
CA GLU B 352 -39.55 -22.45 -5.71
C GLU B 352 -40.81 -22.28 -4.88
N ILE B 353 -40.69 -21.72 -3.67
CA ILE B 353 -41.87 -21.49 -2.84
C ILE B 353 -42.83 -20.54 -3.53
N LEU B 354 -42.31 -19.46 -4.09
CA LEU B 354 -43.18 -18.50 -4.78
C LEU B 354 -43.86 -19.15 -5.98
N ILE B 355 -43.12 -19.94 -6.76
CA ILE B 355 -43.70 -20.59 -7.92
C ILE B 355 -44.80 -21.55 -7.50
N LEU B 356 -44.54 -22.35 -6.46
CA LEU B 356 -45.55 -23.31 -6.01
C LEU B 356 -46.78 -22.59 -5.45
N GLY B 357 -46.57 -21.51 -4.71
CA GLY B 357 -47.71 -20.76 -4.18
C GLY B 357 -48.56 -20.16 -5.28
N ALA B 358 -47.91 -19.63 -6.32
CA ALA B 358 -48.65 -19.14 -7.48
C ALA B 358 -49.40 -20.28 -8.16
N LYS B 359 -48.77 -21.44 -8.28
CA LYS B 359 -49.41 -22.59 -8.91
C LYS B 359 -50.67 -23.00 -8.16
N LEU B 360 -50.57 -23.11 -6.84
CA LEU B 360 -51.74 -23.47 -6.04
C LEU B 360 -52.75 -22.33 -5.99
N HIS B 361 -52.28 -21.11 -5.70
CA HIS B 361 -53.14 -19.94 -5.52
C HIS B 361 -52.65 -18.84 -6.45
N PRO B 362 -52.99 -18.91 -7.74
CA PRO B 362 -52.56 -17.85 -8.65
C PRO B 362 -53.07 -16.47 -8.26
N THR B 363 -54.24 -16.39 -7.63
CA THR B 363 -54.85 -15.11 -7.31
C THR B 363 -54.37 -14.53 -5.98
N LEU B 364 -53.49 -15.22 -5.27
CA LEU B 364 -53.02 -14.79 -3.96
C LEU B 364 -51.59 -14.29 -4.07
N LYS B 365 -51.34 -13.08 -3.55
CA LYS B 365 -49.99 -12.54 -3.47
C LYS B 365 -49.41 -12.95 -2.11
N LEU B 366 -48.67 -14.06 -2.11
CA LEU B 366 -48.13 -14.58 -0.87
C LEU B 366 -47.15 -13.60 -0.23
N GLU B 367 -46.32 -12.95 -1.05
CA GLU B 367 -45.28 -12.08 -0.52
C GLU B 367 -45.85 -10.89 0.23
N GLU B 368 -47.15 -10.59 0.06
CA GLU B 368 -47.75 -9.44 0.72
C GLU B 368 -48.14 -9.73 2.18
N ILE B 369 -48.04 -10.99 2.62
CA ILE B 369 -48.43 -11.33 3.99
C ILE B 369 -47.44 -10.71 4.97
N THR B 370 -47.97 -10.11 6.03
CA THR B 370 -47.17 -9.42 7.03
C THR B 370 -47.22 -10.17 8.35
N ASN B 371 -46.07 -10.19 9.03
CA ASN B 371 -45.96 -10.86 10.32
C ASN B 371 -46.52 -9.95 11.41
N ARG B 372 -46.30 -10.33 12.68
CA ARG B 372 -46.82 -9.54 13.79
C ARG B 372 -46.15 -8.17 13.88
N LYS B 373 -44.98 -8.00 13.29
CA LYS B 373 -44.29 -6.71 13.29
C LYS B 373 -44.64 -5.87 12.06
N GLY B 374 -45.42 -6.40 11.13
CA GLY B 374 -45.78 -5.66 9.94
C GLY B 374 -44.64 -5.42 8.97
N LEU B 375 -43.78 -6.41 8.77
CA LEU B 375 -42.66 -6.33 7.83
C LEU B 375 -42.83 -7.40 6.77
N THR B 376 -42.83 -6.98 5.51
CA THR B 376 -42.89 -7.93 4.40
C THR B 376 -41.52 -8.60 4.22
N PRO B 377 -41.48 -9.74 3.54
CA PRO B 377 -40.19 -10.45 3.41
C PRO B 377 -39.10 -9.58 2.81
N LEU B 378 -39.42 -8.79 1.78
CA LEU B 378 -38.46 -7.83 1.26
C LEU B 378 -38.12 -6.78 2.30
N ALA B 379 -39.13 -6.27 3.00
CA ALA B 379 -38.89 -5.30 4.06
C ALA B 379 -38.10 -5.93 5.21
N LEU B 380 -38.41 -7.19 5.54
CA LEU B 380 -37.65 -7.87 6.58
C LEU B 380 -36.20 -8.04 6.19
N ALA B 381 -35.93 -8.39 4.93
CA ALA B 381 -34.56 -8.49 4.46
C ALA B 381 -33.86 -7.14 4.55
N ALA B 382 -34.56 -6.07 4.17
CA ALA B 382 -33.97 -4.73 4.26
C ALA B 382 -33.63 -4.38 5.71
N SER B 383 -34.54 -4.67 6.64
CA SER B 383 -34.31 -4.33 8.04
C SER B 383 -33.17 -5.16 8.63
N SER B 384 -33.13 -6.46 8.33
CA SER B 384 -32.15 -7.35 8.92
C SER B 384 -30.83 -7.38 8.17
N GLY B 385 -30.72 -6.71 7.03
CA GLY B 385 -29.47 -6.65 6.30
C GLY B 385 -29.16 -7.88 5.47
N LYS B 386 -30.19 -8.57 4.96
CA LYS B 386 -29.98 -9.71 4.09
C LYS B 386 -29.74 -9.18 2.68
N ILE B 387 -28.48 -8.86 2.39
CA ILE B 387 -28.15 -8.24 1.11
C ILE B 387 -28.40 -9.21 -0.05
N GLY B 388 -28.05 -10.48 0.11
CA GLY B 388 -28.26 -11.43 -0.99
C GLY B 388 -29.72 -11.58 -1.35
N VAL B 389 -30.57 -11.75 -0.33
CA VAL B 389 -32.00 -11.91 -0.59
C VAL B 389 -32.58 -10.63 -1.19
N LEU B 390 -32.13 -9.47 -0.69
CA LEU B 390 -32.58 -8.21 -1.25
C LEU B 390 -32.22 -8.11 -2.72
N ALA B 391 -30.97 -8.45 -3.07
CA ALA B 391 -30.54 -8.37 -4.46
C ALA B 391 -31.34 -9.35 -5.32
N TYR B 392 -31.58 -10.56 -4.82
CA TYR B 392 -32.35 -11.52 -5.60
C TYR B 392 -33.76 -11.02 -5.85
N ILE B 393 -34.43 -10.54 -4.79
CA ILE B 393 -35.82 -10.10 -4.94
C ILE B 393 -35.91 -8.92 -5.88
N LEU B 394 -35.02 -7.94 -5.71
CA LEU B 394 -35.02 -6.77 -6.59
C LEU B 394 -34.61 -7.11 -8.01
N GLN B 395 -34.05 -8.31 -8.24
CA GLN B 395 -33.71 -8.77 -9.58
C GLN B 395 -34.38 -10.11 -9.90
N ARG B 396 -35.48 -10.42 -9.21
CA ARG B 396 -36.20 -11.67 -9.46
C ARG B 396 -36.82 -11.62 -10.84
N GLU B 397 -36.23 -12.36 -11.78
CA GLU B 397 -36.71 -12.42 -13.16
C GLU B 397 -37.13 -13.84 -13.47
N ILE B 398 -38.40 -14.02 -13.83
CA ILE B 398 -38.95 -15.33 -14.19
C ILE B 398 -39.63 -15.18 -15.54
N HIS B 399 -39.15 -15.95 -16.53
CA HIS B 399 -39.68 -15.87 -17.89
C HIS B 399 -40.84 -16.82 -18.13
N GLU B 400 -41.05 -17.80 -17.26
CA GLU B 400 -42.05 -18.82 -17.52
C GLU B 400 -43.46 -18.21 -17.50
N PRO B 401 -44.36 -18.66 -18.37
CA PRO B 401 -45.75 -18.20 -18.28
C PRO B 401 -46.42 -18.75 -17.03
N GLU B 402 -47.38 -17.99 -16.52
CA GLU B 402 -48.11 -18.24 -15.28
C GLU B 402 -47.26 -17.91 -14.06
N CYS B 403 -46.01 -17.50 -14.24
CA CYS B 403 -45.14 -17.13 -13.14
C CYS B 403 -44.37 -15.84 -13.41
N ARG B 404 -44.77 -15.07 -14.42
CA ARG B 404 -44.10 -13.82 -14.73
C ARG B 404 -44.48 -12.71 -13.77
N HIS B 405 -45.73 -12.68 -13.30
CA HIS B 405 -46.19 -11.56 -12.49
C HIS B 405 -45.55 -11.53 -11.10
N LEU B 406 -44.89 -12.60 -10.68
CA LEU B 406 -44.17 -12.59 -9.41
C LEU B 406 -42.82 -11.89 -9.51
N SER B 407 -42.37 -11.59 -10.73
CA SER B 407 -41.06 -11.00 -10.92
C SER B 407 -41.10 -9.49 -10.68
N ARG B 408 -39.94 -8.88 -10.73
CA ARG B 408 -39.79 -7.42 -10.66
C ARG B 408 -38.98 -6.87 -11.82
N LYS B 409 -37.99 -7.62 -12.30
CA LYS B 409 -37.16 -7.21 -13.43
C LYS B 409 -37.79 -7.79 -14.69
N PHE B 410 -38.44 -6.95 -15.48
CA PHE B 410 -39.10 -7.35 -16.71
C PHE B 410 -38.40 -6.72 -17.91
N THR B 411 -38.01 -7.56 -18.87
CA THR B 411 -37.34 -7.05 -20.05
C THR B 411 -38.30 -6.23 -20.89
N GLU B 412 -37.73 -5.45 -21.80
CA GLU B 412 -38.50 -4.59 -22.71
C GLU B 412 -37.86 -4.73 -24.08
N TRP B 413 -38.18 -3.81 -24.99
CA TRP B 413 -37.67 -3.90 -26.34
C TRP B 413 -36.17 -4.17 -26.34
N ALA B 414 -35.79 -5.35 -26.85
CA ALA B 414 -34.42 -5.83 -26.82
C ALA B 414 -34.06 -6.41 -28.19
N TYR B 415 -34.37 -5.66 -29.24
CA TYR B 415 -34.17 -6.17 -30.60
C TYR B 415 -32.73 -6.59 -30.83
N GLY B 416 -31.78 -5.86 -30.26
CA GLY B 416 -30.38 -6.11 -30.52
C GLY B 416 -29.54 -6.14 -29.26
N PRO B 417 -28.31 -5.62 -29.33
CA PRO B 417 -27.40 -5.69 -28.17
C PRO B 417 -27.78 -4.75 -27.03
N VAL B 418 -28.84 -3.96 -27.17
CA VAL B 418 -29.25 -3.00 -26.15
C VAL B 418 -30.63 -3.41 -25.64
N HIS B 419 -30.75 -3.54 -24.31
CA HIS B 419 -32.02 -3.89 -23.70
C HIS B 419 -32.28 -3.00 -22.50
N SER B 420 -33.56 -2.70 -22.28
CA SER B 420 -34.01 -1.88 -21.17
C SER B 420 -34.82 -2.74 -20.23
N SER B 421 -34.43 -2.75 -18.95
CA SER B 421 -35.14 -3.51 -17.93
C SER B 421 -36.03 -2.59 -17.12
N LEU B 422 -37.25 -3.06 -16.86
CA LEU B 422 -38.19 -2.42 -15.96
C LEU B 422 -38.01 -3.08 -14.59
N TYR B 423 -37.42 -2.34 -13.67
CA TYR B 423 -37.33 -2.77 -12.27
C TYR B 423 -38.58 -2.27 -11.55
N ASP B 424 -39.33 -3.19 -10.96
CA ASP B 424 -40.53 -2.79 -10.25
C ASP B 424 -40.17 -2.03 -8.98
N LEU B 425 -40.83 -0.90 -8.76
CA LEU B 425 -40.62 -0.07 -7.60
C LEU B 425 -41.74 -0.23 -6.57
N SER B 426 -42.50 -1.33 -6.68
CA SER B 426 -43.54 -1.61 -5.69
C SER B 426 -42.93 -1.69 -4.31
N CYS B 427 -43.27 -0.74 -3.45
CA CYS B 427 -42.77 -0.69 -2.08
C CYS B 427 -41.25 -0.59 -2.02
N ILE B 428 -40.65 0.08 -3.01
CA ILE B 428 -39.21 0.31 -3.02
C ILE B 428 -38.96 1.81 -2.84
N ASP B 429 -39.95 2.63 -3.22
CA ASP B 429 -39.88 4.07 -3.01
C ASP B 429 -40.88 4.55 -1.96
N THR B 430 -42.13 4.12 -2.06
CA THR B 430 -43.14 4.46 -1.06
C THR B 430 -44.22 3.37 -1.08
N CYS B 431 -44.20 2.51 -0.07
CA CYS B 431 -45.19 1.46 0.07
C CYS B 431 -46.44 1.91 0.82
N GLU B 432 -46.40 3.10 1.41
CA GLU B 432 -47.44 3.69 2.25
C GLU B 432 -47.46 3.04 3.64
N LYS B 433 -46.73 1.95 3.86
CA LYS B 433 -46.59 1.36 5.18
C LYS B 433 -45.15 1.43 5.67
N ASN B 434 -44.20 0.89 4.91
CA ASN B 434 -42.78 1.07 5.17
C ASN B 434 -41.99 0.61 3.95
N SER B 435 -41.32 1.54 3.28
CA SER B 435 -40.64 1.22 2.03
C SER B 435 -39.23 0.71 2.29
N VAL B 436 -38.67 0.05 1.28
CA VAL B 436 -37.32 -0.50 1.39
C VAL B 436 -36.32 0.61 1.63
N LEU B 437 -36.45 1.72 0.90
CA LEU B 437 -35.53 2.83 1.07
C LEU B 437 -35.61 3.41 2.48
N GLU B 438 -36.82 3.56 3.02
CA GLU B 438 -36.97 4.06 4.37
C GLU B 438 -36.31 3.13 5.38
N VAL B 439 -36.51 1.82 5.22
CA VAL B 439 -35.92 0.87 6.16
C VAL B 439 -34.40 0.92 6.09
N ILE B 440 -33.85 0.98 4.88
CA ILE B 440 -32.39 0.98 4.74
C ILE B 440 -31.81 2.28 5.31
N ALA B 441 -32.42 3.42 4.98
CA ALA B 441 -31.85 4.70 5.38
C ALA B 441 -32.09 4.99 6.86
N TYR B 442 -33.26 4.59 7.37
CA TYR B 442 -33.64 4.86 8.76
C TYR B 442 -33.50 3.62 9.64
N SER B 443 -32.49 2.80 9.39
CA SER B 443 -32.27 1.59 10.18
C SER B 443 -31.87 1.93 11.60
N SER B 444 -31.65 0.92 12.43
CA SER B 444 -31.27 1.12 13.82
C SER B 444 -29.76 1.24 14.01
N SER B 445 -28.98 1.21 12.94
CA SER B 445 -27.53 1.37 12.93
C SER B 445 -26.81 0.09 13.35
N GLU B 446 -27.52 -0.97 13.71
CA GLU B 446 -26.90 -2.24 14.07
C GLU B 446 -26.98 -3.27 12.94
N THR B 447 -27.64 -2.94 11.83
CA THR B 447 -27.73 -3.88 10.72
C THR B 447 -26.33 -4.19 10.20
N PRO B 448 -25.99 -5.46 9.99
CA PRO B 448 -24.59 -5.78 9.63
C PRO B 448 -24.11 -5.07 8.36
N ASN B 449 -24.96 -4.92 7.35
CA ASN B 449 -24.55 -4.43 6.04
C ASN B 449 -25.51 -3.35 5.54
N ARG B 450 -25.83 -2.38 6.39
CA ARG B 450 -26.71 -1.31 5.97
C ARG B 450 -26.08 -0.47 4.86
N HIS B 451 -24.76 -0.32 4.87
CA HIS B 451 -24.10 0.51 3.86
C HIS B 451 -24.13 -0.17 2.49
N ASP B 452 -23.79 -1.46 2.45
CA ASP B 452 -23.63 -2.15 1.16
C ASP B 452 -24.95 -2.34 0.43
N MET B 453 -26.07 -2.46 1.16
CA MET B 453 -27.33 -2.81 0.52
C MET B 453 -27.70 -1.80 -0.56
N LEU B 454 -27.39 -0.52 -0.36
CA LEU B 454 -27.76 0.51 -1.33
C LEU B 454 -26.99 0.39 -2.64
N LEU B 455 -25.95 -0.43 -2.70
CA LEU B 455 -25.26 -0.67 -3.96
C LEU B 455 -26.09 -1.49 -4.93
N VAL B 456 -27.22 -2.05 -4.48
CA VAL B 456 -28.08 -2.81 -5.37
C VAL B 456 -28.50 -1.94 -6.55
N GLU B 457 -28.47 -2.52 -7.74
CA GLU B 457 -28.65 -1.82 -9.00
C GLU B 457 -29.88 -0.92 -8.97
N PRO B 458 -31.09 -1.48 -8.84
CA PRO B 458 -32.29 -0.63 -8.86
C PRO B 458 -32.29 0.45 -7.81
N LEU B 459 -31.87 0.14 -6.57
CA LEU B 459 -31.90 1.13 -5.51
C LEU B 459 -30.91 2.25 -5.78
N ASN B 460 -29.69 1.90 -6.19
CA ASN B 460 -28.69 2.92 -6.47
C ASN B 460 -29.14 3.83 -7.60
N ARG B 461 -29.67 3.24 -8.69
CA ARG B 461 -30.13 4.08 -9.80
C ARG B 461 -31.32 4.93 -9.40
N LEU B 462 -32.24 4.38 -8.60
CA LEU B 462 -33.40 5.15 -8.16
C LEU B 462 -32.97 6.36 -7.35
N LEU B 463 -32.05 6.15 -6.40
CA LEU B 463 -31.59 7.26 -5.58
C LEU B 463 -30.83 8.29 -6.42
N GLN B 464 -29.99 7.83 -7.34
CA GLN B 464 -29.26 8.77 -8.19
C GLN B 464 -30.20 9.57 -9.06
N ASP B 465 -31.24 8.93 -9.60
CA ASP B 465 -32.23 9.64 -10.41
C ASP B 465 -32.97 10.66 -9.56
N LYS B 466 -33.36 10.29 -8.34
CA LYS B 466 -34.00 11.24 -7.44
C LYS B 466 -33.11 12.45 -7.21
N TRP B 467 -31.82 12.20 -6.96
CA TRP B 467 -30.89 13.30 -6.75
C TRP B 467 -30.78 14.19 -7.98
N ASP B 468 -30.69 13.58 -9.16
CA ASP B 468 -30.46 14.33 -10.40
C ASP B 468 -31.72 15.00 -10.94
N ARG B 469 -32.91 14.65 -10.43
CA ARG B 469 -34.14 15.17 -10.99
C ARG B 469 -34.58 16.44 -10.28
N PHE B 470 -34.89 16.35 -8.98
CA PHE B 470 -35.37 17.48 -8.22
C PHE B 470 -34.64 17.71 -6.91
N VAL B 471 -34.12 16.65 -6.27
CA VAL B 471 -33.52 16.82 -4.95
C VAL B 471 -32.29 17.69 -5.01
N LYS B 472 -31.58 17.67 -6.14
CA LYS B 472 -30.35 18.46 -6.24
C LYS B 472 -30.64 19.95 -6.06
N ARG B 473 -31.68 20.44 -6.75
CA ARG B 473 -32.00 21.86 -6.66
C ARG B 473 -32.37 22.26 -5.23
N ILE B 474 -33.22 21.46 -4.59
CA ILE B 474 -33.65 21.78 -3.23
C ILE B 474 -32.48 21.73 -2.27
N PHE B 475 -31.61 20.73 -2.40
CA PHE B 475 -30.46 20.63 -1.50
C PHE B 475 -29.52 21.80 -1.69
N TYR B 476 -29.28 22.21 -2.94
CA TYR B 476 -28.41 23.37 -3.17
C TYR B 476 -29.04 24.64 -2.64
N PHE B 477 -30.36 24.77 -2.78
CA PHE B 477 -31.04 25.93 -2.20
C PHE B 477 -30.89 25.95 -0.69
N ASN B 478 -31.01 24.80 -0.04
CA ASN B 478 -30.80 24.71 1.40
C ASN B 478 -29.37 25.08 1.77
N PHE B 479 -28.40 24.63 0.97
CA PHE B 479 -27.01 24.97 1.21
C PHE B 479 -26.81 26.48 1.14
N PHE B 480 -27.36 27.12 0.11
CA PHE B 480 -27.23 28.56 -0.02
C PHE B 480 -27.92 29.28 1.14
N VAL B 481 -29.09 28.80 1.55
CA VAL B 481 -29.81 29.42 2.65
C VAL B 481 -28.99 29.32 3.93
N TYR B 482 -28.37 28.16 4.17
CA TYR B 482 -27.54 27.99 5.36
C TYR B 482 -26.35 28.94 5.32
N CYS B 483 -25.71 29.08 4.14
CA CYS B 483 -24.59 30.00 4.02
C CYS B 483 -25.02 31.44 4.30
N LEU B 484 -26.17 31.83 3.76
CA LEU B 484 -26.67 33.18 3.99
C LEU B 484 -26.95 33.40 5.46
N TYR B 485 -27.64 32.45 6.10
CA TYR B 485 -27.95 32.57 7.52
C TYR B 485 -26.70 32.66 8.36
N MET B 486 -25.67 31.87 8.03
CA MET B 486 -24.49 31.84 8.87
C MET B 486 -23.62 33.07 8.65
N ILE B 487 -23.61 33.61 7.43
CA ILE B 487 -22.94 34.90 7.23
C ILE B 487 -23.67 35.99 8.00
N ILE B 488 -25.00 35.93 8.04
CA ILE B 488 -25.77 36.88 8.82
C ILE B 488 -25.39 36.76 10.31
N PHE B 489 -25.29 35.53 10.80
CA PHE B 489 -24.90 35.32 12.19
C PHE B 489 -23.51 35.86 12.46
N THR B 490 -22.56 35.60 11.56
CA THR B 490 -21.20 36.07 11.77
C THR B 490 -21.15 37.60 11.80
N ALA B 491 -21.86 38.25 10.89
CA ALA B 491 -21.91 39.71 10.88
C ALA B 491 -22.54 40.25 12.15
N ALA B 492 -23.63 39.63 12.61
CA ALA B 492 -24.32 40.12 13.79
C ALA B 492 -23.48 39.94 15.04
N ALA B 493 -22.82 38.79 15.18
CA ALA B 493 -22.02 38.52 16.37
C ALA B 493 -20.76 39.36 16.39
N TYR B 494 -20.07 39.46 15.25
CA TYR B 494 -18.80 40.19 15.20
C TYR B 494 -19.00 41.64 15.62
N TYR B 495 -20.09 42.26 15.18
CA TYR B 495 -20.35 43.67 15.45
C TYR B 495 -21.09 43.88 16.77
N ARG B 496 -21.02 42.92 17.69
CA ARG B 496 -21.67 43.08 18.97
C ARG B 496 -21.03 44.23 19.75
N PRO B 497 -21.81 45.01 20.49
CA PRO B 497 -21.21 46.11 21.26
C PRO B 497 -20.45 45.60 22.47
N VAL B 498 -19.39 46.34 22.83
CA VAL B 498 -18.56 45.96 23.97
C VAL B 498 -19.16 46.42 25.29
N GLU B 499 -20.17 47.28 25.26
CA GLU B 499 -20.74 47.82 26.49
C GLU B 499 -21.24 46.70 27.40
N GLY B 500 -21.47 47.06 28.66
CA GLY B 500 -22.04 46.14 29.62
C GLY B 500 -23.54 46.02 29.44
N LEU B 501 -24.19 45.48 30.47
CA LEU B 501 -25.63 45.27 30.40
C LEU B 501 -25.96 44.46 29.15
N PRO B 502 -25.68 43.15 29.15
CA PRO B 502 -25.85 42.33 27.95
C PRO B 502 -27.11 42.68 27.18
N PRO B 503 -28.25 42.90 27.86
CA PRO B 503 -29.41 43.44 27.14
C PRO B 503 -29.16 44.89 26.76
N TYR B 504 -28.88 45.12 25.47
CA TYR B 504 -28.48 46.43 24.98
C TYR B 504 -29.68 47.17 24.40
N LYS B 505 -29.85 48.42 24.82
CA LYS B 505 -30.92 49.24 24.25
C LYS B 505 -30.67 49.46 22.77
N LEU B 506 -31.75 49.49 21.99
CA LEU B 506 -31.66 49.65 20.54
C LEU B 506 -31.63 51.14 20.22
N LYS B 507 -30.44 51.69 20.12
CA LYS B 507 -30.29 53.09 19.75
C LYS B 507 -30.75 53.31 18.32
N ASN B 508 -31.33 54.47 18.05
CA ASN B 508 -31.86 54.77 16.72
C ASN B 508 -30.73 54.99 15.74
N THR B 509 -30.33 53.94 15.02
CA THR B 509 -29.25 54.03 14.05
C THR B 509 -29.42 52.90 13.05
N VAL B 510 -29.11 53.19 11.78
CA VAL B 510 -29.31 52.20 10.72
C VAL B 510 -28.43 50.98 10.97
N GLY B 511 -27.18 51.19 11.37
CA GLY B 511 -26.31 50.06 11.67
C GLY B 511 -26.82 49.22 12.82
N ASP B 512 -27.31 49.89 13.88
CA ASP B 512 -27.88 49.15 15.00
C ASP B 512 -29.12 48.36 14.56
N TYR B 513 -29.93 48.96 13.68
CA TYR B 513 -31.10 48.24 13.17
C TYR B 513 -30.68 47.01 12.39
N PHE B 514 -29.65 47.13 11.56
CA PHE B 514 -29.14 45.98 10.82
C PHE B 514 -28.64 44.91 11.78
N ARG B 515 -27.92 45.30 12.83
CA ARG B 515 -27.42 44.33 13.80
C ARG B 515 -28.57 43.63 14.51
N VAL B 516 -29.61 44.38 14.88
CA VAL B 516 -30.76 43.78 15.54
C VAL B 516 -31.46 42.80 14.61
N THR B 517 -31.60 43.17 13.34
CA THR B 517 -32.22 42.26 12.38
C THR B 517 -31.40 40.99 12.22
N GLY B 518 -30.08 41.12 12.16
CA GLY B 518 -29.23 39.95 12.07
C GLY B 518 -29.34 39.05 13.30
N GLU B 519 -29.38 39.66 14.48
CA GLU B 519 -29.55 38.88 15.70
C GLU B 519 -30.89 38.16 15.71
N ILE B 520 -31.95 38.83 15.29
CA ILE B 520 -33.27 38.20 15.24
C ILE B 520 -33.26 37.03 14.28
N LEU B 521 -32.66 37.21 13.10
CA LEU B 521 -32.57 36.13 12.14
C LEU B 521 -31.77 34.95 12.71
N SER B 522 -30.66 35.24 13.39
CA SER B 522 -29.85 34.18 13.96
C SER B 522 -30.63 33.41 15.02
N VAL B 523 -31.36 34.12 15.88
CA VAL B 523 -32.12 33.44 16.93
C VAL B 523 -33.26 32.63 16.33
N SER B 524 -33.89 33.14 15.27
CA SER B 524 -34.93 32.37 14.60
C SER B 524 -34.36 31.09 13.99
N GLY B 525 -33.18 31.20 13.36
CA GLY B 525 -32.55 30.00 12.83
C GLY B 525 -32.18 29.00 13.91
N GLY B 526 -31.70 29.51 15.05
CA GLY B 526 -31.38 28.62 16.15
C GLY B 526 -32.61 27.90 16.69
N VAL B 527 -33.73 28.63 16.81
CA VAL B 527 -34.97 28.00 17.25
C VAL B 527 -35.43 26.96 16.25
N TYR B 528 -35.31 27.28 14.95
CA TYR B 528 -35.69 26.32 13.92
C TYR B 528 -34.85 25.05 14.01
N PHE B 529 -33.54 25.20 14.23
CA PHE B 529 -32.68 24.03 14.33
C PHE B 529 -32.97 23.23 15.59
N PHE B 530 -33.28 23.92 16.70
CA PHE B 530 -33.68 23.24 17.92
C PHE B 530 -34.94 22.39 17.67
N PHE B 531 -35.93 22.98 17.01
CA PHE B 531 -37.16 22.25 16.72
C PHE B 531 -36.90 21.11 15.74
N ARG B 532 -35.98 21.30 14.79
CA ARG B 532 -35.60 20.22 13.89
C ARG B 532 -34.98 19.06 14.67
N GLY B 533 -34.09 19.36 15.60
CA GLY B 533 -33.50 18.30 16.42
C GLY B 533 -34.55 17.57 17.23
N ILE B 534 -35.47 18.31 17.85
CA ILE B 534 -36.52 17.67 18.63
C ILE B 534 -37.39 16.81 17.74
N GLN B 535 -37.75 17.31 16.55
CA GLN B 535 -38.57 16.56 15.62
C GLN B 535 -37.88 15.28 15.18
N TYR B 536 -36.57 15.35 14.89
CA TYR B 536 -35.86 14.16 14.46
C TYR B 536 -35.76 13.15 15.60
N PHE B 537 -35.56 13.62 16.83
CA PHE B 537 -35.52 12.71 17.97
C PHE B 537 -36.87 12.04 18.20
N LEU B 538 -37.96 12.78 17.97
CA LEU B 538 -39.29 12.21 18.22
C LEU B 538 -39.76 11.30 17.09
N GLN B 539 -39.41 11.61 15.84
CA GLN B 539 -39.91 10.85 14.70
C GLN B 539 -39.12 9.57 14.49
N ARG B 540 -37.82 9.71 14.20
CA ARG B 540 -36.99 8.53 13.95
C ARG B 540 -36.95 7.60 15.16
N ARG B 541 -37.21 8.12 16.35
CA ARG B 541 -37.15 7.33 17.57
C ARG B 541 -35.84 6.55 17.62
N PRO B 542 -34.72 7.23 17.79
CA PRO B 542 -33.44 6.51 17.93
C PRO B 542 -33.47 5.62 19.17
N SER B 543 -32.69 4.54 19.11
CA SER B 543 -32.70 3.53 20.15
C SER B 543 -32.02 3.97 21.44
N LEU B 544 -31.69 5.25 21.59
CA LEU B 544 -30.94 5.83 22.72
C LEU B 544 -29.46 5.50 22.59
N LYS B 545 -29.07 4.70 21.60
CA LYS B 545 -27.67 4.39 21.32
C LYS B 545 -27.25 4.82 19.93
N SER B 546 -28.20 4.95 18.99
CA SER B 546 -27.87 5.40 17.65
C SER B 546 -27.60 6.90 17.58
N LEU B 547 -27.90 7.64 18.66
CA LEU B 547 -27.67 9.08 18.66
C LEU B 547 -26.18 9.38 18.49
N PHE B 548 -25.33 8.68 19.23
CA PHE B 548 -23.89 8.89 19.17
C PHE B 548 -23.19 7.95 18.20
N VAL B 549 -23.92 7.03 17.56
CA VAL B 549 -23.29 5.99 16.75
C VAL B 549 -23.30 6.38 15.28
N ASP B 550 -24.49 6.62 14.73
CA ASP B 550 -24.62 6.91 13.30
C ASP B 550 -25.31 8.23 12.99
N SER B 551 -25.69 9.00 14.00
CA SER B 551 -26.34 10.30 13.81
C SER B 551 -25.49 11.36 14.50
N TYR B 552 -24.46 11.84 13.80
CA TYR B 552 -23.63 12.92 14.31
C TYR B 552 -24.09 14.28 13.81
N SER B 553 -24.48 14.37 12.53
CA SER B 553 -24.90 15.65 11.98
C SER B 553 -26.06 16.23 12.77
N GLU B 554 -27.12 15.44 12.98
CA GLU B 554 -28.25 15.92 13.75
C GLU B 554 -27.84 16.29 15.17
N ILE B 555 -26.96 15.50 15.78
CA ILE B 555 -26.51 15.80 17.13
C ILE B 555 -25.76 17.12 17.17
N LEU B 556 -24.86 17.33 16.22
CA LEU B 556 -24.09 18.57 16.19
C LEU B 556 -25.01 19.77 15.97
N PHE B 557 -25.96 19.65 15.05
CA PHE B 557 -26.88 20.74 14.79
C PHE B 557 -27.73 21.05 16.03
N PHE B 558 -28.21 20.00 16.71
CA PHE B 558 -29.00 20.19 17.92
C PHE B 558 -28.19 20.85 19.02
N VAL B 559 -26.93 20.44 19.21
CA VAL B 559 -26.09 21.05 20.23
C VAL B 559 -25.77 22.51 19.89
N GLN B 560 -25.55 22.83 18.61
CA GLN B 560 -25.37 24.22 18.21
C GLN B 560 -26.62 25.03 18.52
N SER B 561 -27.80 24.45 18.25
CA SER B 561 -29.05 25.14 18.59
C SER B 561 -29.15 25.35 20.10
N LEU B 562 -28.75 24.35 20.89
CA LEU B 562 -28.76 24.52 22.34
C LEU B 562 -27.84 25.66 22.76
N PHE B 563 -26.66 25.75 22.14
CA PHE B 563 -25.74 26.84 22.46
C PHE B 563 -26.36 28.19 22.11
N MET B 564 -27.02 28.28 20.96
CA MET B 564 -27.70 29.53 20.59
C MET B 564 -28.77 29.89 21.61
N LEU B 565 -29.57 28.91 22.02
CA LEU B 565 -30.67 29.19 22.94
C LEU B 565 -30.14 29.61 24.31
N VAL B 566 -29.07 28.95 24.78
CA VAL B 566 -28.47 29.36 26.05
C VAL B 566 -27.88 30.76 25.92
N SER B 567 -27.31 31.08 24.75
CA SER B 567 -26.79 32.42 24.54
C SER B 567 -27.92 33.46 24.62
N VAL B 568 -29.06 33.17 24.01
CA VAL B 568 -30.18 34.09 24.07
C VAL B 568 -30.67 34.23 25.51
N VAL B 569 -30.75 33.12 26.24
CA VAL B 569 -31.21 33.17 27.62
C VAL B 569 -30.27 34.02 28.47
N LEU B 570 -28.96 33.85 28.29
CA LEU B 570 -28.01 34.66 29.04
C LEU B 570 -28.07 36.12 28.62
N TYR B 571 -28.31 36.38 27.33
CA TYR B 571 -28.45 37.76 26.87
C TYR B 571 -29.62 38.45 27.56
N PHE B 572 -30.74 37.74 27.69
CA PHE B 572 -31.92 38.29 28.36
C PHE B 572 -31.87 38.12 29.88
N SER B 573 -30.82 37.48 30.42
CA SER B 573 -30.70 37.25 31.85
C SER B 573 -29.64 38.17 32.49
N GLN B 574 -29.25 39.23 31.79
CA GLN B 574 -28.27 40.19 32.31
C GLN B 574 -26.94 39.51 32.64
N ARG B 575 -26.59 38.47 31.90
CA ARG B 575 -25.33 37.75 32.06
C ARG B 575 -24.45 38.00 30.85
N LYS B 576 -23.23 38.46 31.10
CA LYS B 576 -22.26 38.66 30.02
C LYS B 576 -21.57 37.38 29.60
N GLU B 577 -21.97 36.23 30.17
CA GLU B 577 -21.43 34.94 29.75
C GLU B 577 -22.06 34.44 28.46
N TYR B 578 -23.10 35.13 27.95
CA TYR B 578 -23.73 34.69 26.72
C TYR B 578 -22.73 34.60 25.57
N VAL B 579 -21.74 35.49 25.56
CA VAL B 579 -20.69 35.40 24.54
C VAL B 579 -20.05 34.03 24.58
N ALA B 580 -19.68 33.57 25.78
CA ALA B 580 -19.06 32.26 25.93
C ALA B 580 -19.91 31.16 25.32
N SER B 581 -21.23 31.33 25.29
CA SER B 581 -22.09 30.40 24.58
C SER B 581 -22.21 30.76 23.10
N MET B 582 -22.47 32.04 22.80
CA MET B 582 -22.68 32.43 21.41
C MET B 582 -21.49 32.04 20.55
N VAL B 583 -20.28 32.38 21.00
CA VAL B 583 -19.09 32.09 20.21
C VAL B 583 -18.93 30.60 19.98
N PHE B 584 -19.48 29.76 20.85
CA PHE B 584 -19.40 28.32 20.66
C PHE B 584 -20.36 27.82 19.58
N SER B 585 -21.47 28.51 19.36
CA SER B 585 -22.37 28.13 18.28
C SER B 585 -21.93 28.69 16.93
N LEU B 586 -21.02 29.67 16.93
CA LEU B 586 -20.50 30.23 15.69
C LEU B 586 -19.42 29.33 15.09
N ALA B 587 -18.29 29.18 15.80
CA ALA B 587 -17.22 28.32 15.30
C ALA B 587 -17.75 26.93 14.97
N MET B 588 -18.28 26.23 15.98
CA MET B 588 -18.89 24.93 15.74
C MET B 588 -19.85 24.99 14.57
N GLY B 589 -20.61 26.07 14.44
CA GLY B 589 -21.55 26.17 13.35
C GLY B 589 -20.88 26.03 12.00
N TRP B 590 -19.78 26.76 11.79
CA TRP B 590 -19.08 26.68 10.53
C TRP B 590 -18.60 25.26 10.27
N THR B 591 -18.24 24.52 11.32
CA THR B 591 -17.85 23.13 11.13
C THR B 591 -18.98 22.31 10.54
N ASN B 592 -20.21 22.55 11.01
CA ASN B 592 -21.36 21.86 10.44
C ASN B 592 -21.54 22.17 8.96
N MET B 593 -20.92 23.23 8.45
CA MET B 593 -20.93 23.47 7.01
C MET B 593 -20.39 22.29 6.23
N LEU B 594 -19.67 21.37 6.89
CA LEU B 594 -19.27 20.12 6.27
C LEU B 594 -20.46 19.20 6.01
N TYR B 595 -21.58 19.40 6.69
CA TYR B 595 -22.76 18.58 6.49
C TYR B 595 -23.37 18.75 5.11
N TYR B 596 -23.22 19.94 4.51
CA TYR B 596 -23.72 20.18 3.17
C TYR B 596 -22.77 19.71 2.08
N THR B 597 -21.71 19.01 2.47
CA THR B 597 -20.80 18.39 1.50
C THR B 597 -21.24 16.99 1.09
N ARG B 598 -22.31 16.46 1.70
CA ARG B 598 -22.79 15.14 1.36
C ARG B 598 -23.22 15.05 -0.10
N GLY B 599 -23.60 16.16 -0.72
CA GLY B 599 -24.14 16.14 -2.05
C GLY B 599 -23.09 16.05 -3.14
N PHE B 600 -21.85 16.37 -2.81
CA PHE B 600 -20.75 16.31 -3.76
C PHE B 600 -19.92 15.06 -3.49
N GLN B 601 -19.70 14.26 -4.53
CA GLN B 601 -19.11 12.94 -4.34
C GLN B 601 -17.74 13.03 -3.69
N GLN B 602 -16.85 13.84 -4.27
CA GLN B 602 -15.49 13.93 -3.74
C GLN B 602 -15.49 14.56 -2.35
N MET B 603 -16.19 15.67 -2.19
CA MET B 603 -16.23 16.33 -0.88
C MET B 603 -16.97 15.49 0.14
N GLY B 604 -18.03 14.79 -0.27
CA GLY B 604 -18.71 13.90 0.65
C GLY B 604 -17.82 12.76 1.12
N ILE B 605 -17.04 12.18 0.20
CA ILE B 605 -16.10 11.13 0.58
C ILE B 605 -15.04 11.69 1.50
N TYR B 606 -14.59 12.92 1.25
CA TYR B 606 -13.64 13.57 2.15
C TYR B 606 -14.23 13.73 3.55
N ALA B 607 -15.49 14.17 3.63
CA ALA B 607 -16.13 14.32 4.93
C ALA B 607 -16.28 12.98 5.64
N VAL B 608 -16.59 11.92 4.89
CA VAL B 608 -16.70 10.59 5.49
C VAL B 608 -15.35 10.13 6.02
N MET B 609 -14.28 10.37 5.27
CA MET B 609 -12.94 10.07 5.77
C MET B 609 -12.65 10.85 7.04
N ILE B 610 -13.05 12.12 7.08
CA ILE B 610 -12.84 12.93 8.28
C ILE B 610 -13.57 12.30 9.47
N GLU B 611 -14.82 11.89 9.24
CA GLU B 611 -15.60 11.26 10.31
C GLU B 611 -14.90 10.01 10.83
N LYS B 612 -14.51 9.12 9.92
CA LYS B 612 -13.89 7.85 10.34
C LYS B 612 -12.57 8.10 11.07
N MET B 613 -11.74 8.99 10.53
CA MET B 613 -10.46 9.27 11.15
C MET B 613 -10.64 9.82 12.56
N ILE B 614 -11.51 10.83 12.70
CA ILE B 614 -11.75 11.40 14.03
C ILE B 614 -12.28 10.33 14.97
N LEU B 615 -13.16 9.45 14.46
CA LEU B 615 -13.74 8.44 15.32
C LEU B 615 -12.68 7.49 15.87
N ARG B 616 -11.85 6.94 14.99
CA ARG B 616 -10.91 5.89 15.41
C ARG B 616 -9.52 6.43 15.73
N ASP B 617 -8.83 6.98 14.73
CA ASP B 617 -7.40 7.24 14.88
C ASP B 617 -7.16 8.47 15.75
N LEU B 618 -7.92 9.53 15.52
CA LEU B 618 -7.75 10.73 16.33
C LEU B 618 -8.11 10.45 17.78
N CYS B 619 -9.13 9.61 18.01
CA CYS B 619 -9.52 9.26 19.36
C CYS B 619 -8.42 8.48 20.08
N ARG B 620 -7.90 7.43 19.44
CA ARG B 620 -6.84 6.65 20.08
C ARG B 620 -5.60 7.52 20.33
N PHE B 621 -5.22 8.33 19.34
CA PHE B 621 -4.06 9.18 19.50
C PHE B 621 -4.26 10.17 20.64
N MET B 622 -5.47 10.74 20.75
CA MET B 622 -5.72 11.69 21.83
C MET B 622 -5.65 11.00 23.18
N PHE B 623 -6.19 9.79 23.28
CA PHE B 623 -6.07 9.02 24.52
C PHE B 623 -4.60 8.91 24.93
N VAL B 624 -3.78 8.35 24.04
CA VAL B 624 -2.39 8.08 24.40
C VAL B 624 -1.63 9.38 24.64
N TYR B 625 -1.86 10.39 23.80
CA TYR B 625 -1.13 11.64 23.93
C TYR B 625 -1.51 12.39 25.20
N LEU B 626 -2.79 12.35 25.58
CA LEU B 626 -3.19 12.94 26.85
C LEU B 626 -2.53 12.20 28.00
N VAL B 627 -2.47 10.88 27.93
CA VAL B 627 -1.74 10.13 28.96
C VAL B 627 -0.33 10.68 29.09
N PHE B 628 0.41 10.68 27.99
CA PHE B 628 1.81 11.11 28.02
C PHE B 628 1.94 12.56 28.51
N LEU B 629 1.10 13.45 27.97
CA LEU B 629 1.21 14.87 28.28
C LEU B 629 0.90 15.13 29.74
N PHE B 630 -0.16 14.51 30.28
CA PHE B 630 -0.46 14.69 31.69
C PHE B 630 0.67 14.17 32.55
N GLY B 631 1.21 13.00 32.22
CA GLY B 631 2.30 12.45 33.02
C GLY B 631 3.51 13.36 33.04
N PHE B 632 3.95 13.81 31.87
CA PHE B 632 5.16 14.63 31.81
C PHE B 632 4.94 16.04 32.32
N SER B 633 3.74 16.61 32.13
CA SER B 633 3.44 17.90 32.72
C SER B 633 3.43 17.82 34.24
N THR B 634 2.85 16.76 34.80
CA THR B 634 2.91 16.58 36.24
C THR B 634 4.34 16.44 36.72
N ALA B 635 5.15 15.66 36.02
CA ALA B 635 6.55 15.51 36.39
C ALA B 635 7.27 16.85 36.38
N VAL B 636 7.14 17.60 35.28
CA VAL B 636 7.86 18.87 35.15
C VAL B 636 7.39 19.86 36.20
N VAL B 637 6.08 19.94 36.42
CA VAL B 637 5.55 20.93 37.37
C VAL B 637 5.95 20.55 38.80
N THR B 638 6.04 19.25 39.11
CA THR B 638 6.60 18.85 40.39
C THR B 638 8.06 19.28 40.50
N LEU B 639 8.82 19.14 39.40
CA LEU B 639 10.21 19.54 39.39
C LEU B 639 10.39 21.04 39.31
N ILE B 640 9.46 21.76 38.70
CA ILE B 640 9.58 23.21 38.53
C ILE B 640 9.15 23.91 39.80
N GLU B 641 10.00 24.80 40.30
CA GLU B 641 9.68 25.71 41.40
C GLU B 641 10.97 26.27 42.00
N SER B 667 6.74 31.00 38.30
CA SER B 667 5.50 31.37 37.63
C SER B 667 4.95 30.21 36.80
N TYR B 668 5.80 29.24 36.51
CA TYR B 668 5.42 28.06 35.74
C TYR B 668 5.13 26.87 36.65
N ASN B 669 5.03 27.08 37.96
CA ASN B 669 4.72 25.99 38.88
C ASN B 669 3.28 25.52 38.77
N SER B 670 2.44 26.20 37.99
CA SER B 670 1.08 25.76 37.80
C SER B 670 1.02 24.61 36.79
N LEU B 671 0.07 23.70 37.01
CA LEU B 671 -0.10 22.56 36.11
C LEU B 671 -0.55 23.02 34.72
N TYR B 672 -1.43 24.01 34.67
CA TYR B 672 -1.97 24.48 33.39
C TYR B 672 -0.86 25.03 32.49
N SER B 673 0.02 25.86 33.06
CA SER B 673 1.08 26.46 32.26
C SER B 673 2.03 25.40 31.73
N THR B 674 2.40 24.44 32.57
CA THR B 674 3.30 23.37 32.14
C THR B 674 2.65 22.52 31.05
N CYS B 675 1.37 22.21 31.21
CA CYS B 675 0.68 21.44 30.17
C CYS B 675 0.65 22.20 28.86
N LEU B 676 0.38 23.50 28.90
CA LEU B 676 0.37 24.29 27.67
C LEU B 676 1.75 24.32 27.04
N GLU B 677 2.79 24.49 27.85
CA GLU B 677 4.15 24.53 27.30
C GLU B 677 4.52 23.20 26.66
N LEU B 678 4.10 22.09 27.28
CA LEU B 678 4.40 20.77 26.70
C LEU B 678 3.58 20.53 25.44
N PHE B 679 2.33 21.00 25.40
CA PHE B 679 1.52 20.85 24.20
C PHE B 679 2.06 21.69 23.06
N LYS B 680 2.72 22.82 23.37
CA LYS B 680 3.31 23.63 22.31
C LYS B 680 4.40 22.89 21.57
N PHE B 681 4.93 21.80 22.13
CA PHE B 681 5.90 20.98 21.40
C PHE B 681 5.24 20.23 20.25
N THR B 682 3.96 19.88 20.40
CA THR B 682 3.27 19.15 19.34
C THR B 682 2.97 20.05 18.14
N ILE B 683 2.83 21.35 18.36
CA ILE B 683 2.65 22.31 17.27
C ILE B 683 3.99 22.92 16.93
N GLY B 684 5.07 22.26 17.35
CA GLY B 684 6.41 22.70 16.98
C GLY B 684 6.75 24.09 17.47
N MET B 685 6.42 24.40 18.73
CA MET B 685 6.75 25.69 19.32
C MET B 685 7.33 25.56 20.71
N GLY B 686 7.66 24.35 21.16
CA GLY B 686 8.22 24.20 22.48
C GLY B 686 9.54 24.94 22.60
N ASP B 687 9.67 25.70 23.69
CA ASP B 687 10.91 26.47 23.92
C ASP B 687 12.08 25.54 24.18
N LEU B 688 11.87 24.48 24.95
CA LEU B 688 12.89 23.54 25.43
C LEU B 688 13.69 24.12 26.58
N GLU B 689 13.59 25.42 26.86
CA GLU B 689 14.24 26.05 28.00
C GLU B 689 13.30 27.05 28.67
N PHE B 690 12.00 26.78 28.62
CA PHE B 690 11.00 27.79 28.98
C PHE B 690 11.08 28.21 30.45
N THR B 691 11.80 27.48 31.28
CA THR B 691 11.94 27.83 32.69
C THR B 691 13.38 27.63 33.13
N GLU B 692 13.69 28.13 34.32
CA GLU B 692 14.99 27.93 34.95
C GLU B 692 14.84 27.65 36.44
N ASN B 693 13.63 27.32 36.90
CA ASN B 693 13.38 27.02 38.30
C ASN B 693 13.52 25.55 38.62
N TYR B 694 13.74 24.70 37.62
CA TYR B 694 13.80 23.25 37.86
C TYR B 694 14.82 22.91 38.94
N ASP B 695 15.97 23.60 38.93
CA ASP B 695 17.02 23.38 39.92
C ASP B 695 17.77 22.08 39.68
N PHE B 696 17.29 21.26 38.75
CA PHE B 696 17.97 20.03 38.33
C PHE B 696 17.91 20.02 36.80
N LYS B 697 18.91 20.64 36.17
CA LYS B 697 18.86 20.80 34.73
C LYS B 697 18.85 19.47 34.01
N ALA B 698 19.64 18.50 34.50
CA ALA B 698 19.73 17.21 33.83
C ALA B 698 18.37 16.51 33.80
N VAL B 699 17.67 16.50 34.93
CA VAL B 699 16.41 15.76 35.02
C VAL B 699 15.36 16.42 34.14
N PHE B 700 15.22 17.74 34.22
CA PHE B 700 14.24 18.44 33.41
C PHE B 700 14.53 18.29 31.92
N ILE B 701 15.80 18.39 31.55
CA ILE B 701 16.18 18.24 30.14
C ILE B 701 15.86 16.83 29.66
N ILE B 702 16.18 15.82 30.48
CA ILE B 702 15.87 14.44 30.11
C ILE B 702 14.37 14.27 29.93
N LEU B 703 13.58 14.84 30.84
CA LEU B 703 12.13 14.71 30.77
C LEU B 703 11.60 15.33 29.47
N LEU B 704 12.02 16.56 29.17
CA LEU B 704 11.54 17.21 27.96
C LEU B 704 11.98 16.45 26.71
N LEU B 705 13.23 16.00 26.67
CA LEU B 705 13.69 15.25 25.50
C LEU B 705 12.89 13.98 25.32
N ALA B 706 12.68 13.22 26.40
CA ALA B 706 11.93 11.97 26.30
C ALA B 706 10.51 12.23 25.84
N TYR B 707 9.87 13.27 26.37
CA TYR B 707 8.52 13.60 25.94
C TYR B 707 8.49 13.95 24.46
N VAL B 708 9.46 14.74 24.00
CA VAL B 708 9.48 15.16 22.60
C VAL B 708 9.64 13.94 21.69
N ILE B 709 10.59 13.07 22.01
CA ILE B 709 10.80 11.90 21.15
C ILE B 709 9.59 10.98 21.19
N LEU B 710 8.95 10.83 22.35
CA LEU B 710 7.82 9.91 22.46
C LEU B 710 6.60 10.42 21.71
N THR B 711 6.28 11.71 21.87
CA THR B 711 5.05 12.26 21.30
C THR B 711 5.26 12.88 19.92
N TYR B 712 6.09 13.92 19.84
CA TYR B 712 6.22 14.64 18.58
C TYR B 712 6.81 13.77 17.48
N ILE B 713 7.96 13.16 17.75
CA ILE B 713 8.63 12.40 16.70
C ILE B 713 7.87 11.12 16.38
N LEU B 714 7.43 10.39 17.41
CA LEU B 714 6.85 9.07 17.23
C LEU B 714 5.33 9.13 17.09
N LEU B 715 4.66 9.69 18.10
CA LEU B 715 3.21 9.57 18.16
C LEU B 715 2.54 10.30 17.00
N LEU B 716 3.04 11.49 16.63
CA LEU B 716 2.44 12.22 15.53
C LEU B 716 2.68 11.52 14.20
N ASN B 717 3.93 11.10 13.96
CA ASN B 717 4.22 10.31 12.77
C ASN B 717 3.45 9.00 12.78
N MET B 718 3.22 8.44 13.97
CA MET B 718 2.40 7.24 14.08
C MET B 718 0.95 7.52 13.68
N LEU B 719 0.41 8.65 14.11
CA LEU B 719 -0.93 9.03 13.70
C LEU B 719 -0.98 9.16 12.17
N ILE B 720 0.05 9.77 11.59
CA ILE B 720 0.12 9.89 10.14
C ILE B 720 0.07 8.53 9.47
N ALA B 721 0.90 7.59 9.95
CA ALA B 721 0.95 6.26 9.34
C ALA B 721 -0.37 5.53 9.50
N LEU B 722 -0.98 5.65 10.69
CA LEU B 722 -2.27 5.00 10.93
C LEU B 722 -3.33 5.56 9.98
N MET B 723 -3.33 6.87 9.77
CA MET B 723 -4.30 7.49 8.87
C MET B 723 -4.06 7.07 7.43
N GLY B 724 -2.80 6.97 7.01
CA GLY B 724 -2.52 6.46 5.67
C GLY B 724 -3.04 5.04 5.49
N GLU B 725 -2.75 4.16 6.43
CA GLU B 725 -3.24 2.79 6.34
C GLU B 725 -4.76 2.73 6.38
N THR B 726 -5.40 3.64 7.14
CA THR B 726 -6.85 3.64 7.23
C THR B 726 -7.49 4.10 5.93
N VAL B 727 -6.99 5.20 5.36
CA VAL B 727 -7.51 5.66 4.07
C VAL B 727 -7.26 4.62 3.01
N ASN B 728 -6.19 3.82 3.15
CA ASN B 728 -5.91 2.78 2.18
C ASN B 728 -6.89 1.61 2.26
N LYS B 729 -7.76 1.58 3.28
CA LYS B 729 -8.64 0.44 3.49
C LYS B 729 -10.11 0.81 3.68
N ILE B 730 -10.48 2.08 3.52
CA ILE B 730 -11.88 2.48 3.70
C ILE B 730 -12.35 3.32 2.53
N ALA B 731 -11.73 3.16 1.37
CA ALA B 731 -12.15 3.91 0.19
C ALA B 731 -13.57 3.55 -0.20
N GLN B 732 -13.81 2.28 -0.55
CA GLN B 732 -15.14 1.85 -0.93
C GLN B 732 -16.12 1.97 0.23
N GLU B 733 -15.66 1.71 1.46
CA GLU B 733 -16.53 1.90 2.61
C GLU B 733 -16.93 3.36 2.76
N SER B 734 -16.00 4.28 2.56
CA SER B 734 -16.33 5.70 2.62
C SER B 734 -17.32 6.08 1.52
N LYS B 735 -17.13 5.56 0.31
CA LYS B 735 -18.06 5.83 -0.76
C LYS B 735 -19.46 5.32 -0.42
N ASN B 736 -19.54 4.10 0.13
CA ASN B 736 -20.84 3.54 0.50
C ASN B 736 -21.50 4.38 1.59
N ILE B 737 -20.72 4.85 2.57
CA ILE B 737 -21.29 5.67 3.63
C ILE B 737 -21.77 7.00 3.05
N TRP B 738 -21.04 7.57 2.09
CA TRP B 738 -21.50 8.79 1.45
C TRP B 738 -22.82 8.56 0.72
N LYS B 739 -22.94 7.44 0.02
CA LYS B 739 -24.19 7.13 -0.67
C LYS B 739 -25.33 6.95 0.33
N LEU B 740 -25.03 6.32 1.48
CA LEU B 740 -26.06 6.18 2.52
C LEU B 740 -26.49 7.53 3.05
N GLN B 741 -25.55 8.44 3.26
CA GLN B 741 -25.90 9.79 3.71
C GLN B 741 -26.76 10.50 2.67
N ARG B 742 -26.41 10.33 1.39
CA ARG B 742 -27.23 10.93 0.33
C ARG B 742 -28.63 10.35 0.33
N ALA B 743 -28.75 9.03 0.57
CA ALA B 743 -30.06 8.41 0.65
C ALA B 743 -30.87 8.99 1.81
N ILE B 744 -30.22 9.19 2.96
CA ILE B 744 -30.90 9.75 4.11
C ILE B 744 -31.40 11.16 3.80
N THR B 745 -30.55 11.97 3.17
CA THR B 745 -30.96 13.33 2.81
C THR B 745 -32.10 13.30 1.82
N ILE B 746 -32.04 12.40 0.84
CA ILE B 746 -33.09 12.31 -0.17
C ILE B 746 -34.42 11.97 0.48
N LEU B 747 -34.41 10.99 1.39
CA LEU B 747 -35.65 10.59 2.05
C LEU B 747 -36.18 11.71 2.95
N ASP B 748 -35.28 12.41 3.65
CA ASP B 748 -35.73 13.51 4.50
C ASP B 748 -36.38 14.60 3.66
N THR B 749 -35.78 14.94 2.52
CA THR B 749 -36.38 15.94 1.64
C THR B 749 -37.73 15.45 1.09
N GLU B 750 -37.80 14.17 0.71
CA GLU B 750 -39.03 13.64 0.14
C GLU B 750 -40.17 13.68 1.15
N LYS B 751 -39.91 13.23 2.38
CA LYS B 751 -40.96 13.24 3.40
C LYS B 751 -41.29 14.65 3.83
N SER B 752 -40.27 15.46 4.11
CA SER B 752 -40.42 16.87 4.48
C SER B 752 -39.78 17.70 3.38
N PHE B 753 -40.59 18.51 2.70
CA PHE B 753 -40.13 19.30 1.56
C PHE B 753 -40.40 20.80 1.71
N LEU B 754 -41.48 21.19 2.38
CA LEU B 754 -41.76 22.59 2.66
C LEU B 754 -41.91 23.41 1.37
N LYS B 755 -42.34 22.77 0.28
CA LYS B 755 -42.56 23.50 -0.96
C LYS B 755 -43.81 23.05 -1.70
N CYS B 756 -44.60 22.12 -1.15
CA CYS B 756 -45.85 21.69 -1.76
C CYS B 756 -45.64 21.22 -3.20
N MET B 757 -44.85 20.16 -3.32
CA MET B 757 -44.54 19.57 -4.63
C MET B 757 -44.84 18.07 -4.59
N ARG B 758 -45.15 17.52 -5.76
CA ARG B 758 -45.48 16.11 -5.90
C ARG B 758 -44.62 15.45 -6.98
N LYS B 759 -43.40 15.93 -7.17
CA LYS B 759 -42.48 15.37 -8.15
C LYS B 759 -41.63 14.24 -7.58
N ALA B 760 -42.02 13.68 -6.43
CA ALA B 760 -41.32 12.55 -5.85
C ALA B 760 -41.66 11.23 -6.53
N PHE B 761 -42.63 11.23 -7.44
CA PHE B 761 -43.01 10.01 -8.13
C PHE B 761 -41.94 9.61 -9.14
N ARG B 762 -41.90 8.32 -9.46
CA ARG B 762 -40.91 7.76 -10.35
C ARG B 762 -41.53 7.57 -11.73
N SER B 763 -40.80 6.89 -12.62
CA SER B 763 -41.24 6.68 -13.99
C SER B 763 -42.68 6.22 -14.03
N GLY B 764 -43.45 6.80 -14.95
CA GLY B 764 -44.88 6.59 -15.03
C GLY B 764 -45.29 5.12 -15.02
N LYS B 765 -46.53 4.86 -14.62
CA LYS B 765 -47.04 3.50 -14.60
C LYS B 765 -46.95 2.88 -15.97
N LEU B 766 -46.41 1.66 -16.03
CA LEU B 766 -46.23 0.94 -17.28
C LEU B 766 -46.97 -0.39 -17.23
N LEU B 767 -47.55 -0.78 -18.36
CA LEU B 767 -48.26 -2.05 -18.47
C LEU B 767 -47.21 -3.15 -18.57
N GLN B 768 -46.81 -3.67 -17.41
CA GLN B 768 -45.79 -4.71 -17.37
C GLN B 768 -46.13 -5.85 -18.33
N VAL B 769 -47.27 -6.50 -18.12
CA VAL B 769 -47.74 -7.55 -19.00
C VAL B 769 -49.17 -7.25 -19.43
N GLY B 770 -50.01 -6.87 -18.48
CA GLY B 770 -51.41 -6.67 -18.74
C GLY B 770 -52.26 -7.92 -18.66
N PHE B 771 -51.64 -9.08 -18.43
CA PHE B 771 -52.34 -10.36 -18.34
C PHE B 771 -51.99 -11.00 -17.00
N THR B 772 -52.73 -10.66 -15.96
CA THR B 772 -52.56 -11.26 -14.65
C THR B 772 -53.19 -12.65 -14.63
N PRO B 773 -52.86 -13.47 -13.63
CA PRO B 773 -53.48 -14.79 -13.53
C PRO B 773 -55.00 -14.73 -13.54
N ASP B 774 -55.59 -13.66 -13.04
CA ASP B 774 -57.03 -13.44 -13.13
C ASP B 774 -57.45 -12.83 -14.45
N GLY B 775 -56.50 -12.53 -15.34
CA GLY B 775 -56.79 -11.90 -16.61
C GLY B 775 -56.92 -10.41 -16.57
N LYS B 776 -56.63 -9.77 -15.43
CA LYS B 776 -56.76 -8.33 -15.29
C LYS B 776 -55.51 -7.66 -15.86
N ASP B 777 -55.36 -6.36 -15.64
CA ASP B 777 -54.23 -5.59 -16.13
C ASP B 777 -53.24 -5.36 -15.00
N ASP B 778 -51.97 -5.66 -15.26
CA ASP B 778 -50.90 -5.50 -14.27
C ASP B 778 -50.25 -4.13 -14.49
N TYR B 779 -50.59 -3.18 -13.63
CA TYR B 779 -50.04 -1.84 -13.67
C TYR B 779 -49.16 -1.64 -12.44
N ARG B 780 -47.88 -1.37 -12.66
CA ARG B 780 -46.92 -1.17 -11.58
C ARG B 780 -46.03 0.01 -11.92
N TRP B 781 -45.56 0.71 -10.88
CA TRP B 781 -44.71 1.87 -11.07
C TRP B 781 -43.30 1.44 -11.43
N CYS B 782 -43.13 0.90 -12.63
CA CYS B 782 -41.83 0.40 -13.06
C CYS B 782 -40.85 1.55 -13.30
N PHE B 783 -39.56 1.22 -13.20
CA PHE B 783 -38.49 2.16 -13.45
C PHE B 783 -37.57 1.59 -14.53
N ARG B 784 -37.21 2.42 -15.49
CA ARG B 784 -36.58 1.97 -16.73
C ARG B 784 -35.07 2.19 -16.66
N VAL B 785 -34.30 1.14 -16.92
CA VAL B 785 -32.84 1.20 -16.91
C VAL B 785 -32.33 0.53 -18.18
N ASP B 786 -31.59 1.28 -18.99
CA ASP B 786 -31.04 0.75 -20.23
C ASP B 786 -29.66 0.17 -20.01
N GLU B 787 -29.27 -0.78 -20.86
CA GLU B 787 -27.94 -1.35 -20.82
C GLU B 787 -27.64 -1.96 -22.18
N VAL B 788 -26.35 -2.25 -22.41
CA VAL B 788 -25.88 -2.77 -23.69
C VAL B 788 -25.12 -4.06 -23.43
N ASN B 789 -25.44 -5.11 -24.19
CA ASN B 789 -24.74 -6.38 -24.15
C ASN B 789 -24.15 -6.64 -25.53
N TRP B 790 -22.85 -6.91 -25.58
CA TRP B 790 -22.11 -7.00 -26.83
C TRP B 790 -21.72 -8.43 -27.20
N THR B 791 -22.19 -9.43 -26.45
CA THR B 791 -21.78 -10.81 -26.65
C THR B 791 -22.96 -11.62 -27.18
N THR B 792 -22.82 -12.14 -28.39
CA THR B 792 -23.76 -13.05 -29.04
C THR B 792 -25.08 -12.38 -29.41
N TRP B 793 -25.26 -11.10 -29.11
CA TRP B 793 -26.52 -10.43 -29.39
C TRP B 793 -26.28 -9.23 -30.31
N TYR C 235 28.89 -10.78 -53.66
CA TYR C 235 28.65 -11.09 -52.25
C TYR C 235 29.88 -10.77 -51.42
N THR C 236 30.36 -9.54 -51.51
CA THR C 236 31.53 -9.09 -50.78
C THR C 236 31.23 -7.97 -49.78
N ASP C 237 29.99 -7.50 -49.71
CA ASP C 237 29.65 -6.43 -48.79
C ASP C 237 29.67 -6.92 -47.36
N SER C 238 29.88 -5.99 -46.43
CA SER C 238 30.00 -6.35 -45.03
C SER C 238 28.67 -6.68 -44.37
N TYR C 239 27.55 -6.28 -44.98
CA TYR C 239 26.25 -6.54 -44.37
C TYR C 239 25.95 -8.03 -44.30
N TYR C 240 26.37 -8.79 -45.31
CA TYR C 240 26.23 -10.24 -45.33
C TYR C 240 27.56 -10.89 -45.71
N LYS C 241 28.65 -10.42 -45.10
CA LYS C 241 29.97 -10.93 -45.41
C LYS C 241 30.25 -12.21 -44.63
N GLY C 242 30.98 -13.12 -45.28
CA GLY C 242 31.37 -14.37 -44.64
C GLY C 242 30.29 -15.43 -44.67
N GLN C 243 29.03 -15.00 -44.56
CA GLN C 243 27.91 -15.95 -44.55
C GLN C 243 27.93 -16.81 -45.81
N THR C 244 27.83 -18.12 -45.61
CA THR C 244 27.90 -19.10 -46.69
C THR C 244 26.59 -19.86 -46.77
N ALA C 245 26.51 -20.77 -47.74
CA ALA C 245 25.30 -21.56 -47.93
C ALA C 245 24.94 -22.34 -46.67
N LEU C 246 25.95 -22.83 -45.95
CA LEU C 246 25.69 -23.58 -44.72
C LEU C 246 24.97 -22.71 -43.70
N HIS C 247 25.38 -21.45 -43.56
CA HIS C 247 24.71 -20.56 -42.63
C HIS C 247 23.25 -20.35 -43.00
N ILE C 248 22.98 -20.14 -44.29
CA ILE C 248 21.60 -19.94 -44.73
C ILE C 248 20.78 -21.20 -44.45
N ALA C 249 21.35 -22.37 -44.71
CA ALA C 249 20.64 -23.62 -44.44
C ALA C 249 20.35 -23.77 -42.95
N ILE C 250 21.31 -23.42 -42.10
CA ILE C 250 21.09 -23.51 -40.65
C ILE C 250 20.02 -22.53 -40.21
N GLU C 251 19.95 -21.35 -40.85
CA GLU C 251 18.97 -20.34 -40.44
C GLU C 251 17.56 -20.70 -40.86
N ARG C 252 17.39 -21.59 -41.84
CA ARG C 252 16.08 -21.95 -42.35
C ARG C 252 15.42 -23.10 -41.60
N ARG C 253 16.06 -23.61 -40.55
CA ARG C 253 15.56 -24.76 -39.79
C ARG C 253 15.37 -25.98 -40.68
N ASN C 254 16.22 -26.13 -41.70
CA ASN C 254 16.19 -27.27 -42.60
C ASN C 254 17.34 -28.19 -42.25
N MET C 255 17.04 -29.48 -42.06
CA MET C 255 18.02 -30.45 -41.60
C MET C 255 18.60 -31.28 -42.74
N THR C 256 17.76 -31.75 -43.67
CA THR C 256 18.26 -32.52 -44.80
C THR C 256 19.15 -31.66 -45.70
N LEU C 257 18.76 -30.40 -45.91
CA LEU C 257 19.54 -29.52 -46.77
C LEU C 257 20.94 -29.30 -46.20
N VAL C 258 21.03 -29.17 -44.87
CA VAL C 258 22.33 -28.99 -44.24
C VAL C 258 23.23 -30.19 -44.51
N THR C 259 22.68 -31.40 -44.40
CA THR C 259 23.47 -32.59 -44.70
C THR C 259 23.87 -32.62 -46.16
N LEU C 260 22.95 -32.28 -47.06
CA LEU C 260 23.29 -32.26 -48.48
C LEU C 260 24.44 -31.29 -48.76
N LEU C 261 24.42 -30.13 -48.13
CA LEU C 261 25.49 -29.16 -48.32
C LEU C 261 26.80 -29.66 -47.72
N VAL C 262 26.76 -30.19 -46.50
CA VAL C 262 27.98 -30.61 -45.82
C VAL C 262 28.65 -31.75 -46.56
N GLU C 263 27.88 -32.75 -46.98
CA GLU C 263 28.48 -33.90 -47.66
C GLU C 263 29.18 -33.52 -48.95
N ASN C 264 28.83 -32.38 -49.54
CA ASN C 264 29.48 -31.95 -50.77
C ASN C 264 30.89 -31.44 -50.53
N GLY C 265 31.20 -30.99 -49.32
CA GLY C 265 32.53 -30.47 -49.01
C GLY C 265 32.48 -29.10 -48.36
N ALA C 266 31.31 -28.68 -47.89
CA ALA C 266 31.18 -27.38 -47.27
C ALA C 266 32.13 -27.25 -46.08
N ASP C 267 32.76 -26.08 -45.97
CA ASP C 267 33.70 -25.80 -44.88
C ASP C 267 32.95 -25.20 -43.71
N VAL C 268 32.91 -25.93 -42.59
CA VAL C 268 32.21 -25.47 -41.40
C VAL C 268 32.99 -24.43 -40.61
N GLN C 269 34.21 -24.12 -41.02
CA GLN C 269 35.06 -23.17 -40.31
C GLN C 269 35.11 -21.80 -40.99
N ALA C 270 34.28 -21.58 -42.01
CA ALA C 270 34.23 -20.29 -42.70
C ALA C 270 33.50 -19.30 -41.81
N ALA C 271 34.21 -18.83 -40.78
CA ALA C 271 33.61 -17.93 -39.81
C ALA C 271 33.13 -16.66 -40.50
N ALA C 272 31.92 -16.22 -40.13
CA ALA C 272 31.33 -15.01 -40.68
C ALA C 272 31.81 -13.83 -39.84
N ASN C 273 32.64 -12.98 -40.44
CA ASN C 273 33.22 -11.83 -39.76
C ASN C 273 32.55 -10.52 -40.17
N GLY C 274 31.33 -10.58 -40.69
CA GLY C 274 30.66 -9.36 -41.11
C GLY C 274 30.24 -8.50 -39.92
N ASP C 275 30.18 -7.19 -40.16
CA ASP C 275 29.77 -6.28 -39.10
C ASP C 275 28.30 -6.46 -38.74
N PHE C 276 27.51 -7.01 -39.66
CA PHE C 276 26.13 -7.36 -39.34
C PHE C 276 26.09 -8.40 -38.23
N PHE C 277 26.92 -9.44 -38.34
CA PHE C 277 27.09 -10.42 -37.28
C PHE C 277 28.22 -9.95 -36.38
N LYS C 278 27.89 -9.01 -35.49
CA LYS C 278 28.87 -8.42 -34.58
C LYS C 278 29.72 -9.48 -33.89
N GLY C 285 21.78 -5.72 -36.69
CA GLY C 285 21.77 -7.17 -36.79
C GLY C 285 21.92 -7.86 -35.46
N PHE C 286 22.29 -9.13 -35.50
CA PHE C 286 22.49 -9.92 -34.29
C PHE C 286 23.76 -10.73 -34.43
N TYR C 287 24.42 -10.97 -33.29
CA TYR C 287 25.67 -11.72 -33.25
C TYR C 287 25.41 -13.04 -32.53
N PHE C 288 25.61 -14.15 -33.24
CA PHE C 288 25.32 -15.48 -32.71
C PHE C 288 26.57 -16.30 -32.42
N GLY C 289 27.74 -15.89 -32.91
CA GLY C 289 28.96 -16.64 -32.68
C GLY C 289 29.88 -16.66 -33.87
N GLU C 290 29.38 -16.21 -35.02
CA GLU C 290 30.17 -16.09 -36.24
C GLU C 290 30.67 -17.43 -36.77
N LEU C 291 30.08 -18.54 -36.29
CA LEU C 291 30.40 -19.86 -36.79
C LEU C 291 29.11 -20.62 -37.04
N PRO C 292 29.10 -21.54 -38.01
CA PRO C 292 27.87 -22.32 -38.24
C PRO C 292 27.45 -23.12 -37.02
N LEU C 293 28.41 -23.66 -36.26
CA LEU C 293 28.08 -24.45 -35.08
C LEU C 293 27.43 -23.58 -34.01
N SER C 294 28.04 -22.43 -33.71
CA SER C 294 27.45 -21.53 -32.72
C SER C 294 26.13 -20.95 -33.22
N LEU C 295 26.05 -20.66 -34.52
CA LEU C 295 24.80 -20.14 -35.08
C LEU C 295 23.68 -21.16 -34.92
N ALA C 296 23.96 -22.43 -35.19
CA ALA C 296 22.94 -23.46 -34.98
C ALA C 296 22.61 -23.62 -33.51
N ALA C 297 23.61 -23.61 -32.64
CA ALA C 297 23.36 -23.82 -31.21
C ALA C 297 22.49 -22.72 -30.63
N CYS C 298 22.77 -21.46 -30.99
CA CYS C 298 22.05 -20.32 -30.41
C CYS C 298 20.65 -20.18 -30.97
N THR C 299 20.31 -20.84 -32.07
CA THR C 299 18.98 -20.79 -32.65
C THR C 299 18.11 -21.96 -32.24
N ASN C 300 18.58 -22.78 -31.29
CA ASN C 300 17.83 -23.91 -30.75
C ASN C 300 17.77 -25.08 -31.72
N GLN C 301 18.69 -25.15 -32.69
CA GLN C 301 18.75 -26.27 -33.61
C GLN C 301 19.78 -27.28 -33.12
N LEU C 302 19.41 -27.99 -32.05
CA LEU C 302 20.33 -28.93 -31.43
C LEU C 302 20.69 -30.08 -32.36
N ALA C 303 19.79 -30.44 -33.27
CA ALA C 303 20.09 -31.54 -34.20
C ALA C 303 21.25 -31.17 -35.12
N ILE C 304 21.30 -29.92 -35.59
CA ILE C 304 22.37 -29.50 -36.47
C ILE C 304 23.71 -29.55 -35.73
N VAL C 305 23.73 -29.12 -34.47
CA VAL C 305 24.95 -29.22 -33.67
C VAL C 305 25.34 -30.68 -33.50
N LYS C 306 24.37 -31.54 -33.19
CA LYS C 306 24.67 -32.96 -33.03
C LYS C 306 25.31 -33.54 -34.27
N PHE C 307 24.78 -33.18 -35.45
CA PHE C 307 25.35 -33.68 -36.69
C PHE C 307 26.75 -33.13 -36.91
N LEU C 308 26.92 -31.81 -36.78
CA LEU C 308 28.19 -31.18 -37.12
C LEU C 308 29.31 -31.67 -36.20
N LEU C 309 29.04 -31.77 -34.90
CA LEU C 309 30.10 -32.10 -33.95
C LEU C 309 30.70 -33.48 -34.24
N GLN C 310 29.87 -34.46 -34.56
CA GLN C 310 30.30 -35.84 -34.75
C GLN C 310 29.93 -36.35 -36.14
N ASN C 311 30.04 -35.52 -37.16
CA ASN C 311 29.84 -35.96 -38.52
C ASN C 311 31.00 -36.84 -38.97
N SER C 312 30.71 -37.82 -39.82
CA SER C 312 31.75 -38.71 -40.33
C SER C 312 32.51 -38.11 -41.50
N TRP C 313 32.13 -36.93 -41.98
CA TRP C 313 32.74 -36.33 -43.17
C TRP C 313 33.88 -35.38 -42.81
N GLN C 314 33.56 -34.32 -42.07
CA GLN C 314 34.54 -33.28 -41.73
C GLN C 314 34.38 -32.86 -40.29
N PRO C 315 35.40 -33.02 -39.45
CA PRO C 315 35.24 -32.68 -38.03
C PRO C 315 34.86 -31.22 -37.83
N ALA C 316 34.03 -30.98 -36.81
CA ALA C 316 33.63 -29.64 -36.42
C ALA C 316 34.31 -29.29 -35.11
N ASP C 317 35.05 -28.18 -35.10
CA ASP C 317 35.84 -27.77 -33.95
C ASP C 317 34.92 -27.09 -32.93
N ILE C 318 34.62 -27.80 -31.85
CA ILE C 318 33.81 -27.23 -30.79
C ILE C 318 34.53 -26.08 -30.11
N SER C 319 35.86 -26.11 -30.10
CA SER C 319 36.68 -25.10 -29.45
C SER C 319 37.04 -23.94 -30.38
N ALA C 320 36.48 -23.90 -31.58
CA ALA C 320 36.80 -22.84 -32.52
C ALA C 320 36.47 -21.48 -31.92
N ARG C 321 37.36 -20.51 -32.15
CA ARG C 321 37.21 -19.16 -31.65
C ARG C 321 37.23 -18.17 -32.80
N ASP C 322 36.27 -17.25 -32.79
CA ASP C 322 36.09 -16.31 -33.88
C ASP C 322 36.97 -15.07 -33.64
N SER C 323 36.72 -13.99 -34.39
CA SER C 323 37.53 -12.79 -34.25
C SER C 323 37.49 -12.25 -32.83
N VAL C 324 36.30 -12.24 -32.22
CA VAL C 324 36.18 -11.81 -30.83
C VAL C 324 36.67 -12.86 -29.85
N GLY C 325 36.76 -14.12 -30.28
CA GLY C 325 37.25 -15.18 -29.43
C GLY C 325 36.20 -15.91 -28.63
N ASN C 326 34.94 -15.46 -28.68
CA ASN C 326 33.87 -16.09 -27.92
C ASN C 326 33.51 -17.42 -28.57
N THR C 327 33.75 -18.52 -27.85
CA THR C 327 33.47 -19.85 -28.36
C THR C 327 31.97 -20.13 -28.26
N VAL C 328 31.58 -21.39 -28.48
CA VAL C 328 30.17 -21.75 -28.50
C VAL C 328 29.51 -21.38 -27.17
N LEU C 329 30.14 -21.77 -26.06
CA LEU C 329 29.54 -21.48 -24.76
C LEU C 329 29.45 -19.98 -24.50
N HIS C 330 30.48 -19.24 -24.91
CA HIS C 330 30.42 -17.79 -24.78
C HIS C 330 29.30 -17.21 -25.61
N ALA C 331 29.08 -17.75 -26.81
CA ALA C 331 27.97 -17.29 -27.65
C ALA C 331 26.63 -17.57 -26.96
N LEU C 332 26.48 -18.76 -26.37
CA LEU C 332 25.24 -19.08 -25.68
C LEU C 332 25.02 -18.15 -24.49
N VAL C 333 26.09 -17.83 -23.76
CA VAL C 333 25.97 -16.89 -22.64
C VAL C 333 25.56 -15.51 -23.14
N GLU C 334 26.15 -15.07 -24.26
CA GLU C 334 25.87 -13.74 -24.77
C GLU C 334 24.43 -13.62 -25.27
N VAL C 335 23.97 -14.60 -26.05
CA VAL C 335 22.66 -14.49 -26.67
C VAL C 335 21.57 -14.41 -25.61
N ALA C 336 21.73 -15.15 -24.51
CA ALA C 336 20.68 -15.20 -23.49
C ALA C 336 20.39 -13.81 -22.94
N ASP C 337 19.11 -13.55 -22.67
CA ASP C 337 18.67 -12.26 -22.14
C ASP C 337 17.75 -12.43 -20.94
N ASN C 338 17.94 -13.50 -20.17
CA ASN C 338 17.28 -13.68 -18.88
C ASN C 338 15.79 -14.03 -19.01
N THR C 339 15.26 -14.06 -20.23
CA THR C 339 13.87 -14.43 -20.43
C THR C 339 13.66 -15.89 -20.05
N VAL C 340 12.47 -16.21 -19.55
CA VAL C 340 12.20 -17.55 -19.01
C VAL C 340 12.40 -18.60 -20.09
N ASP C 341 11.74 -18.42 -21.24
CA ASP C 341 11.90 -19.36 -22.34
C ASP C 341 13.33 -19.37 -22.84
N ASN C 342 13.93 -18.18 -23.01
CA ASN C 342 15.32 -18.11 -23.42
C ASN C 342 16.23 -18.72 -22.38
N THR C 343 15.91 -18.54 -21.09
CA THR C 343 16.71 -19.13 -20.03
C THR C 343 16.70 -20.65 -20.12
N LYS C 344 15.51 -21.23 -20.30
CA LYS C 344 15.41 -22.68 -20.44
C LYS C 344 16.16 -23.17 -21.67
N PHE C 345 16.00 -22.44 -22.79
CA PHE C 345 16.68 -22.82 -24.02
C PHE C 345 18.20 -22.83 -23.83
N VAL C 346 18.73 -21.76 -23.25
CA VAL C 346 20.18 -21.65 -23.11
C VAL C 346 20.69 -22.70 -22.12
N THR C 347 19.94 -22.94 -21.04
CA THR C 347 20.33 -23.98 -20.10
C THR C 347 20.42 -25.33 -20.80
N SER C 348 19.38 -25.71 -21.54
CA SER C 348 19.38 -27.02 -22.19
C SER C 348 20.49 -27.11 -23.23
N MET C 349 20.67 -26.05 -24.02
CA MET C 349 21.66 -26.09 -25.08
C MET C 349 23.08 -26.16 -24.51
N TYR C 350 23.35 -25.39 -23.46
CA TYR C 350 24.64 -25.47 -22.77
C TYR C 350 24.87 -26.85 -22.19
N ASN C 351 23.86 -27.43 -21.54
CA ASN C 351 24.03 -28.78 -20.99
C ASN C 351 24.34 -29.78 -22.08
N GLU C 352 23.61 -29.74 -23.20
CA GLU C 352 23.85 -30.67 -24.29
C GLU C 352 25.23 -30.47 -24.91
N ILE C 353 25.65 -29.21 -25.08
CA ILE C 353 26.97 -28.94 -25.65
C ILE C 353 28.05 -29.50 -24.74
N LEU C 354 27.92 -29.28 -23.43
CA LEU C 354 28.90 -29.79 -22.49
C LEU C 354 28.95 -31.31 -22.53
N ILE C 355 27.78 -31.95 -22.55
CA ILE C 355 27.74 -33.42 -22.57
C ILE C 355 28.40 -33.94 -23.84
N LEU C 356 28.09 -33.34 -24.99
CA LEU C 356 28.68 -33.80 -26.24
C LEU C 356 30.18 -33.57 -26.27
N GLY C 357 30.64 -32.42 -25.76
CA GLY C 357 32.07 -32.17 -25.71
C GLY C 357 32.80 -33.16 -24.82
N ALA C 358 32.21 -33.49 -23.67
CA ALA C 358 32.80 -34.53 -22.83
C ALA C 358 32.81 -35.87 -23.55
N LYS C 359 31.74 -36.19 -24.28
CA LYS C 359 31.67 -37.46 -25.00
C LYS C 359 32.79 -37.54 -26.03
N LEU C 360 32.97 -36.49 -26.82
CA LEU C 360 34.03 -36.49 -27.83
C LEU C 360 35.40 -36.40 -27.18
N HIS C 361 35.57 -35.46 -26.25
CA HIS C 361 36.85 -35.18 -25.61
C HIS C 361 36.67 -35.25 -24.10
N PRO C 362 36.62 -36.45 -23.53
CA PRO C 362 36.48 -36.56 -22.07
C PRO C 362 37.59 -35.88 -21.30
N THR C 363 38.81 -35.83 -21.86
CA THR C 363 39.97 -35.29 -21.16
C THR C 363 40.10 -33.78 -21.30
N LEU C 364 39.20 -33.13 -22.04
CA LEU C 364 39.29 -31.69 -22.28
C LEU C 364 38.21 -30.97 -21.49
N LYS C 365 38.63 -29.94 -20.75
CA LYS C 365 37.69 -29.07 -20.04
C LYS C 365 37.34 -27.92 -20.97
N LEU C 366 36.22 -28.07 -21.69
CA LEU C 366 35.82 -27.06 -22.66
C LEU C 366 35.53 -25.74 -21.98
N GLU C 367 34.88 -25.78 -20.82
CA GLU C 367 34.47 -24.54 -20.16
C GLU C 367 35.65 -23.67 -19.75
N GLU C 368 36.86 -24.23 -19.72
CA GLU C 368 38.03 -23.46 -19.32
C GLU C 368 38.58 -22.57 -20.42
N ILE C 369 38.09 -22.72 -21.66
CA ILE C 369 38.61 -21.93 -22.77
C ILE C 369 38.24 -20.46 -22.57
N THR C 370 39.20 -19.58 -22.80
CA THR C 370 39.03 -18.15 -22.59
C THR C 370 39.07 -17.42 -23.93
N ASN C 371 38.22 -16.40 -24.05
CA ASN C 371 38.14 -15.60 -25.26
C ASN C 371 39.27 -14.57 -25.27
N ARG C 372 39.23 -13.62 -26.21
CA ARG C 372 40.27 -12.62 -26.31
C ARG C 372 40.29 -11.69 -25.09
N LYS C 373 39.19 -11.59 -24.36
CA LYS C 373 39.13 -10.77 -23.16
C LYS C 373 39.49 -11.54 -21.90
N GLY C 374 39.74 -12.84 -21.99
CA GLY C 374 40.09 -13.64 -20.84
C GLY C 374 38.95 -13.83 -19.84
N LEU C 375 37.73 -14.05 -20.33
CA LEU C 375 36.58 -14.30 -19.48
C LEU C 375 36.01 -15.68 -19.80
N THR C 376 35.88 -16.51 -18.78
CA THR C 376 35.28 -17.82 -18.95
C THR C 376 33.76 -17.68 -19.06
N PRO C 377 33.08 -18.69 -19.61
CA PRO C 377 31.62 -18.56 -19.79
C PRO C 377 30.88 -18.22 -18.50
N LEU C 378 31.26 -18.84 -17.39
CA LEU C 378 30.69 -18.45 -16.10
C LEU C 378 31.08 -17.02 -15.75
N ALA C 379 32.35 -16.67 -15.96
CA ALA C 379 32.80 -15.30 -15.70
C ALA C 379 32.12 -14.33 -16.65
N LEU C 380 31.93 -14.71 -17.91
CA LEU C 380 31.24 -13.85 -18.85
C LEU C 380 29.79 -13.62 -18.43
N ALA C 381 29.12 -14.67 -17.96
CA ALA C 381 27.76 -14.51 -17.45
C ALA C 381 27.74 -13.58 -16.25
N ALA C 382 28.72 -13.72 -15.35
CA ALA C 382 28.77 -12.84 -14.20
C ALA C 382 28.97 -11.39 -14.62
N SER C 383 29.87 -11.15 -15.58
CA SER C 383 30.14 -9.79 -16.01
C SER C 383 28.94 -9.18 -16.73
N SER C 384 28.29 -9.95 -17.59
CA SER C 384 27.19 -9.44 -18.41
C SER C 384 25.83 -9.50 -17.71
N GLY C 385 25.76 -10.09 -16.51
CA GLY C 385 24.51 -10.13 -15.78
C GLY C 385 23.53 -11.18 -16.24
N LYS C 386 24.02 -12.31 -16.75
CA LYS C 386 23.16 -13.42 -17.15
C LYS C 386 22.83 -14.21 -15.90
N ILE C 387 21.78 -13.78 -15.18
CA ILE C 387 21.45 -14.41 -13.91
C ILE C 387 21.00 -15.85 -14.10
N GLY C 388 20.19 -16.12 -15.13
CA GLY C 388 19.72 -17.47 -15.34
C GLY C 388 20.84 -18.45 -15.62
N VAL C 389 21.76 -18.07 -16.51
CA VAL C 389 22.89 -18.94 -16.84
C VAL C 389 23.78 -19.12 -15.62
N LEU C 390 23.99 -18.05 -14.85
CA LEU C 390 24.79 -18.16 -13.63
C LEU C 390 24.16 -19.15 -12.66
N ALA C 391 22.85 -19.04 -12.45
CA ALA C 391 22.17 -19.94 -11.54
C ALA C 391 22.25 -21.38 -12.04
N TYR C 392 22.08 -21.59 -13.34
CA TYR C 392 22.16 -22.94 -13.87
C TYR C 392 23.56 -23.53 -13.67
N ILE C 393 24.59 -22.76 -14.01
CA ILE C 393 25.96 -23.28 -13.92
C ILE C 393 26.30 -23.57 -12.47
N LEU C 394 25.98 -22.65 -11.56
CA LEU C 394 26.27 -22.87 -10.15
C LEU C 394 25.42 -23.97 -9.55
N GLN C 395 24.38 -24.43 -10.26
CA GLN C 395 23.57 -25.55 -9.81
C GLN C 395 23.52 -26.65 -10.86
N ARG C 396 24.51 -26.70 -11.76
CA ARG C 396 24.56 -27.73 -12.80
C ARG C 396 24.80 -29.08 -12.15
N GLU C 397 23.75 -29.90 -12.08
CA GLU C 397 23.81 -31.23 -11.48
C GLU C 397 23.51 -32.26 -12.57
N ILE C 398 24.46 -33.16 -12.82
CA ILE C 398 24.30 -34.23 -13.80
C ILE C 398 24.63 -35.54 -13.10
N HIS C 399 23.67 -36.45 -13.07
CA HIS C 399 23.85 -37.73 -12.39
C HIS C 399 24.40 -38.82 -13.29
N GLU C 400 24.39 -38.62 -14.61
CA GLU C 400 24.78 -39.68 -15.52
C GLU C 400 26.26 -40.00 -15.38
N PRO C 401 26.66 -41.27 -15.47
CA PRO C 401 28.08 -41.59 -15.49
C PRO C 401 28.74 -41.09 -16.77
N GLU C 402 30.03 -40.77 -16.67
CA GLU C 402 30.85 -40.18 -17.72
C GLU C 402 30.53 -38.71 -17.92
N CYS C 403 29.56 -38.16 -17.19
CA CYS C 403 29.22 -36.74 -17.29
C CYS C 403 29.03 -36.09 -15.92
N ARG C 404 29.47 -36.76 -14.85
CA ARG C 404 29.32 -36.19 -13.51
C ARG C 404 30.35 -35.11 -13.24
N HIS C 405 31.57 -35.24 -13.77
CA HIS C 405 32.63 -34.32 -13.42
C HIS C 405 32.41 -32.92 -13.99
N LEU C 406 31.49 -32.75 -14.94
CA LEU C 406 31.16 -31.43 -15.45
C LEU C 406 30.25 -30.65 -14.51
N SER C 407 29.70 -31.30 -13.50
CA SER C 407 28.75 -30.67 -12.60
C SER C 407 29.48 -29.84 -11.54
N ARG C 408 28.71 -29.14 -10.74
CA ARG C 408 29.21 -28.40 -9.58
C ARG C 408 28.45 -28.77 -8.30
N LYS C 409 27.16 -29.05 -8.42
CA LYS C 409 26.33 -29.44 -7.27
C LYS C 409 26.33 -30.97 -7.19
N PHE C 410 27.08 -31.51 -6.24
CA PHE C 410 27.20 -32.95 -6.05
C PHE C 410 26.56 -33.35 -4.73
N THR C 411 25.64 -34.31 -4.79
CA THR C 411 24.98 -34.76 -3.57
C THR C 411 25.97 -35.50 -2.68
N GLU C 412 25.59 -35.66 -1.41
CA GLU C 412 26.40 -36.34 -0.42
C GLU C 412 25.46 -37.24 0.37
N TRP C 413 25.91 -37.71 1.54
CA TRP C 413 25.09 -38.63 2.33
C TRP C 413 23.68 -38.11 2.45
N ALA C 414 22.73 -38.86 1.88
CA ALA C 414 21.33 -38.46 1.80
C ALA C 414 20.45 -39.65 2.17
N TYR C 415 20.78 -40.31 3.28
CA TYR C 415 20.09 -41.54 3.66
C TYR C 415 18.59 -41.30 3.79
N GLY C 416 18.19 -40.12 4.29
CA GLY C 416 16.79 -39.85 4.56
C GLY C 416 16.35 -38.50 4.05
N PRO C 417 15.48 -37.82 4.80
CA PRO C 417 14.93 -36.55 4.32
C PRO C 417 15.91 -35.38 4.37
N VAL C 418 17.15 -35.61 4.82
CA VAL C 418 18.15 -34.55 4.94
C VAL C 418 19.31 -34.89 4.01
N HIS C 419 19.67 -33.94 3.15
CA HIS C 419 20.78 -34.13 2.23
C HIS C 419 21.67 -32.90 2.23
N SER C 420 22.97 -33.13 2.04
CA SER C 420 23.97 -32.07 2.00
C SER C 420 24.56 -32.03 0.59
N SER C 421 24.50 -30.85 -0.02
CA SER C 421 25.04 -30.64 -1.36
C SER C 421 26.41 -29.98 -1.28
N LEU C 422 27.34 -30.48 -2.09
CA LEU C 422 28.65 -29.88 -2.29
C LEU C 422 28.54 -28.99 -3.52
N TYR C 423 28.55 -27.68 -3.30
CA TYR C 423 28.63 -26.70 -4.38
C TYR C 423 30.10 -26.44 -4.67
N ASP C 424 30.50 -26.66 -5.91
CA ASP C 424 31.90 -26.44 -6.26
C ASP C 424 32.19 -24.94 -6.26
N LEU C 425 33.31 -24.57 -5.62
CA LEU C 425 33.75 -23.19 -5.55
C LEU C 425 34.90 -22.91 -6.50
N SER C 426 35.08 -23.77 -7.50
CA SER C 426 36.10 -23.54 -8.51
C SER C 426 35.87 -22.20 -9.20
N CYS C 427 36.78 -21.26 -8.97
CA CYS C 427 36.69 -19.93 -9.56
C CYS C 427 35.41 -19.20 -9.15
N ILE C 428 34.92 -19.46 -7.93
CA ILE C 428 33.76 -18.76 -7.40
C ILE C 428 34.21 -17.89 -6.23
N ASP C 429 35.33 -18.25 -5.61
CA ASP C 429 35.93 -17.45 -4.55
C ASP C 429 37.25 -16.83 -4.97
N THR C 430 38.15 -17.62 -5.56
CA THR C 430 39.41 -17.10 -6.07
C THR C 430 39.88 -18.01 -7.19
N CYS C 431 39.75 -17.56 -8.44
CA CYS C 431 40.21 -18.31 -9.59
C CYS C 431 41.67 -18.03 -9.94
N GLU C 432 42.29 -17.05 -9.29
CA GLU C 432 43.64 -16.56 -9.52
C GLU C 432 43.72 -15.72 -10.80
N LYS C 433 42.67 -15.70 -11.63
CA LYS C 433 42.61 -14.84 -12.79
C LYS C 433 41.50 -13.80 -12.66
N ASN C 434 40.26 -14.25 -12.45
CA ASN C 434 39.15 -13.37 -12.12
C ASN C 434 37.97 -14.20 -11.64
N SER C 435 37.62 -14.07 -10.36
CA SER C 435 36.59 -14.92 -9.76
C SER C 435 35.20 -14.33 -10.00
N VAL C 436 34.19 -15.19 -9.84
CA VAL C 436 32.81 -14.76 -10.02
C VAL C 436 32.45 -13.68 -9.01
N LEU C 437 32.87 -13.86 -7.76
CA LEU C 437 32.57 -12.86 -6.74
C LEU C 437 33.21 -11.53 -7.06
N GLU C 438 34.47 -11.54 -7.52
CA GLU C 438 35.13 -10.30 -7.89
C GLU C 438 34.40 -9.60 -9.03
N VAL C 439 33.98 -10.37 -10.05
CA VAL C 439 33.30 -9.77 -11.19
C VAL C 439 31.97 -9.17 -10.75
N ILE C 440 31.22 -9.88 -9.92
CA ILE C 440 29.92 -9.38 -9.48
C ILE C 440 30.08 -8.13 -8.62
N ALA C 441 31.01 -8.17 -7.67
CA ALA C 441 31.15 -7.07 -6.72
C ALA C 441 31.83 -5.87 -7.35
N TYR C 442 32.81 -6.10 -8.22
CA TYR C 442 33.58 -5.05 -8.86
C TYR C 442 33.15 -4.80 -10.30
N SER C 443 31.86 -4.92 -10.58
CA SER C 443 31.35 -4.71 -11.94
C SER C 443 31.48 -3.25 -12.33
N SER C 444 31.06 -2.92 -13.56
CA SER C 444 31.14 -1.55 -14.07
C SER C 444 29.92 -0.71 -13.71
N SER C 445 28.96 -1.27 -12.97
CA SER C 445 27.76 -0.59 -12.49
C SER C 445 26.69 -0.49 -13.58
N GLU C 446 26.95 -0.96 -14.80
CA GLU C 446 25.96 -0.95 -15.87
C GLU C 446 25.33 -2.32 -16.10
N THR C 447 25.78 -3.34 -15.39
CA THR C 447 25.20 -4.67 -15.55
C THR C 447 23.72 -4.63 -15.19
N PRO C 448 22.83 -5.19 -16.02
CA PRO C 448 21.39 -5.04 -15.73
C PRO C 448 20.97 -5.54 -14.36
N ASN C 449 21.54 -6.65 -13.88
CA ASN C 449 21.08 -7.32 -12.68
C ASN C 449 22.25 -7.68 -11.78
N ARG C 450 23.13 -6.72 -11.53
CA ARG C 450 24.27 -6.97 -10.64
C ARG C 450 23.80 -7.25 -9.22
N HIS C 451 22.72 -6.61 -8.79
CA HIS C 451 22.23 -6.80 -7.42
C HIS C 451 21.65 -8.20 -7.23
N ASP C 452 20.81 -8.63 -8.16
CA ASP C 452 20.07 -9.89 -7.97
C ASP C 452 20.97 -11.12 -8.04
N MET C 453 22.07 -11.05 -8.80
CA MET C 453 22.88 -12.24 -9.02
C MET C 453 23.38 -12.85 -7.71
N LEU C 454 23.68 -12.00 -6.72
CA LEU C 454 24.21 -12.51 -5.46
C LEU C 454 23.18 -13.30 -4.65
N LEU C 455 21.90 -13.25 -5.03
CA LEU C 455 20.90 -14.06 -4.36
C LEU C 455 21.05 -15.54 -4.70
N VAL C 456 21.92 -15.89 -5.65
CA VAL C 456 22.13 -17.29 -5.99
C VAL C 456 22.59 -18.05 -4.75
N GLU C 457 22.04 -19.23 -4.56
CA GLU C 457 22.19 -20.03 -3.35
C GLU C 457 23.66 -20.15 -2.93
N PRO C 458 24.50 -20.78 -3.74
CA PRO C 458 25.91 -20.95 -3.32
C PRO C 458 26.62 -19.64 -3.04
N LEU C 459 26.41 -18.61 -3.86
CA LEU C 459 27.11 -17.35 -3.65
C LEU C 459 26.65 -16.68 -2.36
N ASN C 460 25.34 -16.63 -2.13
CA ASN C 460 24.82 -16.01 -0.92
C ASN C 460 25.33 -16.73 0.32
N ARG C 461 25.29 -18.06 0.32
CA ARG C 461 25.77 -18.80 1.47
C ARG C 461 27.28 -18.63 1.66
N LEU C 462 28.03 -18.60 0.56
CA LEU C 462 29.48 -18.41 0.67
C LEU C 462 29.80 -17.06 1.30
N LEU C 463 29.14 -16.00 0.84
CA LEU C 463 29.40 -14.67 1.39
C LEU C 463 28.97 -14.60 2.85
N GLN C 464 27.81 -15.19 3.19
CA GLN C 464 27.37 -15.16 4.57
C GLN C 464 28.33 -15.92 5.47
N ASP C 465 28.84 -17.06 5.01
CA ASP C 465 29.81 -17.82 5.78
C ASP C 465 31.09 -17.03 5.97
N LYS C 466 31.56 -16.36 4.90
CA LYS C 466 32.74 -15.51 5.03
C LYS C 466 32.52 -14.44 6.08
N TRP C 467 31.34 -13.81 6.06
CA TRP C 467 31.04 -12.77 7.05
C TRP C 467 31.03 -13.35 8.46
N ASP C 468 30.41 -14.52 8.64
CA ASP C 468 30.24 -15.09 9.96
C ASP C 468 31.49 -15.78 10.50
N ARG C 469 32.50 -16.01 9.65
CA ARG C 469 33.67 -16.76 10.10
C ARG C 469 34.76 -15.84 10.62
N PHE C 470 35.29 -14.97 9.76
CA PHE C 470 36.38 -14.08 10.14
C PHE C 470 36.14 -12.62 9.78
N VAL C 471 35.39 -12.34 8.70
CA VAL C 471 35.26 -10.95 8.26
C VAL C 471 34.52 -10.11 9.29
N LYS C 472 33.62 -10.72 10.07
CA LYS C 472 32.86 -9.96 11.05
C LYS C 472 33.78 -9.32 12.08
N ARG C 473 34.73 -10.09 12.60
CA ARG C 473 35.63 -9.56 13.61
C ARG C 473 36.47 -8.40 13.06
N ILE C 474 37.01 -8.57 11.85
CA ILE C 474 37.86 -7.53 11.28
C ILE C 474 37.04 -6.28 10.99
N PHE C 475 35.83 -6.45 10.46
CA PHE C 475 34.99 -5.29 10.16
C PHE C 475 34.61 -4.54 11.44
N TYR C 476 34.27 -5.27 12.50
CA TYR C 476 33.94 -4.61 13.76
C TYR C 476 35.17 -3.92 14.35
N PHE C 477 36.35 -4.52 14.21
CA PHE C 477 37.56 -3.86 14.66
C PHE C 477 37.79 -2.56 13.89
N ASN C 478 37.56 -2.58 12.58
CA ASN C 478 37.70 -1.38 11.78
C ASN C 478 36.68 -0.33 12.21
N PHE C 479 35.45 -0.75 12.51
CA PHE C 479 34.43 0.18 12.99
C PHE C 479 34.87 0.84 14.28
N PHE C 480 35.37 0.05 15.23
CA PHE C 480 35.85 0.61 16.49
C PHE C 480 37.02 1.55 16.28
N VAL C 481 37.95 1.19 15.38
CA VAL C 481 39.10 2.03 15.11
C VAL C 481 38.64 3.37 14.52
N TYR C 482 37.67 3.33 13.61
CA TYR C 482 37.15 4.56 13.03
C TYR C 482 36.49 5.43 14.10
N CYS C 483 35.72 4.80 14.99
CA CYS C 483 35.09 5.58 16.06
C CYS C 483 36.15 6.22 16.96
N LEU C 484 37.18 5.47 17.32
CA LEU C 484 38.25 6.02 18.15
C LEU C 484 38.93 7.18 17.46
N TYR C 485 39.29 6.99 16.18
CA TYR C 485 39.95 8.05 15.43
C TYR C 485 39.08 9.29 15.34
N MET C 486 37.78 9.12 15.13
CA MET C 486 36.93 10.29 14.92
C MET C 486 36.63 11.00 16.23
N ILE C 487 36.55 10.25 17.34
CA ILE C 487 36.47 10.91 18.64
C ILE C 487 37.75 11.69 18.92
N ILE C 488 38.90 11.12 18.54
CA ILE C 488 40.16 11.85 18.69
C ILE C 488 40.12 13.14 17.88
N PHE C 489 39.64 13.06 16.64
CA PHE C 489 39.54 14.25 15.80
C PHE C 489 38.61 15.28 16.41
N THR C 490 37.46 14.84 16.92
CA THR C 490 36.51 15.78 17.52
C THR C 490 37.12 16.47 18.73
N ALA C 491 37.81 15.71 19.59
CA ALA C 491 38.45 16.31 20.75
C ALA C 491 39.54 17.29 20.34
N ALA C 492 40.34 16.94 19.34
CA ALA C 492 41.43 17.81 18.92
C ALA C 492 40.91 19.09 18.29
N ALA C 493 39.88 18.99 17.45
CA ALA C 493 39.35 20.17 16.77
C ALA C 493 38.60 21.06 17.75
N TYR C 494 37.77 20.48 18.61
CA TYR C 494 36.96 21.28 19.52
C TYR C 494 37.84 22.15 20.41
N TYR C 495 38.95 21.60 20.89
CA TYR C 495 39.83 22.31 21.80
C TYR C 495 40.89 23.14 21.08
N ARG C 496 40.64 23.51 19.82
CA ARG C 496 41.59 24.34 19.10
C ARG C 496 41.68 25.71 19.74
N PRO C 497 42.87 26.31 19.79
CA PRO C 497 42.99 27.64 20.39
C PRO C 497 42.40 28.71 19.50
N VAL C 498 41.86 29.76 20.15
CA VAL C 498 41.25 30.87 19.42
C VAL C 498 42.28 31.87 18.92
N GLU C 499 43.52 31.79 19.39
CA GLU C 499 44.54 32.76 19.02
C GLU C 499 44.73 32.81 17.51
N GLY C 500 45.38 33.87 17.05
CA GLY C 500 45.72 34.03 15.65
C GLY C 500 46.94 33.20 15.30
N LEU C 501 47.52 33.52 14.14
CA LEU C 501 48.68 32.77 13.67
C LEU C 501 48.33 31.29 13.62
N PRO C 502 47.54 30.85 12.64
CA PRO C 502 47.05 29.47 12.60
C PRO C 502 48.13 28.47 13.00
N PRO C 503 49.38 28.63 12.53
CA PRO C 503 50.45 27.79 13.09
C PRO C 503 50.75 28.20 14.52
N TYR C 504 50.30 27.38 15.47
CA TYR C 504 50.38 27.71 16.89
C TYR C 504 51.60 27.05 17.52
N LYS C 505 52.38 27.84 18.25
CA LYS C 505 53.52 27.29 18.97
C LYS C 505 53.04 26.29 20.02
N LEU C 506 53.82 25.24 20.21
CA LEU C 506 53.46 24.17 21.15
C LEU C 506 54.00 24.55 22.53
N LYS C 507 53.16 25.20 23.31
CA LYS C 507 53.52 25.56 24.68
C LYS C 507 53.67 24.30 25.52
N ASN C 508 54.61 24.34 26.46
CA ASN C 508 54.89 23.18 27.30
C ASN C 508 53.75 22.96 28.29
N THR C 509 52.79 22.10 27.92
CA THR C 509 51.65 21.82 28.78
C THR C 509 51.09 20.46 28.38
N VAL C 510 50.64 19.70 29.38
CA VAL C 510 50.14 18.35 29.12
C VAL C 510 48.93 18.40 28.21
N GLY C 511 48.01 19.33 28.47
CA GLY C 511 46.84 19.46 27.61
C GLY C 511 47.22 19.82 26.17
N ASP C 512 48.17 20.74 26.01
CA ASP C 512 48.63 21.09 24.67
C ASP C 512 49.28 19.89 23.98
N TYR C 513 50.03 19.09 24.75
CA TYR C 513 50.64 17.89 24.17
C TYR C 513 49.56 16.91 23.71
N PHE C 514 48.50 16.73 24.52
CA PHE C 514 47.41 15.87 24.10
C PHE C 514 46.74 16.40 22.84
N ARG C 515 46.54 17.71 22.76
CA ARG C 515 45.92 18.29 21.56
C ARG C 515 46.79 18.08 20.34
N VAL C 516 48.11 18.26 20.49
CA VAL C 516 49.02 18.05 19.37
C VAL C 516 49.00 16.60 18.94
N THR C 517 48.98 15.67 19.89
CA THR C 517 48.91 14.25 19.55
C THR C 517 47.62 13.94 18.80
N GLY C 518 46.50 14.50 19.26
CA GLY C 518 45.24 14.29 18.55
C GLY C 518 45.26 14.84 17.15
N GLU C 519 45.83 16.04 16.98
CA GLU C 519 45.94 16.62 15.64
C GLU C 519 46.81 15.76 14.74
N ILE C 520 47.93 15.26 15.26
CA ILE C 520 48.80 14.40 14.46
C ILE C 520 48.08 13.14 14.05
N LEU C 521 47.34 12.52 14.99
CA LEU C 521 46.58 11.33 14.66
C LEU C 521 45.53 11.63 13.60
N SER C 522 44.84 12.76 13.72
CA SER C 522 43.82 13.11 12.75
C SER C 522 44.42 13.31 11.36
N VAL C 523 45.57 13.99 11.29
CA VAL C 523 46.20 14.23 9.99
C VAL C 523 46.70 12.92 9.40
N SER C 524 47.23 12.03 10.24
CA SER C 524 47.65 10.72 9.74
C SER C 524 46.48 9.94 9.18
N GLY C 525 45.34 9.97 9.89
CA GLY C 525 44.16 9.31 9.37
C GLY C 525 43.67 9.91 8.07
N GLY C 526 43.73 11.23 7.96
CA GLY C 526 43.35 11.88 6.72
C GLY C 526 44.25 11.49 5.56
N VAL C 527 45.56 11.42 5.81
CA VAL C 527 46.49 11.00 4.77
C VAL C 527 46.21 9.55 4.37
N TYR C 528 45.94 8.69 5.36
CA TYR C 528 45.62 7.30 5.07
C TYR C 528 44.37 7.20 4.21
N PHE C 529 43.34 7.98 4.52
CA PHE C 529 42.12 7.94 3.73
C PHE C 529 42.34 8.49 2.33
N PHE C 530 43.16 9.53 2.20
CA PHE C 530 43.52 10.05 0.88
C PHE C 530 44.21 8.98 0.05
N PHE C 531 45.16 8.28 0.64
CA PHE C 531 45.86 7.21 -0.08
C PHE C 531 44.93 6.05 -0.40
N ARG C 532 43.98 5.76 0.49
CA ARG C 532 42.97 4.74 0.20
C ARG C 532 42.12 5.14 -1.00
N GLY C 533 41.69 6.39 -1.06
CA GLY C 533 40.93 6.85 -2.22
C GLY C 533 41.73 6.74 -3.49
N ILE C 534 43.00 7.17 -3.46
CA ILE C 534 43.84 7.09 -4.64
C ILE C 534 44.02 5.64 -5.06
N GLN C 535 44.25 4.75 -4.09
CA GLN C 535 44.45 3.34 -4.39
C GLN C 535 43.20 2.73 -5.00
N TYR C 536 42.02 3.08 -4.48
CA TYR C 536 40.79 2.53 -5.04
C TYR C 536 40.55 3.07 -6.44
N PHE C 537 40.87 4.33 -6.69
CA PHE C 537 40.72 4.89 -8.03
C PHE C 537 41.66 4.21 -9.01
N LEU C 538 42.88 3.89 -8.57
CA LEU C 538 43.87 3.28 -9.46
C LEU C 538 43.63 1.80 -9.69
N GLN C 539 43.15 1.07 -8.68
CA GLN C 539 43.01 -0.38 -8.79
C GLN C 539 41.72 -0.75 -9.51
N ARG C 540 40.57 -0.38 -8.93
CA ARG C 540 39.29 -0.73 -9.55
C ARG C 540 39.16 -0.14 -10.94
N ARG C 541 39.88 0.93 -11.23
CA ARG C 541 39.79 1.60 -12.52
C ARG C 541 38.33 1.86 -12.87
N PRO C 542 37.65 2.77 -12.14
CA PRO C 542 36.28 3.10 -12.50
C PRO C 542 36.23 3.72 -13.89
N SER C 543 35.08 3.54 -14.55
CA SER C 543 34.90 3.96 -15.94
C SER C 543 34.79 5.46 -16.13
N LEU C 544 35.10 6.26 -15.10
CA LEU C 544 34.94 7.71 -15.07
C LEU C 544 33.48 8.09 -14.92
N LYS C 545 32.56 7.13 -14.92
CA LYS C 545 31.15 7.37 -14.68
C LYS C 545 30.62 6.61 -13.48
N SER C 546 31.28 5.50 -13.09
CA SER C 546 30.87 4.76 -11.91
C SER C 546 31.25 5.45 -10.61
N LEU C 547 32.08 6.49 -10.68
CA LEU C 547 32.48 7.19 -9.47
C LEU C 547 31.26 7.81 -8.78
N PHE C 548 30.40 8.48 -9.54
CA PHE C 548 29.21 9.12 -9.00
C PHE C 548 27.97 8.24 -9.06
N VAL C 549 28.07 7.03 -9.62
CA VAL C 549 26.90 6.20 -9.87
C VAL C 549 26.72 5.19 -8.75
N ASP C 550 27.72 4.34 -8.53
CA ASP C 550 27.62 3.26 -7.56
C ASP C 550 28.70 3.29 -6.50
N SER C 551 29.61 4.26 -6.51
CA SER C 551 30.67 4.38 -5.51
C SER C 551 30.53 5.74 -4.85
N TYR C 552 29.68 5.81 -3.83
CA TYR C 552 29.52 7.02 -3.04
C TYR C 552 30.38 7.01 -1.79
N SER C 553 30.45 5.86 -1.11
CA SER C 553 31.23 5.77 0.12
C SER C 553 32.67 6.17 -0.13
N GLU C 554 33.32 5.56 -1.13
CA GLU C 554 34.70 5.91 -1.42
C GLU C 554 34.84 7.38 -1.80
N ILE C 555 33.87 7.90 -2.56
CA ILE C 555 33.92 9.30 -2.97
C ILE C 555 33.82 10.21 -1.75
N LEU C 556 32.89 9.91 -0.84
CA LEU C 556 32.75 10.73 0.36
C LEU C 556 34.00 10.67 1.22
N PHE C 557 34.57 9.48 1.40
CA PHE C 557 35.77 9.35 2.21
C PHE C 557 36.94 10.11 1.57
N PHE C 558 37.08 10.02 0.24
CA PHE C 558 38.13 10.74 -0.45
C PHE C 558 37.96 12.25 -0.33
N VAL C 559 36.74 12.75 -0.46
CA VAL C 559 36.49 14.18 -0.32
C VAL C 559 36.74 14.66 1.10
N GLN C 560 36.38 13.85 2.11
CA GLN C 560 36.72 14.20 3.49
C GLN C 560 38.23 14.26 3.67
N SER C 561 38.95 13.32 3.08
CA SER C 561 40.42 13.36 3.14
C SER C 561 40.95 14.60 2.46
N LEU C 562 40.37 14.99 1.33
CA LEU C 562 40.79 16.22 0.67
C LEU C 562 40.56 17.42 1.58
N PHE C 563 39.42 17.46 2.26
CA PHE C 563 39.14 18.56 3.19
C PHE C 563 40.18 18.59 4.31
N MET C 564 40.52 17.42 4.85
CA MET C 564 41.55 17.37 5.90
C MET C 564 42.88 17.89 5.38
N LEU C 565 43.27 17.47 4.17
CA LEU C 565 44.57 17.87 3.64
C LEU C 565 44.60 19.37 3.35
N VAL C 566 43.51 19.92 2.82
CA VAL C 566 43.45 21.37 2.60
C VAL C 566 43.49 22.10 3.93
N SER C 567 42.86 21.53 4.96
CA SER C 567 42.91 22.16 6.29
C SER C 567 44.34 22.18 6.81
N VAL C 568 45.08 21.09 6.63
CA VAL C 568 46.47 21.06 7.07
C VAL C 568 47.30 22.07 6.28
N VAL C 569 47.07 22.14 4.97
CA VAL C 569 47.83 23.09 4.15
C VAL C 569 47.57 24.52 4.60
N LEU C 570 46.30 24.85 4.86
CA LEU C 570 45.99 26.20 5.33
C LEU C 570 46.55 26.46 6.72
N TYR C 571 46.57 25.44 7.58
CA TYR C 571 47.16 25.58 8.91
C TYR C 571 48.64 25.92 8.80
N PHE C 572 49.36 25.26 7.89
CA PHE C 572 50.78 25.54 7.69
C PHE C 572 51.02 26.71 6.73
N SER C 573 49.97 27.31 6.18
CA SER C 573 50.09 28.43 5.25
C SER C 573 49.71 29.76 5.88
N GLN C 574 49.64 29.83 7.21
CA GLN C 574 49.31 31.05 7.92
C GLN C 574 47.94 31.59 7.51
N ARG C 575 47.01 30.70 7.17
CA ARG C 575 45.66 31.06 6.80
C ARG C 575 44.70 30.56 7.87
N LYS C 576 43.88 31.46 8.39
CA LYS C 576 42.86 31.10 9.37
C LYS C 576 41.62 30.50 8.73
N GLU C 577 41.63 30.31 7.41
CA GLU C 577 40.52 29.66 6.73
C GLU C 577 40.56 28.14 6.89
N TYR C 578 41.62 27.59 7.47
CA TYR C 578 41.70 26.14 7.63
C TYR C 578 40.52 25.60 8.43
N VAL C 579 40.02 26.38 9.39
CA VAL C 579 38.82 25.98 10.13
C VAL C 579 37.69 25.69 9.14
N ALA C 580 37.46 26.62 8.21
CA ALA C 580 36.40 26.45 7.22
C ALA C 580 36.54 25.13 6.48
N SER C 581 37.76 24.63 6.32
CA SER C 581 37.95 23.30 5.74
C SER C 581 37.86 22.22 6.82
N MET C 582 38.55 22.41 7.94
CA MET C 582 38.57 21.37 8.97
C MET C 582 37.16 21.01 9.41
N VAL C 583 36.35 22.02 9.72
CA VAL C 583 35.00 21.77 10.21
C VAL C 583 34.17 21.02 9.18
N PHE C 584 34.52 21.13 7.89
CA PHE C 584 33.79 20.40 6.86
C PHE C 584 34.17 18.93 6.82
N SER C 585 35.37 18.57 7.24
CA SER C 585 35.75 17.16 7.31
C SER C 585 35.28 16.51 8.60
N LEU C 586 34.89 17.31 9.60
CA LEU C 586 34.38 16.75 10.85
C LEU C 586 32.91 16.36 10.71
N ALA C 587 32.03 17.33 10.47
CA ALA C 587 30.61 17.01 10.30
C ALA C 587 30.42 15.95 9.24
N MET C 588 30.83 16.24 8.00
CA MET C 588 30.76 15.24 6.94
C MET C 588 31.33 13.92 7.41
N GLY C 589 32.43 13.96 8.16
CA GLY C 589 33.04 12.72 8.61
C GLY C 589 32.08 11.86 9.40
N TRP C 590 31.37 12.47 10.36
CA TRP C 590 30.41 11.71 11.14
C TRP C 590 29.33 11.11 10.26
N THR C 591 28.97 11.79 9.18
CA THR C 591 27.98 11.22 8.27
C THR C 591 28.50 9.92 7.66
N ASN C 592 29.79 9.87 7.31
CA ASN C 592 30.37 8.64 6.79
C ASN C 592 30.31 7.51 7.80
N MET C 593 30.09 7.82 9.09
CA MET C 593 29.86 6.76 10.06
C MET C 593 28.69 5.86 9.66
N LEU C 594 27.84 6.30 8.74
CA LEU C 594 26.82 5.44 8.16
C LEU C 594 27.41 4.34 7.29
N TYR C 595 28.64 4.51 6.81
CA TYR C 595 29.28 3.50 5.98
C TYR C 595 29.55 2.21 6.74
N TYR C 596 29.78 2.29 8.04
CA TYR C 596 30.01 1.10 8.85
C TYR C 596 28.72 0.44 9.30
N THR C 597 27.58 0.89 8.78
CA THR C 597 26.30 0.24 9.02
C THR C 597 26.00 -0.85 8.01
N ARG C 598 26.86 -1.04 7.01
CA ARG C 598 26.64 -2.08 6.01
C ARG C 598 26.63 -3.48 6.63
N GLY C 599 27.29 -3.65 7.77
CA GLY C 599 27.44 -4.98 8.36
C GLY C 599 26.22 -5.45 9.13
N PHE C 600 25.34 -4.52 9.50
CA PHE C 600 24.13 -4.84 10.23
C PHE C 600 22.94 -4.81 9.28
N GLN C 601 22.17 -5.90 9.26
CA GLN C 601 21.14 -6.04 8.23
C GLN C 601 20.14 -4.91 8.28
N GLN C 602 19.56 -4.66 9.46
CA GLN C 602 18.53 -3.62 9.55
C GLN C 602 19.11 -2.24 9.31
N MET C 603 20.25 -1.93 9.94
CA MET C 603 20.86 -0.63 9.75
C MET C 603 21.41 -0.47 8.34
N GLY C 604 21.94 -1.54 7.75
CA GLY C 604 22.38 -1.47 6.37
C GLY C 604 21.23 -1.19 5.41
N ILE C 605 20.09 -1.85 5.63
CA ILE C 605 18.92 -1.59 4.81
C ILE C 605 18.43 -0.16 5.00
N TYR C 606 18.51 0.34 6.24
CA TYR C 606 18.15 1.74 6.49
C TYR C 606 19.07 2.68 5.71
N ALA C 607 20.37 2.40 5.72
CA ALA C 607 21.31 3.24 4.98
C ALA C 607 21.04 3.18 3.48
N VAL C 608 20.70 1.99 2.97
CA VAL C 608 20.38 1.87 1.54
C VAL C 608 19.13 2.66 1.21
N MET C 609 18.12 2.62 2.07
CA MET C 609 16.94 3.45 1.87
C MET C 609 17.31 4.93 1.87
N ILE C 610 18.21 5.33 2.77
CA ILE C 610 18.64 6.72 2.81
C ILE C 610 19.30 7.10 1.48
N GLU C 611 20.17 6.23 0.99
CA GLU C 611 20.84 6.49 -0.29
C GLU C 611 19.83 6.67 -1.41
N LYS C 612 18.89 5.73 -1.54
CA LYS C 612 17.92 5.80 -2.64
C LYS C 612 17.04 7.04 -2.52
N MET C 613 16.56 7.33 -1.32
CA MET C 613 15.69 8.49 -1.13
C MET C 613 16.42 9.77 -1.49
N ILE C 614 17.64 9.96 -0.97
CA ILE C 614 18.41 11.15 -1.30
C ILE C 614 18.65 11.22 -2.80
N LEU C 615 18.93 10.09 -3.43
CA LEU C 615 19.22 10.09 -4.85
C LEU C 615 18.02 10.58 -5.66
N ARG C 616 16.84 10.00 -5.43
CA ARG C 616 15.69 10.28 -6.27
C ARG C 616 14.77 11.35 -5.69
N ASP C 617 14.16 11.07 -4.53
CA ASP C 617 13.07 11.91 -4.07
C ASP C 617 13.56 13.22 -3.51
N LEU C 618 14.62 13.18 -2.70
CA LEU C 618 15.17 14.40 -2.14
C LEU C 618 15.71 15.29 -3.25
N CYS C 619 16.30 14.69 -4.28
CA CYS C 619 16.82 15.47 -5.40
C CYS C 619 15.71 16.18 -6.15
N ARG C 620 14.65 15.43 -6.52
CA ARG C 620 13.55 16.07 -7.24
C ARG C 620 12.89 17.15 -6.40
N PHE C 621 12.66 16.86 -5.11
CA PHE C 621 12.04 17.84 -4.24
C PHE C 621 12.91 19.08 -4.12
N MET C 622 14.23 18.91 -4.00
CA MET C 622 15.11 20.07 -3.90
C MET C 622 15.07 20.89 -5.17
N PHE C 623 15.07 20.23 -6.34
CA PHE C 623 14.92 20.96 -7.59
C PHE C 623 13.69 21.86 -7.55
N VAL C 624 12.52 21.25 -7.32
CA VAL C 624 11.28 22.01 -7.41
C VAL C 624 11.21 23.08 -6.32
N TYR C 625 11.66 22.73 -5.11
CA TYR C 625 11.56 23.67 -3.99
C TYR C 625 12.51 24.83 -4.18
N LEU C 626 13.70 24.59 -4.71
CA LEU C 626 14.60 25.70 -5.03
C LEU C 626 13.99 26.59 -6.09
N VAL C 627 13.36 26.00 -7.10
CA VAL C 627 12.66 26.81 -8.10
C VAL C 627 11.68 27.75 -7.41
N PHE C 628 10.77 27.17 -6.61
CA PHE C 628 9.74 27.97 -5.95
C PHE C 628 10.35 29.02 -5.04
N LEU C 629 11.32 28.61 -4.22
CA LEU C 629 11.90 29.50 -3.23
C LEU C 629 12.63 30.67 -3.88
N PHE C 630 13.42 30.39 -4.92
CA PHE C 630 14.10 31.47 -5.62
C PHE C 630 13.08 32.42 -6.24
N GLY C 631 12.04 31.88 -6.87
CA GLY C 631 11.05 32.75 -7.49
C GLY C 631 10.38 33.67 -6.48
N PHE C 632 9.91 33.10 -5.38
CA PHE C 632 9.17 33.90 -4.40
C PHE C 632 10.09 34.81 -3.60
N SER C 633 11.33 34.40 -3.33
CA SER C 633 12.27 35.29 -2.68
C SER C 633 12.61 36.47 -3.57
N THR C 634 12.81 36.23 -4.87
CA THR C 634 13.02 37.34 -5.79
C THR C 634 11.82 38.27 -5.82
N ALA C 635 10.62 37.71 -5.88
CA ALA C 635 9.42 38.54 -5.87
C ALA C 635 9.35 39.40 -4.61
N VAL C 636 9.51 38.77 -3.44
CA VAL C 636 9.38 39.50 -2.19
C VAL C 636 10.46 40.58 -2.07
N VAL C 637 11.70 40.24 -2.44
CA VAL C 637 12.79 41.19 -2.29
C VAL C 637 12.63 42.35 -3.28
N THR C 638 12.09 42.09 -4.46
CA THR C 638 11.72 43.18 -5.35
C THR C 638 10.65 44.05 -4.73
N LEU C 639 9.68 43.44 -4.07
CA LEU C 639 8.61 44.19 -3.40
C LEU C 639 9.07 44.84 -2.11
N ILE C 640 10.04 44.26 -1.42
CA ILE C 640 10.50 44.78 -0.14
C ILE C 640 11.49 45.92 -0.37
N GLU C 641 11.22 47.05 0.28
CA GLU C 641 12.14 48.19 0.33
C GLU C 641 11.39 49.44 0.76
N SER C 667 16.21 46.69 5.58
CA SER C 667 17.30 45.79 5.94
C SER C 667 17.09 44.41 5.34
N TYR C 668 15.86 44.12 4.92
CA TYR C 668 15.53 42.85 4.30
C TYR C 668 15.49 42.94 2.77
N ASN C 669 15.98 44.04 2.20
CA ASN C 669 16.01 44.20 0.76
C ASN C 669 17.04 43.29 0.09
N SER C 670 17.88 42.61 0.87
CA SER C 670 18.84 41.69 0.29
C SER C 670 18.17 40.38 -0.09
N LEU C 671 18.68 39.77 -1.16
CA LEU C 671 18.14 38.50 -1.62
C LEU C 671 18.39 37.38 -0.61
N TYR C 672 19.58 37.39 0.01
CA TYR C 672 19.93 36.33 0.95
C TYR C 672 18.98 36.32 2.15
N SER C 673 18.70 37.49 2.72
CA SER C 673 17.82 37.55 3.89
C SER C 673 16.42 37.08 3.55
N THR C 674 15.90 37.49 2.39
CA THR C 674 14.55 37.07 2.00
C THR C 674 14.51 35.57 1.75
N CYS C 675 15.53 35.02 1.10
CA CYS C 675 15.57 33.57 0.89
C CYS C 675 15.61 32.83 2.21
N LEU C 676 16.40 33.31 3.18
CA LEU C 676 16.45 32.65 4.48
C LEU C 676 15.10 32.72 5.17
N GLU C 677 14.45 33.89 5.12
CA GLU C 677 13.15 34.04 5.78
C GLU C 677 12.11 33.12 5.14
N LEU C 678 12.16 32.97 3.81
CA LEU C 678 11.21 32.07 3.15
C LEU C 678 11.53 30.62 3.44
N PHE C 679 12.81 30.26 3.55
CA PHE C 679 13.17 28.89 3.89
C PHE C 679 12.78 28.55 5.32
N LYS C 680 12.75 29.55 6.20
CA LYS C 680 12.33 29.30 7.58
C LYS C 680 10.87 28.84 7.64
N PHE C 681 10.09 29.06 6.59
CA PHE C 681 8.73 28.54 6.56
C PHE C 681 8.71 27.02 6.42
N THR C 682 9.73 26.46 5.76
CA THR C 682 9.78 25.01 5.60
C THR C 682 10.13 24.30 6.90
N ILE C 683 10.85 24.97 7.79
CA ILE C 683 11.15 24.41 9.10
C ILE C 683 10.15 24.96 10.10
N GLY C 684 9.03 25.47 9.60
CA GLY C 684 7.95 25.93 10.48
C GLY C 684 8.35 27.05 11.41
N MET C 685 9.07 28.05 10.89
CA MET C 685 9.47 29.20 11.68
C MET C 685 9.24 30.52 10.96
N GLY C 686 8.55 30.50 9.82
CA GLY C 686 8.29 31.74 9.10
C GLY C 686 7.49 32.71 9.95
N ASP C 687 7.95 33.96 10.00
CA ASP C 687 7.24 34.97 10.78
C ASP C 687 5.88 35.30 10.17
N LEU C 688 5.80 35.38 8.85
CA LEU C 688 4.64 35.79 8.07
C LEU C 688 4.45 37.30 8.10
N GLU C 689 5.15 38.02 8.96
CA GLU C 689 5.12 39.48 9.00
C GLU C 689 6.51 40.05 9.23
N PHE C 690 7.53 39.35 8.73
CA PHE C 690 8.91 39.64 9.10
C PHE C 690 9.37 41.02 8.65
N THR C 691 8.63 41.70 7.78
CA THR C 691 8.99 43.03 7.33
C THR C 691 7.75 43.90 7.26
N GLU C 692 7.97 45.20 7.10
CA GLU C 692 6.90 46.17 6.90
C GLU C 692 7.26 47.19 5.82
N ASN C 693 8.29 46.91 5.03
CA ASN C 693 8.72 47.80 3.96
C ASN C 693 8.05 47.49 2.63
N TYR C 694 7.26 46.42 2.54
CA TYR C 694 6.67 46.04 1.27
C TYR C 694 5.88 47.18 0.64
N ASP C 695 5.16 47.94 1.47
CA ASP C 695 4.39 49.10 1.01
C ASP C 695 3.13 48.67 0.27
N PHE C 696 2.98 47.37 0.01
CA PHE C 696 1.77 46.80 -0.59
C PHE C 696 1.46 45.55 0.22
N LYS C 697 0.70 45.72 1.30
CA LYS C 697 0.46 44.61 2.21
C LYS C 697 -0.27 43.47 1.52
N ALA C 698 -1.24 43.79 0.67
CA ALA C 698 -2.02 42.74 0.02
C ALA C 698 -1.14 41.85 -0.85
N VAL C 699 -0.26 42.46 -1.64
CA VAL C 699 0.56 41.68 -2.57
C VAL C 699 1.55 40.80 -1.82
N PHE C 700 2.24 41.38 -0.83
CA PHE C 700 3.21 40.61 -0.07
C PHE C 700 2.54 39.47 0.69
N ILE C 701 1.37 39.75 1.29
CA ILE C 701 0.65 38.72 2.02
C ILE C 701 0.22 37.60 1.08
N ILE C 702 -0.29 37.96 -0.11
CA ILE C 702 -0.69 36.95 -1.08
C ILE C 702 0.51 36.11 -1.48
N LEU C 703 1.66 36.76 -1.71
CA LEU C 703 2.85 36.02 -2.12
C LEU C 703 3.28 35.03 -1.04
N LEU C 704 3.35 35.48 0.22
CA LEU C 704 3.76 34.58 1.29
C LEU C 704 2.77 33.44 1.46
N LEU C 705 1.46 33.74 1.43
CA LEU C 705 0.47 32.69 1.57
C LEU C 705 0.59 31.66 0.45
N ALA C 706 0.72 32.13 -0.80
CA ALA C 706 0.82 31.19 -1.92
C ALA C 706 2.07 30.34 -1.79
N TYR C 707 3.19 30.94 -1.40
CA TYR C 707 4.42 30.16 -1.23
C TYR C 707 4.23 29.11 -0.15
N VAL C 708 3.60 29.49 0.97
CA VAL C 708 3.43 28.55 2.08
C VAL C 708 2.56 27.37 1.64
N ILE C 709 1.44 27.64 0.98
CA ILE C 709 0.55 26.56 0.56
C ILE C 709 1.25 25.68 -0.49
N LEU C 710 2.02 26.29 -1.38
CA LEU C 710 2.64 25.52 -2.45
C LEU C 710 3.74 24.62 -1.93
N THR C 711 4.61 25.14 -1.06
CA THR C 711 5.78 24.41 -0.60
C THR C 711 5.54 23.66 0.71
N TYR C 712 5.21 24.37 1.78
CA TYR C 712 5.11 23.73 3.09
C TYR C 712 3.98 22.73 3.13
N ILE C 713 2.77 23.15 2.76
CA ILE C 713 1.60 22.28 2.87
C ILE C 713 1.65 21.17 1.84
N LEU C 714 1.99 21.51 0.60
CA LEU C 714 1.90 20.56 -0.50
C LEU C 714 3.22 19.83 -0.73
N LEU C 715 4.28 20.59 -1.01
CA LEU C 715 5.52 19.97 -1.47
C LEU C 715 6.14 19.08 -0.41
N LEU C 716 6.11 19.49 0.86
CA LEU C 716 6.69 18.67 1.91
C LEU C 716 5.86 17.40 2.13
N ASN C 717 4.54 17.56 2.23
CA ASN C 717 3.67 16.39 2.32
C ASN C 717 3.80 15.52 1.07
N MET C 718 4.04 16.14 -0.09
CA MET C 718 4.28 15.37 -1.31
C MET C 718 5.57 14.57 -1.21
N LEU C 719 6.62 15.17 -0.65
CA LEU C 719 7.86 14.43 -0.45
C LEU C 719 7.59 13.24 0.48
N ILE C 720 6.80 13.46 1.52
CA ILE C 720 6.45 12.37 2.44
C ILE C 720 5.76 11.24 1.68
N ALA C 721 4.76 11.58 0.88
CA ALA C 721 4.01 10.55 0.15
C ALA C 721 4.91 9.82 -0.83
N LEU C 722 5.77 10.55 -1.53
CA LEU C 722 6.69 9.93 -2.49
C LEU C 722 7.62 8.96 -1.78
N MET C 723 8.12 9.36 -0.60
CA MET C 723 9.01 8.49 0.14
C MET C 723 8.28 7.25 0.66
N GLY C 724 7.03 7.40 1.10
CA GLY C 724 6.26 6.24 1.49
C GLY C 724 6.08 5.26 0.33
N GLU C 725 5.68 5.77 -0.83
CA GLU C 725 5.51 4.91 -1.99
C GLU C 725 6.83 4.29 -2.41
N THR C 726 7.94 5.01 -2.26
CA THR C 726 9.25 4.48 -2.65
C THR C 726 9.69 3.36 -1.72
N VAL C 727 9.57 3.57 -0.41
CA VAL C 727 9.92 2.52 0.54
C VAL C 727 9.01 1.32 0.35
N ASN C 728 7.77 1.55 -0.11
CA ASN C 728 6.86 0.44 -0.37
C ASN C 728 7.25 -0.39 -1.57
N LYS C 729 8.24 0.04 -2.36
CA LYS C 729 8.58 -0.64 -3.62
C LYS C 729 10.07 -0.95 -3.76
N ILE C 730 10.89 -0.69 -2.74
CA ILE C 730 12.32 -0.96 -2.85
C ILE C 730 12.82 -1.76 -1.64
N ALA C 731 11.92 -2.49 -0.99
CA ALA C 731 12.32 -3.31 0.16
C ALA C 731 13.33 -4.36 -0.26
N GLN C 732 12.92 -5.27 -1.14
CA GLN C 732 13.82 -6.32 -1.60
C GLN C 732 15.00 -5.75 -2.37
N GLU C 733 14.78 -4.69 -3.13
CA GLU C 733 15.89 -4.03 -3.82
C GLU C 733 16.90 -3.48 -2.83
N SER C 734 16.42 -2.86 -1.75
CA SER C 734 17.32 -2.35 -0.73
C SER C 734 18.08 -3.47 -0.06
N LYS C 735 17.41 -4.59 0.23
CA LYS C 735 18.09 -5.74 0.82
C LYS C 735 19.17 -6.27 -0.11
N ASN C 736 18.87 -6.37 -1.41
CA ASN C 736 19.86 -6.84 -2.37
C ASN C 736 21.05 -5.91 -2.44
N ILE C 737 20.79 -4.59 -2.41
CA ILE C 737 21.90 -3.64 -2.48
C ILE C 737 22.74 -3.74 -1.21
N TRP C 738 22.10 -3.96 -0.05
CA TRP C 738 22.87 -4.16 1.17
C TRP C 738 23.76 -5.38 1.07
N LYS C 739 23.22 -6.48 0.52
CA LYS C 739 24.03 -7.68 0.36
C LYS C 739 25.18 -7.44 -0.62
N LEU C 740 24.94 -6.65 -1.66
CA LEU C 740 26.01 -6.31 -2.60
C LEU C 740 27.10 -5.50 -1.90
N GLN C 741 26.70 -4.54 -1.06
CA GLN C 741 27.68 -3.76 -0.30
C GLN C 741 28.48 -4.67 0.63
N ARG C 742 27.81 -5.61 1.28
CA ARG C 742 28.51 -6.55 2.15
C ARG C 742 29.50 -7.39 1.34
N ALA C 743 29.11 -7.80 0.14
CA ALA C 743 30.02 -8.55 -0.72
C ALA C 743 31.25 -7.71 -1.08
N ILE C 744 31.03 -6.43 -1.40
CA ILE C 744 32.14 -5.56 -1.74
C ILE C 744 33.09 -5.43 -0.56
N THR C 745 32.53 -5.23 0.64
CA THR C 745 33.38 -5.12 1.83
C THR C 745 34.13 -6.41 2.09
N ILE C 746 33.48 -7.55 1.90
CA ILE C 746 34.12 -8.84 2.13
C ILE C 746 35.30 -9.01 1.19
N LEU C 747 35.09 -8.70 -0.10
CA LEU C 747 36.17 -8.86 -1.07
C LEU C 747 37.31 -7.88 -0.79
N ASP C 748 36.98 -6.65 -0.40
CA ASP C 748 38.04 -5.69 -0.08
C ASP C 748 38.87 -6.17 1.10
N THR C 749 38.21 -6.70 2.13
CA THR C 749 38.95 -7.24 3.27
C THR C 749 39.78 -8.44 2.87
N GLU C 750 39.23 -9.32 2.02
CA GLU C 750 39.96 -10.53 1.62
C GLU C 750 41.21 -10.17 0.83
N LYS C 751 41.09 -9.27 -0.14
CA LYS C 751 42.24 -8.89 -0.95
C LYS C 751 43.23 -8.08 -0.11
N SER C 752 42.74 -7.08 0.62
CA SER C 752 43.55 -6.26 1.51
C SER C 752 43.08 -6.52 2.93
N PHE C 753 43.96 -7.06 3.76
CA PHE C 753 43.63 -7.45 5.13
C PHE C 753 44.53 -6.82 6.19
N LEU C 754 45.79 -6.56 5.87
CA LEU C 754 46.70 -5.87 6.79
C LEU C 754 46.86 -6.61 8.11
N LYS C 755 46.72 -7.94 8.10
CA LYS C 755 46.92 -8.73 9.31
C LYS C 755 47.66 -10.04 9.06
N CYS C 756 48.07 -10.32 7.83
CA CYS C 756 48.86 -11.51 7.51
C CYS C 756 48.13 -12.77 7.96
N MET C 757 46.96 -13.00 7.37
CA MET C 757 46.13 -14.16 7.68
C MET C 757 45.78 -14.89 6.39
N ARG C 758 45.54 -16.19 6.51
CA ARG C 758 45.20 -17.04 5.38
C ARG C 758 43.92 -17.83 5.64
N LYS C 759 43.00 -17.26 6.41
CA LYS C 759 41.73 -17.90 6.72
C LYS C 759 40.65 -17.56 5.70
N ALA C 760 41.03 -17.04 4.53
CA ALA C 760 40.07 -16.75 3.48
C ALA C 760 39.66 -18.00 2.70
N PHE C 761 40.29 -19.14 2.97
CA PHE C 761 39.95 -20.37 2.28
C PHE C 761 38.60 -20.90 2.77
N ARG C 762 37.95 -21.67 1.91
CA ARG C 762 36.64 -22.22 2.19
C ARG C 762 36.76 -23.67 2.64
N SER C 763 35.63 -24.36 2.74
CA SER C 763 35.60 -25.74 3.23
C SER C 763 36.67 -26.58 2.54
N GLY C 764 37.37 -27.39 3.33
CA GLY C 764 38.50 -28.14 2.86
C GLY C 764 38.25 -28.93 1.59
N LYS C 765 39.33 -29.24 0.87
CA LYS C 765 39.21 -30.00 -0.37
C LYS C 765 38.54 -31.33 -0.10
N LEU C 766 37.55 -31.67 -0.91
CA LEU C 766 36.78 -32.90 -0.77
C LEU C 766 36.88 -33.73 -2.05
N LEU C 767 36.96 -35.05 -1.87
CA LEU C 767 37.02 -35.98 -2.99
C LEU C 767 35.61 -36.08 -3.58
N GLN C 768 35.32 -35.19 -4.54
CA GLN C 768 34.01 -35.17 -5.17
C GLN C 768 33.60 -36.57 -5.62
N VAL C 769 34.37 -37.15 -6.54
CA VAL C 769 34.13 -38.51 -7.00
C VAL C 769 35.41 -39.32 -6.87
N GLY C 770 36.53 -38.74 -7.28
CA GLY C 770 37.79 -39.47 -7.31
C GLY C 770 38.01 -40.29 -8.56
N PHE C 771 37.05 -40.33 -9.48
CA PHE C 771 37.15 -41.09 -10.72
C PHE C 771 36.87 -40.14 -11.88
N THR C 772 37.93 -39.47 -12.35
CA THR C 772 37.83 -38.60 -13.51
C THR C 772 37.80 -39.43 -14.79
N PRO C 773 37.40 -38.84 -15.91
CA PRO C 773 37.42 -39.57 -17.18
C PRO C 773 38.77 -40.20 -17.48
N ASP C 774 39.87 -39.59 -17.03
CA ASP C 774 41.19 -40.17 -17.16
C ASP C 774 41.50 -41.16 -16.04
N GLY C 775 40.58 -41.34 -15.09
CA GLY C 775 40.80 -42.22 -13.96
C GLY C 775 41.55 -41.62 -12.80
N LYS C 776 41.84 -40.31 -12.85
CA LYS C 776 42.58 -39.64 -11.79
C LYS C 776 41.63 -39.28 -10.65
N ASP C 777 42.10 -38.51 -9.69
CA ASP C 777 41.32 -38.10 -8.53
C ASP C 777 40.82 -36.68 -8.73
N ASP C 778 39.52 -36.47 -8.54
CA ASP C 778 38.89 -35.16 -8.70
C ASP C 778 38.84 -34.49 -7.33
N TYR C 779 39.74 -33.54 -7.11
CA TYR C 779 39.81 -32.77 -5.88
C TYR C 779 39.43 -31.34 -6.18
N ARG C 780 38.35 -30.86 -5.55
CA ARG C 780 37.86 -29.50 -5.74
C ARG C 780 37.48 -28.90 -4.40
N TRP C 781 37.62 -27.58 -4.30
CA TRP C 781 37.33 -26.88 -3.06
C TRP C 781 35.82 -26.75 -2.86
N CYS C 782 35.15 -27.88 -2.60
CA CYS C 782 33.71 -27.89 -2.47
C CYS C 782 33.28 -27.18 -1.19
N PHE C 783 32.03 -26.71 -1.19
CA PHE C 783 31.43 -26.06 -0.04
C PHE C 783 30.13 -26.78 0.30
N ARG C 784 29.92 -27.05 1.59
CA ARG C 784 28.90 -27.97 2.05
C ARG C 784 27.68 -27.19 2.55
N VAL C 785 26.51 -27.51 2.01
CA VAL C 785 25.26 -26.87 2.41
C VAL C 785 24.23 -27.96 2.69
N ASP C 786 23.70 -27.98 3.92
CA ASP C 786 22.70 -28.97 4.29
C ASP C 786 21.29 -28.45 4.04
N GLU C 787 20.36 -29.37 3.82
CA GLU C 787 18.95 -29.02 3.67
C GLU C 787 18.12 -30.25 3.98
N VAL C 788 16.83 -30.02 4.19
CA VAL C 788 15.88 -31.06 4.57
C VAL C 788 14.73 -31.08 3.58
N ASN C 789 14.40 -32.26 3.08
CA ASN C 789 13.25 -32.48 2.20
C ASN C 789 12.30 -33.45 2.88
N TRP C 790 11.04 -33.06 3.00
CA TRP C 790 10.06 -33.80 3.79
C TRP C 790 9.02 -34.52 2.94
N THR C 791 9.19 -34.54 1.61
CA THR C 791 8.21 -35.12 0.70
C THR C 791 8.78 -36.37 0.07
N THR C 792 8.15 -37.52 0.35
CA THR C 792 8.44 -38.81 -0.26
C THR C 792 9.78 -39.38 0.17
N TRP C 793 10.55 -38.67 0.99
CA TRP C 793 11.87 -39.14 1.40
C TRP C 793 11.95 -39.28 2.91
N TYR D 235 33.28 -50.28 13.97
CA TYR D 235 32.03 -49.52 14.01
C TYR D 235 31.71 -49.08 15.43
N THR D 236 32.67 -48.39 16.06
CA THR D 236 32.51 -47.91 17.43
C THR D 236 32.54 -46.38 17.53
N ASP D 237 32.73 -45.67 16.43
CA ASP D 237 32.79 -44.22 16.47
C ASP D 237 31.41 -43.65 16.74
N SER D 238 31.39 -42.44 17.30
CA SER D 238 30.13 -41.80 17.69
C SER D 238 29.35 -41.25 16.50
N TYR D 239 29.99 -41.07 15.34
CA TYR D 239 29.29 -40.51 14.19
C TYR D 239 28.20 -41.45 13.70
N TYR D 240 28.44 -42.76 13.74
CA TYR D 240 27.45 -43.77 13.40
C TYR D 240 27.35 -44.83 14.49
N LYS D 241 27.31 -44.39 15.74
CA LYS D 241 27.27 -45.31 16.86
C LYS D 241 25.85 -45.79 17.11
N GLY D 242 25.73 -47.05 17.53
CA GLY D 242 24.43 -47.61 17.86
C GLY D 242 23.66 -48.10 16.65
N GLN D 243 23.80 -47.40 15.52
CA GLN D 243 23.08 -47.76 14.32
C GLN D 243 23.38 -49.21 13.92
N THR D 244 22.34 -49.98 13.67
CA THR D 244 22.46 -51.39 13.34
C THR D 244 21.90 -51.64 11.94
N ALA D 245 21.98 -52.90 11.50
CA ALA D 245 21.50 -53.26 10.18
C ALA D 245 20.03 -52.90 10.00
N LEU D 246 19.23 -53.05 11.07
CA LEU D 246 17.82 -52.71 10.98
C LEU D 246 17.63 -51.23 10.65
N HIS D 247 18.42 -50.36 11.26
CA HIS D 247 18.31 -48.94 10.97
C HIS D 247 18.64 -48.64 9.51
N ILE D 248 19.70 -49.26 8.98
CA ILE D 248 20.06 -49.05 7.59
C ILE D 248 18.95 -49.53 6.68
N ALA D 249 18.37 -50.70 6.99
CA ALA D 249 17.27 -51.21 6.18
C ALA D 249 16.08 -50.27 6.20
N ILE D 250 15.75 -49.73 7.38
CA ILE D 250 14.63 -48.80 7.48
C ILE D 250 14.92 -47.52 6.70
N GLU D 251 16.17 -47.08 6.67
CA GLU D 251 16.52 -45.85 5.98
C GLU D 251 16.49 -45.99 4.46
N ARG D 252 16.58 -47.21 3.95
CA ARG D 252 16.63 -47.45 2.51
C ARG D 252 15.24 -47.61 1.88
N ARG D 253 14.17 -47.46 2.66
CA ARG D 253 12.81 -47.65 2.16
C ARG D 253 12.61 -49.05 1.59
N ASN D 254 13.29 -50.03 2.17
CA ASN D 254 13.16 -51.43 1.76
C ASN D 254 12.35 -52.17 2.81
N MET D 255 11.31 -52.87 2.35
CA MET D 255 10.36 -53.53 3.26
C MET D 255 10.66 -55.02 3.42
N THR D 256 10.95 -55.73 2.34
CA THR D 256 11.28 -57.14 2.45
C THR D 256 12.57 -57.36 3.23
N LEU D 257 13.56 -56.50 2.99
CA LEU D 257 14.84 -56.63 3.69
C LEU D 257 14.67 -56.47 5.19
N VAL D 258 13.80 -55.54 5.61
CA VAL D 258 13.55 -55.35 7.03
C VAL D 258 12.99 -56.62 7.65
N THR D 259 12.03 -57.26 6.96
CA THR D 259 11.48 -58.51 7.47
C THR D 259 12.54 -59.60 7.53
N LEU D 260 13.38 -59.69 6.50
CA LEU D 260 14.43 -60.69 6.50
C LEU D 260 15.37 -60.50 7.68
N LEU D 261 15.72 -59.24 7.98
CA LEU D 261 16.59 -58.97 9.12
C LEU D 261 15.90 -59.29 10.44
N VAL D 262 14.63 -58.86 10.59
CA VAL D 262 13.94 -59.03 11.86
C VAL D 262 13.73 -60.51 12.17
N GLU D 263 13.30 -61.29 11.18
CA GLU D 263 13.03 -62.71 11.41
C GLU D 263 14.27 -63.46 11.85
N ASN D 264 15.47 -62.94 11.56
CA ASN D 264 16.69 -63.62 11.97
C ASN D 264 16.96 -63.47 13.47
N GLY D 265 16.40 -62.44 14.10
CA GLY D 265 16.62 -62.21 15.52
C GLY D 265 17.08 -60.81 15.84
N ALA D 266 16.95 -59.90 14.89
CA ALA D 266 17.40 -58.53 15.10
C ALA D 266 16.68 -57.92 16.30
N ASP D 267 17.44 -57.19 17.11
CA ASP D 267 16.90 -56.54 18.31
C ASP D 267 16.42 -55.14 17.93
N VAL D 268 15.10 -54.91 18.05
CA VAL D 268 14.52 -53.62 17.71
C VAL D 268 14.70 -52.59 18.80
N GLN D 269 15.29 -52.95 19.93
CA GLN D 269 15.48 -52.04 21.05
C GLN D 269 16.92 -51.52 21.15
N ALA D 270 17.76 -51.81 20.15
CA ALA D 270 19.14 -51.34 20.15
C ALA D 270 19.14 -49.85 19.80
N ALA D 271 18.74 -49.05 20.79
CA ALA D 271 18.63 -47.61 20.57
C ALA D 271 19.97 -47.02 20.15
N ALA D 272 19.92 -46.16 19.13
CA ALA D 272 21.11 -45.49 18.62
C ALA D 272 21.36 -44.23 19.45
N ASN D 273 22.42 -44.24 20.25
CA ASN D 273 22.75 -43.13 21.13
C ASN D 273 23.91 -42.28 20.60
N GLY D 274 24.17 -42.34 19.30
CA GLY D 274 25.27 -41.57 18.74
C GLY D 274 24.96 -40.08 18.74
N ASP D 275 26.04 -39.28 18.83
CA ASP D 275 25.88 -37.83 18.81
C ASP D 275 25.40 -37.35 17.44
N PHE D 276 25.64 -38.13 16.39
CA PHE D 276 25.08 -37.78 15.09
C PHE D 276 23.56 -37.80 15.13
N PHE D 277 22.98 -38.83 15.76
CA PHE D 277 21.54 -38.89 16.02
C PHE D 277 21.28 -38.26 17.39
N LYS D 278 21.26 -36.93 17.40
CA LYS D 278 21.07 -36.18 18.64
C LYS D 278 19.90 -36.71 19.45
N GLY D 285 24.01 -33.74 11.75
CA GLY D 285 23.10 -34.83 11.51
C GLY D 285 21.67 -34.49 11.84
N PHE D 286 20.84 -35.52 12.00
CA PHE D 286 19.44 -35.35 12.35
C PHE D 286 19.06 -36.36 13.41
N TYR D 287 18.11 -35.97 14.26
CA TYR D 287 17.64 -36.81 15.36
C TYR D 287 16.20 -37.21 15.08
N PHE D 288 15.96 -38.52 14.94
CA PHE D 288 14.65 -39.04 14.58
C PHE D 288 13.96 -39.77 15.73
N GLY D 289 14.67 -40.10 16.80
CA GLY D 289 14.06 -40.81 17.91
C GLY D 289 14.97 -41.85 18.52
N GLU D 290 16.08 -42.15 17.84
CA GLU D 290 17.10 -43.07 18.35
C GLU D 290 16.58 -44.49 18.50
N LEU D 291 15.44 -44.81 17.88
CA LEU D 291 14.91 -46.16 17.87
C LEU D 291 14.49 -46.52 16.46
N PRO D 292 14.57 -47.80 16.08
CA PRO D 292 14.11 -48.17 14.74
C PRO D 292 12.65 -47.85 14.48
N LEU D 293 11.81 -48.00 15.50
CA LEU D 293 10.39 -47.69 15.33
C LEU D 293 10.17 -46.21 15.08
N SER D 294 10.77 -45.35 15.91
CA SER D 294 10.64 -43.91 15.70
C SER D 294 11.31 -43.48 14.41
N LEU D 295 12.45 -44.09 14.08
CA LEU D 295 13.13 -43.76 12.83
C LEU D 295 12.26 -44.07 11.63
N ALA D 296 11.59 -45.23 11.65
CA ALA D 296 10.67 -45.56 10.56
C ALA D 296 9.47 -44.62 10.54
N ALA D 297 8.91 -44.31 11.71
CA ALA D 297 7.72 -43.48 11.75
C ALA D 297 8.01 -42.07 11.22
N CYS D 298 9.14 -41.49 11.60
CA CYS D 298 9.45 -40.12 11.21
C CYS D 298 9.88 -40.00 9.76
N THR D 299 10.19 -41.10 9.09
CA THR D 299 10.58 -41.09 7.69
C THR D 299 9.41 -41.43 6.76
N ASN D 300 8.19 -41.50 7.30
CA ASN D 300 6.98 -41.77 6.54
C ASN D 300 6.88 -43.22 6.07
N GLN D 301 7.59 -44.13 6.73
CA GLN D 301 7.49 -45.56 6.41
C GLN D 301 6.50 -46.22 7.37
N LEU D 302 5.22 -45.93 7.13
CA LEU D 302 4.18 -46.44 8.02
C LEU D 302 4.10 -47.96 7.98
N ALA D 303 4.44 -48.58 6.84
CA ALA D 303 4.39 -50.03 6.76
C ALA D 303 5.37 -50.68 7.72
N ILE D 304 6.57 -50.11 7.85
CA ILE D 304 7.56 -50.67 8.76
C ILE D 304 7.08 -50.59 10.20
N VAL D 305 6.47 -49.46 10.57
CA VAL D 305 5.89 -49.33 11.91
C VAL D 305 4.80 -50.37 12.11
N LYS D 306 3.92 -50.53 11.11
CA LYS D 306 2.84 -51.50 11.21
C LYS D 306 3.39 -52.89 11.45
N PHE D 307 4.45 -53.27 10.73
CA PHE D 307 5.04 -54.58 10.93
C PHE D 307 5.67 -54.71 12.30
N LEU D 308 6.48 -53.72 12.70
CA LEU D 308 7.24 -53.83 13.95
C LEU D 308 6.32 -53.88 15.16
N LEU D 309 5.28 -53.04 15.18
CA LEU D 309 4.44 -52.94 16.36
C LEU D 309 3.75 -54.27 16.67
N GLN D 310 3.26 -54.95 15.64
CA GLN D 310 2.46 -56.17 15.80
C GLN D 310 3.09 -57.34 15.05
N ASN D 311 4.41 -57.43 15.06
CA ASN D 311 5.08 -58.59 14.48
C ASN D 311 4.88 -59.81 15.37
N SER D 312 4.80 -60.98 14.75
CA SER D 312 4.63 -62.22 15.49
C SER D 312 5.94 -62.76 16.06
N TRP D 313 7.08 -62.13 15.75
CA TRP D 313 8.37 -62.65 16.16
C TRP D 313 8.85 -62.03 17.48
N GLN D 314 9.01 -60.71 17.52
CA GLN D 314 9.53 -60.03 18.68
C GLN D 314 8.77 -58.73 18.93
N PRO D 315 8.12 -58.58 20.08
CA PRO D 315 7.31 -57.37 20.29
C PRO D 315 8.14 -56.10 20.19
N ALA D 316 7.53 -55.05 19.67
CA ALA D 316 8.14 -53.73 19.57
C ALA D 316 7.47 -52.81 20.59
N ASP D 317 8.28 -52.21 21.45
CA ASP D 317 7.77 -51.39 22.55
C ASP D 317 7.44 -50.01 21.99
N ILE D 318 6.14 -49.71 21.84
CA ILE D 318 5.72 -48.40 21.39
C ILE D 318 6.07 -47.33 22.41
N SER D 319 6.12 -47.71 23.70
CA SER D 319 6.40 -46.78 24.78
C SER D 319 7.88 -46.66 25.10
N ALA D 320 8.74 -47.26 24.28
CA ALA D 320 10.18 -47.20 24.53
C ALA D 320 10.65 -45.76 24.57
N ARG D 321 11.53 -45.46 25.52
CA ARG D 321 12.09 -44.13 25.70
C ARG D 321 13.61 -44.19 25.60
N ASP D 322 14.17 -43.26 24.83
CA ASP D 322 15.61 -43.26 24.55
C ASP D 322 16.33 -42.46 25.64
N SER D 323 17.60 -42.11 25.38
CA SER D 323 18.38 -41.38 26.39
C SER D 323 17.70 -40.07 26.75
N VAL D 324 17.20 -39.34 25.74
CA VAL D 324 16.48 -38.09 26.01
C VAL D 324 15.08 -38.33 26.54
N GLY D 325 14.53 -39.53 26.35
CA GLY D 325 13.22 -39.87 26.85
C GLY D 325 12.07 -39.57 25.90
N ASN D 326 12.34 -38.96 24.75
CA ASN D 326 11.29 -38.63 23.79
C ASN D 326 10.82 -39.90 23.11
N THR D 327 9.57 -40.28 23.33
CA THR D 327 9.01 -41.48 22.73
C THR D 327 8.64 -41.22 21.28
N VAL D 328 7.92 -42.15 20.66
CA VAL D 328 7.59 -42.05 19.24
C VAL D 328 6.85 -40.74 18.96
N LEU D 329 5.81 -40.46 19.76
CA LEU D 329 5.03 -39.26 19.53
C LEU D 329 5.87 -38.00 19.72
N HIS D 330 6.74 -38.00 20.74
CA HIS D 330 7.64 -36.88 20.94
C HIS D 330 8.57 -36.71 19.74
N ALA D 331 9.06 -37.82 19.18
CA ALA D 331 9.90 -37.73 18.00
C ALA D 331 9.13 -37.14 16.83
N LEU D 332 7.88 -37.56 16.63
CA LEU D 332 7.08 -36.99 15.54
C LEU D 332 6.84 -35.51 15.74
N VAL D 333 6.60 -35.09 16.99
CA VAL D 333 6.43 -33.67 17.26
C VAL D 333 7.71 -32.91 16.98
N GLU D 334 8.85 -33.47 17.35
CA GLU D 334 10.13 -32.78 17.17
C GLU D 334 10.48 -32.64 15.69
N VAL D 335 10.34 -33.72 14.93
CA VAL D 335 10.78 -33.70 13.54
C VAL D 335 10.00 -32.66 12.74
N ALA D 336 8.72 -32.50 13.03
CA ALA D 336 7.87 -31.60 12.25
C ALA D 336 8.41 -30.18 12.31
N ASP D 337 8.31 -29.48 11.18
CA ASP D 337 8.80 -28.10 11.07
C ASP D 337 7.75 -27.19 10.42
N ASN D 338 6.46 -27.50 10.62
CA ASN D 338 5.37 -26.62 10.25
C ASN D 338 5.12 -26.55 8.74
N THR D 339 5.95 -27.23 7.95
CA THR D 339 5.75 -27.25 6.51
C THR D 339 4.46 -28.00 6.17
N VAL D 340 3.82 -27.57 5.09
CA VAL D 340 2.49 -28.10 4.75
C VAL D 340 2.57 -29.61 4.53
N ASP D 341 3.48 -30.04 3.66
CA ASP D 341 3.63 -31.47 3.43
C ASP D 341 4.08 -32.19 4.69
N ASN D 342 5.05 -31.62 5.41
CA ASN D 342 5.49 -32.20 6.67
C ASN D 342 4.37 -32.20 7.69
N THR D 343 3.55 -31.14 7.69
CA THR D 343 2.42 -31.10 8.63
C THR D 343 1.44 -32.23 8.35
N LYS D 344 1.10 -32.44 7.08
CA LYS D 344 0.19 -33.54 6.73
C LYS D 344 0.81 -34.88 7.10
N PHE D 345 2.10 -35.06 6.80
CA PHE D 345 2.77 -36.31 7.12
C PHE D 345 2.73 -36.60 8.61
N VAL D 346 3.07 -35.60 9.43
CA VAL D 346 3.14 -35.81 10.87
C VAL D 346 1.74 -36.06 11.42
N THR D 347 0.75 -35.33 10.91
CA THR D 347 -0.63 -35.55 11.34
C THR D 347 -1.05 -36.99 11.07
N SER D 348 -0.84 -37.46 9.84
CA SER D 348 -1.26 -38.82 9.48
C SER D 348 -0.50 -39.85 10.30
N MET D 349 0.80 -39.66 10.46
CA MET D 349 1.62 -40.64 11.17
C MET D 349 1.24 -40.69 12.65
N TYR D 350 1.02 -39.53 13.27
CA TYR D 350 0.55 -39.48 14.65
C TYR D 350 -0.81 -40.15 14.81
N ASN D 351 -1.74 -39.88 13.89
CA ASN D 351 -3.05 -40.52 13.96
C ASN D 351 -2.93 -42.04 13.86
N GLU D 352 -2.13 -42.53 12.91
CA GLU D 352 -1.97 -43.98 12.76
C GLU D 352 -1.29 -44.59 13.97
N ILE D 353 -0.27 -43.94 14.53
CA ILE D 353 0.39 -44.45 15.71
C ILE D 353 -0.59 -44.54 16.88
N LEU D 354 -1.38 -43.49 17.07
CA LEU D 354 -2.35 -43.52 18.17
C LEU D 354 -3.37 -44.63 17.97
N ILE D 355 -3.86 -44.80 16.74
CA ILE D 355 -4.85 -45.84 16.47
C ILE D 355 -4.26 -47.21 16.74
N LEU D 356 -3.04 -47.45 16.27
CA LEU D 356 -2.40 -48.75 16.48
C LEU D 356 -2.13 -49.01 17.97
N GLY D 357 -1.69 -47.98 18.69
CA GLY D 357 -1.46 -48.14 20.12
C GLY D 357 -2.72 -48.47 20.87
N ALA D 358 -3.82 -47.80 20.51
CA ALA D 358 -5.12 -48.14 21.11
C ALA D 358 -5.52 -49.57 20.76
N LYS D 359 -5.28 -49.98 19.51
CA LYS D 359 -5.62 -51.33 19.08
C LYS D 359 -4.87 -52.38 19.91
N LEU D 360 -3.56 -52.19 20.06
CA LEU D 360 -2.77 -53.12 20.85
C LEU D 360 -3.09 -53.00 22.34
N HIS D 361 -3.11 -51.77 22.86
CA HIS D 361 -3.30 -51.49 24.28
C HIS D 361 -4.45 -50.51 24.43
N PRO D 362 -5.69 -51.00 24.34
CA PRO D 362 -6.83 -50.08 24.51
C PRO D 362 -6.85 -49.39 25.87
N THR D 363 -6.34 -50.04 26.92
CA THR D 363 -6.41 -49.50 28.26
C THR D 363 -5.26 -48.56 28.59
N LEU D 364 -4.34 -48.34 27.66
CA LEU D 364 -3.17 -47.51 27.91
C LEU D 364 -3.31 -46.19 27.17
N LYS D 365 -3.12 -45.08 27.89
CA LYS D 365 -3.10 -43.75 27.28
C LYS D 365 -1.65 -43.44 26.90
N LEU D 366 -1.31 -43.72 25.65
CA LEU D 366 0.06 -43.53 25.20
C LEU D 366 0.47 -42.06 25.26
N GLU D 367 -0.44 -41.16 24.90
CA GLU D 367 -0.10 -39.75 24.84
C GLU D 367 0.28 -39.18 26.20
N GLU D 368 -0.04 -39.88 27.29
CA GLU D 368 0.25 -39.38 28.63
C GLU D 368 1.70 -39.63 29.05
N ILE D 369 2.47 -40.39 28.26
CA ILE D 369 3.85 -40.69 28.63
C ILE D 369 4.69 -39.42 28.54
N THR D 370 5.51 -39.19 29.56
CA THR D 370 6.34 -38.00 29.65
C THR D 370 7.81 -38.36 29.49
N ASN D 371 8.54 -37.49 28.81
CA ASN D 371 9.97 -37.69 28.58
C ASN D 371 10.74 -37.26 29.82
N ARG D 372 12.07 -37.19 29.72
CA ARG D 372 12.90 -36.82 30.85
C ARG D 372 12.67 -35.37 31.28
N LYS D 373 12.13 -34.53 30.40
CA LYS D 373 11.82 -33.14 30.74
C LYS D 373 10.40 -32.97 31.27
N GLY D 374 9.60 -34.02 31.28
CA GLY D 374 8.23 -33.93 31.75
C GLY D 374 7.30 -33.12 30.86
N LEU D 375 7.43 -33.26 29.54
CA LEU D 375 6.57 -32.59 28.58
C LEU D 375 5.83 -33.62 27.76
N THR D 376 4.50 -33.52 27.74
CA THR D 376 3.68 -34.40 26.92
C THR D 376 3.76 -33.97 25.46
N PRO D 377 3.43 -34.86 24.52
CA PRO D 377 3.57 -34.50 23.10
C PRO D 377 2.83 -33.22 22.74
N LEU D 378 1.61 -33.03 23.25
CA LEU D 378 0.92 -31.77 23.06
C LEU D 378 1.66 -30.63 23.74
N ALA D 379 2.13 -30.85 24.96
CA ALA D 379 2.91 -29.84 25.65
C ALA D 379 4.23 -29.57 24.93
N LEU D 380 4.86 -30.63 24.41
CA LEU D 380 6.09 -30.44 23.66
C LEU D 380 5.85 -29.61 22.41
N ALA D 381 4.75 -29.87 21.70
CA ALA D 381 4.41 -29.07 20.53
C ALA D 381 4.18 -27.62 20.93
N ALA D 382 3.49 -27.40 22.04
CA ALA D 382 3.25 -26.03 22.51
C ALA D 382 4.57 -25.32 22.82
N SER D 383 5.48 -26.02 23.50
CA SER D 383 6.76 -25.40 23.87
C SER D 383 7.62 -25.12 22.64
N SER D 384 7.68 -26.06 21.70
CA SER D 384 8.54 -25.93 20.54
C SER D 384 7.91 -25.16 19.39
N GLY D 385 6.63 -24.79 19.50
CA GLY D 385 6.00 -24.00 18.46
C GLY D 385 5.55 -24.78 17.25
N LYS D 386 5.18 -26.06 17.43
CA LYS D 386 4.66 -26.86 16.34
C LYS D 386 3.18 -26.53 16.19
N ILE D 387 2.89 -25.48 15.42
CA ILE D 387 1.52 -25.01 15.29
C ILE D 387 0.64 -26.04 14.58
N GLY D 388 1.16 -26.69 13.53
CA GLY D 388 0.34 -27.67 12.82
C GLY D 388 -0.05 -28.84 13.69
N VAL D 389 0.91 -29.39 14.43
CA VAL D 389 0.62 -30.52 15.31
C VAL D 389 -0.33 -30.10 16.42
N LEU D 390 -0.13 -28.89 16.96
CA LEU D 390 -1.04 -28.39 17.99
C LEU D 390 -2.47 -28.30 17.46
N ALA D 391 -2.62 -27.73 16.25
CA ALA D 391 -3.96 -27.60 15.67
C ALA D 391 -4.58 -28.96 15.42
N TYR D 392 -3.78 -29.91 14.92
CA TYR D 392 -4.32 -31.25 14.68
C TYR D 392 -4.79 -31.90 15.98
N ILE D 393 -3.94 -31.85 17.01
CA ILE D 393 -4.28 -32.52 18.27
C ILE D 393 -5.51 -31.88 18.89
N LEU D 394 -5.55 -30.55 18.92
CA LEU D 394 -6.71 -29.86 19.48
C LEU D 394 -7.96 -30.03 18.63
N GLN D 395 -7.82 -30.54 17.40
CA GLN D 395 -8.97 -30.83 16.55
C GLN D 395 -8.96 -32.29 16.09
N ARG D 396 -8.28 -33.17 16.84
CA ARG D 396 -8.24 -34.59 16.49
C ARG D 396 -9.61 -35.19 16.66
N GLU D 397 -10.29 -35.46 15.54
CA GLU D 397 -11.63 -36.03 15.54
C GLU D 397 -11.58 -37.38 14.85
N ILE D 398 -11.95 -38.43 15.56
CA ILE D 398 -11.99 -39.79 15.03
C ILE D 398 -13.36 -40.36 15.31
N HIS D 399 -14.08 -40.73 14.25
CA HIS D 399 -15.44 -41.25 14.38
C HIS D 399 -15.49 -42.76 14.54
N GLU D 400 -14.41 -43.46 14.26
CA GLU D 400 -14.46 -44.92 14.26
C GLU D 400 -14.68 -45.44 15.68
N PRO D 401 -15.46 -46.52 15.84
CA PRO D 401 -15.58 -47.13 17.16
C PRO D 401 -14.27 -47.79 17.58
N GLU D 402 -14.04 -47.83 18.88
CA GLU D 402 -12.83 -48.32 19.53
C GLU D 402 -11.69 -47.32 19.41
N CYS D 403 -11.89 -46.20 18.72
CA CYS D 403 -10.88 -45.16 18.59
C CYS D 403 -11.44 -43.76 18.81
N ARG D 404 -12.64 -43.65 19.37
CA ARG D 404 -13.22 -42.34 19.62
C ARG D 404 -12.62 -41.66 20.84
N HIS D 405 -12.26 -42.43 21.87
CA HIS D 405 -11.80 -41.83 23.12
C HIS D 405 -10.44 -41.15 23.00
N LEU D 406 -9.71 -41.40 21.91
CA LEU D 406 -8.44 -40.71 21.69
C LEU D 406 -8.64 -39.30 21.14
N SER D 407 -9.86 -38.95 20.73
CA SER D 407 -10.13 -37.66 20.12
C SER D 407 -10.29 -36.58 21.19
N ARG D 408 -10.43 -35.36 20.73
CA ARG D 408 -10.74 -34.21 21.59
C ARG D 408 -11.96 -33.44 21.10
N LYS D 409 -12.16 -33.37 19.79
CA LYS D 409 -13.31 -32.68 19.19
C LYS D 409 -14.40 -33.72 18.98
N PHE D 410 -15.43 -33.68 19.83
CA PHE D 410 -16.54 -34.61 19.77
C PHE D 410 -17.81 -33.87 19.39
N THR D 411 -18.49 -34.35 18.35
CA THR D 411 -19.73 -33.70 17.93
C THR D 411 -20.81 -33.90 18.97
N GLU D 412 -21.86 -33.10 18.86
CA GLU D 412 -23.01 -33.15 19.76
C GLU D 412 -24.25 -33.02 18.90
N TRP D 413 -25.40 -32.72 19.52
CA TRP D 413 -26.64 -32.64 18.79
C TRP D 413 -26.47 -31.81 17.52
N ALA D 414 -26.62 -32.46 16.37
CA ALA D 414 -26.39 -31.86 15.07
C ALA D 414 -27.52 -32.23 14.12
N TYR D 415 -28.75 -32.08 14.60
CA TYR D 415 -29.91 -32.50 13.81
C TYR D 415 -29.94 -31.85 12.44
N GLY D 416 -29.52 -30.60 12.35
CA GLY D 416 -29.62 -29.85 11.12
C GLY D 416 -28.34 -29.11 10.78
N PRO D 417 -28.47 -27.89 10.21
CA PRO D 417 -27.28 -27.15 9.77
C PRO D 417 -26.46 -26.57 10.91
N VAL D 418 -26.86 -26.75 12.16
CA VAL D 418 -26.17 -26.20 13.32
C VAL D 418 -25.66 -27.35 14.16
N HIS D 419 -24.36 -27.34 14.46
CA HIS D 419 -23.75 -28.36 15.29
C HIS D 419 -22.85 -27.72 16.34
N SER D 420 -22.80 -28.34 17.51
CA SER D 420 -21.97 -27.90 18.62
C SER D 420 -20.89 -28.93 18.87
N SER D 421 -19.63 -28.49 18.86
CA SER D 421 -18.50 -29.35 19.11
C SER D 421 -18.01 -29.18 20.54
N LEU D 422 -17.72 -30.32 21.18
CA LEU D 422 -17.07 -30.36 22.48
C LEU D 422 -15.57 -30.50 22.23
N TYR D 423 -14.84 -29.43 22.50
CA TYR D 423 -13.38 -29.46 22.47
C TYR D 423 -12.90 -29.85 23.87
N ASP D 424 -12.13 -30.93 23.94
CA ASP D 424 -11.63 -31.37 25.23
C ASP D 424 -10.59 -30.38 25.75
N LEU D 425 -10.72 -30.00 27.02
CA LEU D 425 -9.81 -29.09 27.67
C LEU D 425 -8.84 -29.82 28.61
N SER D 426 -8.71 -31.13 28.42
CA SER D 426 -7.75 -31.89 29.22
C SER D 426 -6.35 -31.33 29.04
N CYS D 427 -5.80 -30.75 30.10
CA CYS D 427 -4.47 -30.16 30.08
C CYS D 427 -4.35 -29.04 29.05
N ILE D 428 -5.44 -28.30 28.83
CA ILE D 428 -5.42 -27.15 27.93
C ILE D 428 -5.63 -25.89 28.77
N ASP D 429 -6.27 -26.04 29.93
CA ASP D 429 -6.45 -24.93 30.87
C ASP D 429 -5.63 -25.12 32.14
N THR D 430 -5.69 -26.30 32.75
CA THR D 430 -4.89 -26.60 33.93
C THR D 430 -4.68 -28.11 34.00
N CYS D 431 -3.47 -28.56 33.65
CA CYS D 431 -3.12 -29.96 33.71
C CYS D 431 -2.60 -30.38 35.08
N GLU D 432 -2.35 -29.43 35.97
CA GLU D 432 -1.76 -29.59 37.29
C GLU D 432 -0.26 -29.85 37.20
N LYS D 433 0.30 -30.09 36.01
CA LYS D 433 1.73 -30.22 35.82
C LYS D 433 2.27 -29.11 34.93
N ASN D 434 1.74 -28.95 33.73
CA ASN D 434 2.04 -27.81 32.87
C ASN D 434 1.04 -27.78 31.72
N SER D 435 0.19 -26.76 31.69
CA SER D 435 -0.89 -26.71 30.71
C SER D 435 -0.41 -26.07 29.41
N VAL D 436 -1.18 -26.31 28.34
CA VAL D 436 -0.84 -25.76 27.04
C VAL D 436 -0.84 -24.24 27.09
N LEU D 437 -1.85 -23.66 27.74
CA LEU D 437 -1.93 -22.21 27.83
C LEU D 437 -0.73 -21.63 28.59
N GLU D 438 -0.33 -22.28 29.69
CA GLU D 438 0.83 -21.82 30.43
C GLU D 438 2.09 -21.87 29.57
N VAL D 439 2.27 -22.96 28.83
CA VAL D 439 3.46 -23.10 28.00
C VAL D 439 3.48 -22.03 26.91
N ILE D 440 2.34 -21.79 26.27
CA ILE D 440 2.28 -20.81 25.19
C ILE D 440 2.53 -19.40 25.74
N ALA D 441 1.87 -19.06 26.85
CA ALA D 441 1.95 -17.69 27.36
C ALA D 441 3.28 -17.43 28.06
N TYR D 442 3.80 -18.44 28.76
CA TYR D 442 5.04 -18.30 29.52
C TYR D 442 6.23 -18.95 28.82
N SER D 443 6.27 -18.88 27.49
CA SER D 443 7.36 -19.47 26.73
C SER D 443 8.67 -18.73 26.99
N SER D 444 9.75 -19.17 26.36
CA SER D 444 11.06 -18.56 26.52
C SER D 444 11.30 -17.41 25.55
N SER D 445 10.32 -17.05 24.73
CA SER D 445 10.37 -15.95 23.78
C SER D 445 11.15 -16.30 22.52
N GLU D 446 11.74 -17.48 22.42
CA GLU D 446 12.46 -17.91 21.23
C GLU D 446 11.65 -18.87 20.36
N THR D 447 10.45 -19.26 20.80
CA THR D 447 9.63 -20.15 20.00
C THR D 447 9.29 -19.49 18.67
N PRO D 448 9.45 -20.20 17.54
CA PRO D 448 9.26 -19.52 16.25
C PRO D 448 7.90 -18.88 16.07
N ASN D 449 6.84 -19.51 16.56
CA ASN D 449 5.47 -19.08 16.28
C ASN D 449 4.64 -19.05 17.57
N ARG D 450 5.18 -18.44 18.62
CA ARG D 450 4.43 -18.35 19.86
C ARG D 450 3.18 -17.50 19.69
N HIS D 451 3.24 -16.48 18.85
CA HIS D 451 2.08 -15.59 18.67
C HIS D 451 0.95 -16.30 17.94
N ASP D 452 1.27 -17.00 16.85
CA ASP D 452 0.23 -17.57 15.99
C ASP D 452 -0.51 -18.72 16.66
N MET D 453 0.15 -19.46 17.56
CA MET D 453 -0.45 -20.67 18.10
C MET D 453 -1.78 -20.38 18.78
N LEU D 454 -1.90 -19.22 19.42
CA LEU D 454 -3.14 -18.90 20.15
C LEU D 454 -4.32 -18.65 19.22
N LEU D 455 -4.09 -18.53 17.91
CA LEU D 455 -5.20 -18.42 16.97
C LEU D 455 -5.96 -19.72 16.82
N VAL D 456 -5.45 -20.82 17.37
CA VAL D 456 -6.16 -22.09 17.30
C VAL D 456 -7.55 -21.94 17.90
N GLU D 457 -8.53 -22.51 17.23
CA GLU D 457 -9.95 -22.33 17.53
C GLU D 457 -10.23 -22.53 19.02
N PRO D 458 -10.03 -23.74 19.57
CA PRO D 458 -10.36 -23.96 20.98
C PRO D 458 -9.63 -23.03 21.92
N LEU D 459 -8.34 -22.78 21.69
CA LEU D 459 -7.58 -21.93 22.61
C LEU D 459 -8.08 -20.49 22.56
N ASN D 460 -8.31 -19.97 21.35
CA ASN D 460 -8.78 -18.60 21.22
C ASN D 460 -10.14 -18.44 21.89
N ARG D 461 -11.06 -19.38 21.64
CA ARG D 461 -12.37 -19.27 22.26
C ARG D 461 -12.29 -19.43 23.78
N LEU D 462 -11.44 -20.32 24.26
CA LEU D 462 -11.29 -20.50 25.70
C LEU D 462 -10.81 -19.23 26.36
N LEU D 463 -9.78 -18.59 25.77
CA LEU D 463 -9.26 -17.37 26.35
C LEU D 463 -10.29 -16.24 26.29
N GLN D 464 -11.01 -16.13 25.17
CA GLN D 464 -12.02 -15.09 25.05
C GLN D 464 -13.14 -15.31 26.06
N ASP D 465 -13.55 -16.55 26.27
CA ASP D 465 -14.58 -16.85 27.27
C ASP D 465 -14.08 -16.50 28.66
N LYS D 466 -12.83 -16.85 28.98
CA LYS D 466 -12.26 -16.47 30.27
C LYS D 466 -12.30 -14.97 30.45
N TRP D 467 -11.92 -14.22 29.42
CA TRP D 467 -11.94 -12.77 29.51
C TRP D 467 -13.36 -12.25 29.73
N ASP D 468 -14.33 -12.80 29.00
CA ASP D 468 -15.70 -12.30 29.04
C ASP D 468 -16.48 -12.77 30.27
N ARG D 469 -15.98 -13.76 31.01
CA ARG D 469 -16.73 -14.32 32.12
C ARG D 469 -16.41 -13.61 33.43
N PHE D 470 -15.16 -13.69 33.88
CA PHE D 470 -14.75 -13.10 35.15
C PHE D 470 -13.51 -12.23 35.06
N VAL D 471 -12.58 -12.53 34.14
CA VAL D 471 -11.31 -11.80 34.12
C VAL D 471 -11.53 -10.34 33.77
N LYS D 472 -12.57 -10.04 32.99
CA LYS D 472 -12.80 -8.65 32.59
C LYS D 472 -13.05 -7.77 33.81
N ARG D 473 -13.90 -8.23 34.73
CA ARG D 473 -14.21 -7.43 35.91
C ARG D 473 -12.97 -7.18 36.76
N ILE D 474 -12.18 -8.24 36.99
CA ILE D 474 -10.99 -8.10 37.82
C ILE D 474 -9.98 -7.18 37.16
N PHE D 475 -9.79 -7.32 35.85
CA PHE D 475 -8.82 -6.46 35.16
C PHE D 475 -9.26 -5.01 35.19
N TYR D 476 -10.56 -4.74 35.00
CA TYR D 476 -11.03 -3.37 35.08
C TYR D 476 -10.90 -2.81 36.48
N PHE D 477 -11.15 -3.64 37.49
CA PHE D 477 -10.94 -3.20 38.87
C PHE D 477 -9.48 -2.85 39.12
N ASN D 478 -8.56 -3.66 38.60
CA ASN D 478 -7.14 -3.35 38.72
C ASN D 478 -6.80 -2.05 38.01
N PHE D 479 -7.39 -1.83 36.83
CA PHE D 479 -7.16 -0.59 36.10
C PHE D 479 -7.61 0.61 36.91
N PHE D 480 -8.81 0.53 37.50
CA PHE D 480 -9.31 1.62 38.31
C PHE D 480 -8.43 1.83 39.54
N VAL D 481 -7.98 0.75 40.17
CA VAL D 481 -7.13 0.87 41.34
C VAL D 481 -5.81 1.55 40.98
N TYR D 482 -5.24 1.19 39.83
CA TYR D 482 -4.01 1.83 39.38
C TYR D 482 -4.22 3.31 39.13
N CYS D 483 -5.35 3.66 38.49
CA CYS D 483 -5.64 5.07 38.25
C CYS D 483 -5.78 5.84 39.57
N LEU D 484 -6.48 5.25 40.53
CA LEU D 484 -6.65 5.90 41.82
C LEU D 484 -5.31 6.09 42.50
N TYR D 485 -4.49 5.04 42.53
CA TYR D 485 -3.18 5.13 43.16
C TYR D 485 -2.31 6.18 42.50
N MET D 486 -2.36 6.27 41.16
CA MET D 486 -1.46 7.19 40.48
C MET D 486 -1.94 8.63 40.60
N ILE D 487 -3.26 8.84 40.67
CA ILE D 487 -3.76 10.18 40.97
C ILE D 487 -3.35 10.57 42.39
N ILE D 488 -3.38 9.62 43.32
CA ILE D 488 -2.93 9.89 44.68
C ILE D 488 -1.45 10.29 44.66
N PHE D 489 -0.64 9.56 43.89
CA PHE D 489 0.78 9.88 43.79
C PHE D 489 0.99 11.27 43.19
N THR D 490 0.25 11.59 42.14
CA THR D 490 0.40 12.90 41.50
C THR D 490 0.03 14.02 42.47
N ALA D 491 -1.07 13.86 43.21
CA ALA D 491 -1.46 14.87 44.19
C ALA D 491 -0.42 15.01 45.29
N ALA D 492 0.11 13.89 45.77
CA ALA D 492 1.08 13.95 46.86
C ALA D 492 2.38 14.59 46.41
N ALA D 493 2.86 14.24 45.22
CA ALA D 493 4.13 14.78 44.73
C ALA D 493 4.00 16.25 44.37
N TYR D 494 2.92 16.61 43.68
CA TYR D 494 2.75 18.00 43.23
C TYR D 494 2.76 18.95 44.40
N TYR D 495 2.11 18.58 45.50
CA TYR D 495 1.98 19.45 46.66
C TYR D 495 3.15 19.29 47.64
N ARG D 496 4.29 18.80 47.17
CA ARG D 496 5.44 18.66 48.04
C ARG D 496 5.92 20.04 48.50
N PRO D 497 6.37 20.17 49.74
CA PRO D 497 6.86 21.48 50.20
C PRO D 497 8.21 21.82 49.58
N VAL D 498 8.42 23.13 49.38
CA VAL D 498 9.67 23.60 48.79
C VAL D 498 10.79 23.72 49.82
N GLU D 499 10.47 23.63 51.11
CA GLU D 499 11.46 23.82 52.16
C GLU D 499 12.60 22.81 52.00
N GLY D 500 13.71 23.10 52.69
CA GLY D 500 14.84 22.21 52.71
C GLY D 500 14.61 21.06 53.68
N LEU D 501 15.70 20.39 54.03
CA LEU D 501 15.60 19.24 54.92
C LEU D 501 14.60 18.25 54.35
N PRO D 502 14.96 17.51 53.30
CA PRO D 502 14.01 16.63 52.61
C PRO D 502 13.10 15.90 53.58
N PRO D 503 13.63 15.37 54.70
CA PRO D 503 12.72 14.86 55.73
C PRO D 503 11.98 15.99 56.41
N TYR D 504 10.70 16.15 56.07
CA TYR D 504 9.90 17.29 56.51
C TYR D 504 9.07 16.90 57.74
N LYS D 505 9.13 17.74 58.77
CA LYS D 505 8.30 17.50 59.95
C LYS D 505 6.83 17.60 59.57
N LEU D 506 6.01 16.76 60.20
CA LEU D 506 4.58 16.72 59.91
C LEU D 506 3.87 17.74 60.79
N LYS D 507 3.70 18.94 60.25
CA LYS D 507 2.99 19.98 60.98
C LYS D 507 1.52 19.60 61.12
N ASN D 508 0.92 19.99 62.24
CA ASN D 508 -0.47 19.64 62.52
C ASN D 508 -1.41 20.42 61.62
N THR D 509 -1.79 19.84 60.49
CA THR D 509 -2.68 20.49 59.54
C THR D 509 -3.36 19.42 58.70
N VAL D 510 -4.63 19.65 58.38
CA VAL D 510 -5.40 18.64 57.64
C VAL D 510 -4.78 18.42 56.27
N GLY D 511 -4.37 19.49 55.59
CA GLY D 511 -3.73 19.33 54.29
C GLY D 511 -2.43 18.56 54.37
N ASP D 512 -1.63 18.85 55.40
CA ASP D 512 -0.39 18.11 55.59
C ASP D 512 -0.67 16.63 55.88
N TYR D 513 -1.73 16.36 56.65
CA TYR D 513 -2.10 14.97 56.92
C TYR D 513 -2.50 14.26 55.63
N PHE D 514 -3.27 14.94 54.78
CA PHE D 514 -3.64 14.35 53.49
C PHE D 514 -2.39 14.08 52.65
N ARG D 515 -1.45 15.01 52.62
CA ARG D 515 -0.23 14.81 51.85
C ARG D 515 0.57 13.64 52.38
N VAL D 516 0.66 13.51 53.71
CA VAL D 516 1.39 12.39 54.30
C VAL D 516 0.71 11.08 53.96
N THR D 517 -0.63 11.05 54.02
CA THR D 517 -1.34 9.83 53.66
C THR D 517 -1.10 9.47 52.20
N GLY D 518 -1.11 10.46 51.31
CA GLY D 518 -0.83 10.19 49.91
C GLY D 518 0.57 9.66 49.69
N GLU D 519 1.55 10.25 50.39
CA GLU D 519 2.92 9.77 50.27
C GLU D 519 3.04 8.33 50.78
N ILE D 520 2.39 8.02 51.89
CA ILE D 520 2.43 6.66 52.42
C ILE D 520 1.82 5.69 51.44
N LEU D 521 0.67 6.05 50.86
CA LEU D 521 0.04 5.20 49.86
C LEU D 521 0.95 4.99 48.65
N SER D 522 1.59 6.06 48.19
CA SER D 522 2.48 5.95 47.04
C SER D 522 3.66 5.03 47.34
N VAL D 523 4.25 5.17 48.53
CA VAL D 523 5.39 4.32 48.88
C VAL D 523 4.96 2.87 49.03
N SER D 524 3.77 2.64 49.59
CA SER D 524 3.26 1.27 49.69
C SER D 524 3.05 0.67 48.31
N GLY D 525 2.49 1.45 47.38
CA GLY D 525 2.34 0.96 46.02
C GLY D 525 3.67 0.66 45.35
N GLY D 526 4.66 1.53 45.59
CA GLY D 526 5.97 1.28 45.03
C GLY D 526 6.60 0.01 45.58
N VAL D 527 6.46 -0.23 46.89
CA VAL D 527 6.97 -1.46 47.47
C VAL D 527 6.25 -2.66 46.90
N TYR D 528 4.93 -2.56 46.73
CA TYR D 528 4.17 -3.65 46.15
C TYR D 528 4.64 -3.96 44.73
N PHE D 529 4.89 -2.92 43.94
CA PHE D 529 5.36 -3.15 42.57
C PHE D 529 6.77 -3.73 42.55
N PHE D 530 7.63 -3.28 43.47
CA PHE D 530 8.96 -3.86 43.59
C PHE D 530 8.87 -5.36 43.90
N PHE D 531 8.02 -5.72 44.85
CA PHE D 531 7.85 -7.13 45.20
C PHE D 531 7.23 -7.91 44.05
N ARG D 532 6.33 -7.29 43.29
CA ARG D 532 5.77 -7.93 42.10
C ARG D 532 6.86 -8.21 41.08
N GLY D 533 7.74 -7.25 40.84
CA GLY D 533 8.84 -7.47 39.91
C GLY D 533 9.75 -8.58 40.38
N ILE D 534 10.10 -8.60 41.67
CA ILE D 534 10.95 -9.66 42.19
C ILE D 534 10.27 -11.00 42.06
N GLN D 535 8.98 -11.07 42.37
CA GLN D 535 8.23 -12.31 42.27
C GLN D 535 8.18 -12.82 40.84
N TYR D 536 7.96 -11.91 39.88
CA TYR D 536 7.92 -12.33 38.48
C TYR D 536 9.29 -12.81 38.01
N PHE D 537 10.36 -12.15 38.46
CA PHE D 537 11.70 -12.60 38.09
C PHE D 537 12.01 -13.97 38.69
N LEU D 538 11.53 -14.23 39.90
CA LEU D 538 11.83 -15.50 40.55
C LEU D 538 10.96 -16.64 40.05
N GLN D 539 9.70 -16.37 39.70
CA GLN D 539 8.78 -17.44 39.32
C GLN D 539 8.96 -17.83 37.86
N ARG D 540 8.73 -16.89 36.94
CA ARG D 540 8.86 -17.19 35.52
C ARG D 540 10.27 -17.64 35.16
N ARG D 541 11.25 -17.27 35.96
CA ARG D 541 12.65 -17.60 35.68
C ARG D 541 12.98 -17.25 34.23
N PRO D 542 13.03 -15.97 33.90
CA PRO D 542 13.44 -15.59 32.54
C PRO D 542 14.87 -16.04 32.26
N SER D 543 15.15 -16.29 30.98
CA SER D 543 16.42 -16.86 30.56
C SER D 543 17.58 -15.88 30.65
N LEU D 544 17.40 -14.72 31.28
CA LEU D 544 18.38 -13.63 31.37
C LEU D 544 18.44 -12.86 30.05
N LYS D 545 17.73 -13.31 29.02
CA LYS D 545 17.63 -12.61 27.75
C LYS D 545 16.19 -12.24 27.41
N SER D 546 15.21 -12.93 27.96
CA SER D 546 13.81 -12.59 27.71
C SER D 546 13.37 -11.35 28.48
N LEU D 547 14.19 -10.87 29.42
CA LEU D 547 13.82 -9.69 30.19
C LEU D 547 13.66 -8.48 29.27
N PHE D 548 14.62 -8.28 28.37
CA PHE D 548 14.59 -7.15 27.45
C PHE D 548 13.95 -7.49 26.11
N VAL D 549 13.54 -8.73 25.89
CA VAL D 549 13.08 -9.18 24.58
C VAL D 549 11.56 -9.12 24.51
N ASP D 550 10.88 -9.85 25.40
CA ASP D 550 9.43 -9.96 25.36
C ASP D 550 8.74 -9.53 26.65
N SER D 551 9.48 -9.10 27.65
CA SER D 551 8.91 -8.64 28.93
C SER D 551 9.34 -7.20 29.15
N TYR D 552 8.60 -6.26 28.57
CA TYR D 552 8.86 -4.84 28.78
C TYR D 552 7.99 -4.27 29.88
N SER D 553 6.71 -4.67 29.93
CA SER D 553 5.81 -4.14 30.95
C SER D 553 6.35 -4.40 32.35
N GLU D 554 6.70 -5.65 32.64
CA GLU D 554 7.23 -5.97 33.96
C GLU D 554 8.53 -5.21 34.22
N ILE D 555 9.37 -5.08 33.20
CA ILE D 555 10.64 -4.35 33.37
C ILE D 555 10.37 -2.88 33.69
N LEU D 556 9.45 -2.26 32.97
CA LEU D 556 9.13 -0.86 33.21
C LEU D 556 8.55 -0.67 34.61
N PHE D 557 7.63 -1.55 35.01
CA PHE D 557 7.04 -1.44 36.33
C PHE D 557 8.09 -1.62 37.43
N PHE D 558 9.00 -2.59 37.25
CA PHE D 558 10.06 -2.81 38.22
C PHE D 558 11.00 -1.62 38.31
N VAL D 559 11.36 -1.02 37.18
CA VAL D 559 12.23 0.15 37.19
C VAL D 559 11.54 1.36 37.83
N GLN D 560 10.24 1.54 37.59
CA GLN D 560 9.50 2.59 38.27
C GLN D 560 9.50 2.36 39.78
N SER D 561 9.32 1.10 40.19
CA SER D 561 9.39 0.78 41.62
C SER D 561 10.78 1.09 42.18
N LEU D 562 11.83 0.78 41.42
CA LEU D 562 13.18 1.11 41.86
C LEU D 562 13.34 2.62 42.03
N PHE D 563 12.79 3.39 41.09
CA PHE D 563 12.86 4.85 41.21
C PHE D 563 12.13 5.33 42.46
N MET D 564 10.96 4.76 42.73
CA MET D 564 10.23 5.13 43.96
C MET D 564 11.04 4.81 45.20
N LEU D 565 11.65 3.62 45.23
CA LEU D 565 12.40 3.20 46.42
C LEU D 565 13.64 4.08 46.62
N VAL D 566 14.33 4.42 45.53
CA VAL D 566 15.47 5.32 45.64
C VAL D 566 15.01 6.69 46.10
N SER D 567 13.85 7.14 45.63
CA SER D 567 13.31 8.42 46.08
C SER D 567 13.04 8.39 47.59
N VAL D 568 12.46 7.31 48.09
CA VAL D 568 12.21 7.20 49.52
C VAL D 568 13.53 7.19 50.29
N VAL D 569 14.51 6.45 49.79
CA VAL D 569 15.80 6.38 50.46
C VAL D 569 16.45 7.76 50.53
N LEU D 570 16.40 8.51 49.44
CA LEU D 570 16.97 9.85 49.43
C LEU D 570 16.17 10.79 50.34
N TYR D 571 14.85 10.61 50.39
CA TYR D 571 14.03 11.42 51.28
C TYR D 571 14.44 11.21 52.74
N PHE D 572 14.68 9.97 53.12
CA PHE D 572 15.12 9.65 54.47
C PHE D 572 16.62 9.79 54.68
N SER D 573 17.37 10.14 53.62
CA SER D 573 18.82 10.28 53.71
C SER D 573 19.25 11.76 53.69
N GLN D 574 18.33 12.68 53.93
CA GLN D 574 18.63 14.11 53.96
C GLN D 574 19.21 14.59 52.63
N ARG D 575 18.80 13.97 51.54
CA ARG D 575 19.22 14.35 50.20
C ARG D 575 18.05 14.95 49.44
N LYS D 576 18.23 16.15 48.91
CA LYS D 576 17.21 16.80 48.10
C LYS D 576 17.19 16.29 46.67
N GLU D 577 18.02 15.29 46.34
CA GLU D 577 17.99 14.68 45.02
C GLU D 577 16.84 13.69 44.86
N TYR D 578 16.11 13.40 45.94
CA TYR D 578 15.00 12.46 45.83
C TYR D 578 13.98 12.91 44.79
N VAL D 579 13.79 14.22 44.65
CA VAL D 579 12.89 14.72 43.60
C VAL D 579 13.34 14.19 42.25
N ALA D 580 14.64 14.30 41.95
CA ALA D 580 15.17 13.82 40.68
C ALA D 580 14.83 12.36 40.45
N SER D 581 14.67 11.57 41.51
CA SER D 581 14.18 10.21 41.36
C SER D 581 12.66 10.15 41.35
N MET D 582 12.02 10.84 42.30
CA MET D 582 10.56 10.76 42.40
C MET D 582 9.91 11.18 41.08
N VAL D 583 10.33 12.31 40.53
CA VAL D 583 9.72 12.81 39.30
C VAL D 583 9.90 11.82 38.16
N PHE D 584 10.93 10.98 38.21
CA PHE D 584 11.13 9.98 37.17
C PHE D 584 10.17 8.80 37.30
N SER D 585 9.70 8.50 38.50
CA SER D 585 8.70 7.44 38.66
C SER D 585 7.28 7.94 38.40
N LEU D 586 7.09 9.26 38.38
CA LEU D 586 5.77 9.82 38.09
C LEU D 586 5.51 9.84 36.58
N ALA D 587 6.29 10.61 35.83
CA ALA D 587 6.11 10.65 34.38
C ALA D 587 6.14 9.25 33.78
N MET D 588 7.26 8.54 33.94
CA MET D 588 7.34 7.17 33.49
C MET D 588 6.13 6.37 33.95
N GLY D 589 5.68 6.60 35.17
CA GLY D 589 4.53 5.85 35.68
C GLY D 589 3.32 6.01 34.80
N TRP D 590 2.99 7.25 34.43
CA TRP D 590 1.84 7.48 33.57
C TRP D 590 2.00 6.76 32.24
N THR D 591 3.23 6.64 31.75
CA THR D 591 3.45 5.90 30.50
C THR D 591 3.03 4.45 30.67
N ASN D 592 3.33 3.85 31.82
CA ASN D 592 2.90 2.48 32.07
C ASN D 592 1.38 2.35 32.07
N MET D 593 0.65 3.45 32.20
CA MET D 593 -0.80 3.39 32.03
C MET D 593 -1.20 2.81 30.69
N LEU D 594 -0.28 2.75 29.73
CA LEU D 594 -0.52 2.04 28.48
C LEU D 594 -0.60 0.53 28.68
N TYR D 595 -0.07 0.01 29.78
CA TYR D 595 -0.11 -1.42 30.05
C TYR D 595 -1.53 -1.92 30.30
N TYR D 596 -2.41 -1.07 30.82
CA TYR D 596 -3.80 -1.45 31.04
C TYR D 596 -4.66 -1.29 29.80
N THR D 597 -4.04 -1.01 28.65
CA THR D 597 -4.74 -0.96 27.38
C THR D 597 -4.78 -2.33 26.69
N ARG D 598 -4.13 -3.34 27.26
CA ARG D 598 -4.14 -4.67 26.67
C ARG D 598 -5.54 -5.25 26.59
N GLY D 599 -6.45 -4.81 27.45
CA GLY D 599 -7.77 -5.40 27.53
C GLY D 599 -8.73 -4.91 26.46
N PHE D 600 -8.42 -3.78 25.85
CA PHE D 600 -9.25 -3.21 24.80
C PHE D 600 -8.60 -3.50 23.45
N GLN D 601 -9.38 -4.07 22.53
CA GLN D 601 -8.81 -4.58 21.28
C GLN D 601 -8.12 -3.47 20.50
N GLN D 602 -8.84 -2.37 20.24
CA GLN D 602 -8.26 -1.30 19.44
C GLN D 602 -7.09 -0.64 20.16
N MET D 603 -7.29 -0.30 21.44
CA MET D 603 -6.20 0.34 22.18
C MET D 603 -5.04 -0.61 22.41
N GLY D 604 -5.32 -1.90 22.63
CA GLY D 604 -4.23 -2.86 22.75
C GLY D 604 -3.43 -2.98 21.48
N ILE D 605 -4.10 -3.00 20.32
CA ILE D 605 -3.40 -3.04 19.05
C ILE D 605 -2.60 -1.78 18.84
N TYR D 606 -3.14 -0.64 19.27
CA TYR D 606 -2.39 0.62 19.20
C TYR D 606 -1.12 0.54 20.05
N ALA D 607 -1.24 -0.01 21.25
CA ALA D 607 -0.06 -0.14 22.12
C ALA D 607 0.97 -1.09 21.51
N VAL D 608 0.50 -2.16 20.89
CA VAL D 608 1.43 -3.09 20.24
C VAL D 608 2.14 -2.41 19.08
N MET D 609 1.42 -1.62 18.29
CA MET D 609 2.06 -0.84 17.24
C MET D 609 3.10 0.10 17.83
N ILE D 610 2.77 0.74 18.95
CA ILE D 610 3.73 1.64 19.60
C ILE D 610 4.99 0.88 19.98
N GLU D 611 4.81 -0.30 20.57
CA GLU D 611 5.95 -1.13 20.97
C GLU D 611 6.83 -1.45 19.77
N LYS D 612 6.21 -1.96 18.70
CA LYS D 612 7.00 -2.37 17.52
C LYS D 612 7.71 -1.18 16.89
N MET D 613 7.01 -0.05 16.75
CA MET D 613 7.61 1.12 16.14
C MET D 613 8.81 1.60 16.95
N ILE D 614 8.63 1.74 18.26
CA ILE D 614 9.73 2.18 19.11
C ILE D 614 10.89 1.20 19.01
N LEU D 615 10.58 -0.10 18.96
CA LEU D 615 11.64 -1.10 18.93
C LEU D 615 12.49 -0.96 17.67
N ARG D 616 11.83 -0.91 16.50
CA ARG D 616 12.57 -0.95 15.24
C ARG D 616 12.83 0.43 14.65
N ASP D 617 11.76 1.15 14.28
CA ASP D 617 11.93 2.33 13.46
C ASP D 617 12.45 3.51 14.27
N LEU D 618 11.90 3.71 15.47
CA LEU D 618 12.37 4.81 16.30
C LEU D 618 13.82 4.58 16.71
N CYS D 619 14.20 3.32 16.95
CA CYS D 619 15.57 3.00 17.32
C CYS D 619 16.53 3.32 16.18
N ARG D 620 16.23 2.83 14.97
CA ARG D 620 17.12 3.10 13.84
C ARG D 620 17.20 4.60 13.57
N PHE D 621 16.06 5.29 13.59
CA PHE D 621 16.06 6.72 13.34
C PHE D 621 16.88 7.46 14.39
N MET D 622 16.76 7.05 15.66
CA MET D 622 17.54 7.71 16.71
C MET D 622 19.02 7.48 16.51
N PHE D 623 19.41 6.26 16.14
CA PHE D 623 20.81 5.99 15.83
C PHE D 623 21.32 6.98 14.79
N VAL D 624 20.67 7.01 13.62
CA VAL D 624 21.18 7.83 12.52
C VAL D 624 21.11 9.31 12.88
N TYR D 625 20.02 9.74 13.52
CA TYR D 625 19.85 11.15 13.82
C TYR D 625 20.85 11.61 14.87
N LEU D 626 21.14 10.77 15.87
CA LEU D 626 22.18 11.11 16.82
C LEU D 626 23.53 11.21 16.13
N VAL D 627 23.82 10.30 15.20
CA VAL D 627 25.05 10.42 14.43
C VAL D 627 25.14 11.80 13.78
N PHE D 628 24.11 12.14 13.00
CA PHE D 628 24.11 13.42 12.28
C PHE D 628 24.20 14.61 13.23
N LEU D 629 23.39 14.59 14.30
CA LEU D 629 23.32 15.72 15.21
C LEU D 629 24.64 15.92 15.94
N PHE D 630 25.25 14.83 16.43
CA PHE D 630 26.54 14.97 17.08
C PHE D 630 27.58 15.51 16.11
N GLY D 631 27.61 14.99 14.89
CA GLY D 631 28.59 15.47 13.92
C GLY D 631 28.44 16.95 13.64
N PHE D 632 27.21 17.39 13.36
CA PHE D 632 27.02 18.80 12.99
C PHE D 632 27.12 19.72 14.19
N SER D 633 26.72 19.28 15.39
CA SER D 633 26.92 20.08 16.58
C SER D 633 28.40 20.25 16.87
N THR D 634 29.19 19.18 16.74
CA THR D 634 30.63 19.31 16.90
C THR D 634 31.22 20.28 15.88
N ALA D 635 30.80 20.16 14.63
CA ALA D 635 31.28 21.07 13.60
C ALA D 635 30.96 22.52 13.95
N VAL D 636 29.70 22.80 14.28
CA VAL D 636 29.28 24.17 14.55
C VAL D 636 29.99 24.72 15.77
N VAL D 637 30.10 23.91 16.83
CA VAL D 637 30.72 24.39 18.07
C VAL D 637 32.22 24.61 17.86
N THR D 638 32.86 23.80 17.03
CA THR D 638 34.24 24.10 16.64
C THR D 638 34.32 25.41 15.89
N LEU D 639 33.35 25.67 15.00
CA LEU D 639 33.33 26.91 14.24
C LEU D 639 32.86 28.09 15.08
N ILE D 640 32.02 27.87 16.08
CA ILE D 640 31.48 28.96 16.89
C ILE D 640 32.49 29.35 17.96
N GLU D 641 32.79 30.65 18.03
CA GLU D 641 33.59 31.24 19.10
C GLU D 641 34.09 32.62 18.67
N SER D 667 29.00 32.51 23.97
CA SER D 667 28.19 31.82 24.97
C SER D 667 27.67 30.50 24.42
N TYR D 668 27.69 30.34 23.10
CA TYR D 668 27.26 29.13 22.44
C TYR D 668 28.42 28.22 22.08
N ASN D 669 29.62 28.50 22.58
CA ASN D 669 30.77 27.65 22.30
C ASN D 669 30.70 26.31 23.02
N SER D 670 29.72 26.11 23.89
CA SER D 670 29.57 24.82 24.55
C SER D 670 28.91 23.81 23.62
N LEU D 671 29.29 22.55 23.76
CA LEU D 671 28.72 21.48 22.95
C LEU D 671 27.24 21.28 23.25
N TYR D 672 26.86 21.38 24.53
CA TYR D 672 25.48 21.15 24.93
C TYR D 672 24.54 22.16 24.28
N SER D 673 24.92 23.45 24.31
CA SER D 673 24.06 24.48 23.75
C SER D 673 23.89 24.30 22.25
N THR D 674 24.98 23.99 21.55
CA THR D 674 24.90 23.79 20.11
C THR D 674 24.04 22.57 19.77
N CYS D 675 24.20 21.48 20.53
CA CYS D 675 23.36 20.31 20.30
C CYS D 675 21.90 20.63 20.52
N LEU D 676 21.57 21.38 21.58
CA LEU D 676 20.18 21.75 21.82
C LEU D 676 19.64 22.62 20.69
N GLU D 677 20.44 23.58 20.22
CA GLU D 677 19.99 24.45 19.14
C GLU D 677 19.76 23.67 17.86
N LEU D 678 20.62 22.68 17.59
CA LEU D 678 20.42 21.86 16.39
C LEU D 678 19.23 20.94 16.53
N PHE D 679 18.99 20.41 17.74
CA PHE D 679 17.83 19.56 17.96
C PHE D 679 16.53 20.36 17.85
N LYS D 680 16.57 21.65 18.18
CA LYS D 680 15.38 22.48 18.04
C LYS D 680 14.93 22.59 16.59
N PHE D 681 15.79 22.27 15.63
CA PHE D 681 15.37 22.24 14.23
C PHE D 681 14.43 21.07 13.95
N THR D 682 14.58 19.97 14.69
CA THR D 682 13.71 18.81 14.48
C THR D 682 12.30 19.06 15.01
N ILE D 683 12.16 19.93 16.01
CA ILE D 683 10.85 20.30 16.52
C ILE D 683 10.44 21.61 15.85
N GLY D 684 11.08 21.96 14.74
CA GLY D 684 10.69 23.13 13.98
C GLY D 684 10.82 24.43 14.74
N MET D 685 11.92 24.62 15.47
CA MET D 685 12.16 25.85 16.21
C MET D 685 13.57 26.37 16.02
N GLY D 686 14.34 25.80 15.09
CA GLY D 686 15.70 26.28 14.88
C GLY D 686 15.70 27.74 14.44
N ASP D 687 16.55 28.53 15.09
CA ASP D 687 16.64 29.95 14.74
C ASP D 687 17.22 30.15 13.35
N LEU D 688 18.23 29.37 12.98
CA LEU D 688 19.00 29.46 11.75
C LEU D 688 20.00 30.60 11.81
N GLU D 689 19.91 31.51 12.78
CA GLU D 689 20.88 32.57 12.98
C GLU D 689 21.20 32.74 14.46
N PHE D 690 21.15 31.65 15.22
CA PHE D 690 21.16 31.73 16.68
C PHE D 690 22.46 32.31 17.23
N THR D 691 23.51 32.41 16.42
CA THR D 691 24.78 32.97 16.87
C THR D 691 25.34 33.87 15.79
N GLU D 692 26.37 34.64 16.17
CA GLU D 692 27.11 35.48 15.24
C GLU D 692 28.62 35.41 15.50
N ASN D 693 29.06 34.41 16.27
CA ASN D 693 30.48 34.24 16.57
C ASN D 693 31.20 33.34 15.58
N TYR D 694 30.47 32.73 14.65
CA TYR D 694 31.09 31.78 13.72
C TYR D 694 32.28 32.41 13.00
N ASP D 695 32.16 33.67 12.60
CA ASP D 695 33.23 34.40 11.93
C ASP D 695 33.39 33.96 10.49
N PHE D 696 32.69 32.90 10.09
CA PHE D 696 32.65 32.42 8.70
C PHE D 696 31.18 32.14 8.39
N LYS D 697 30.48 33.16 7.94
CA LYS D 697 29.04 33.03 7.74
C LYS D 697 28.71 31.97 6.72
N ALA D 698 29.48 31.90 5.63
CA ALA D 698 29.19 30.94 4.57
C ALA D 698 29.26 29.51 5.09
N VAL D 699 30.31 29.19 5.85
CA VAL D 699 30.50 27.81 6.31
C VAL D 699 29.42 27.41 7.29
N PHE D 700 29.13 28.28 8.27
CA PHE D 700 28.12 27.97 9.27
C PHE D 700 26.75 27.85 8.62
N ILE D 701 26.43 28.73 7.67
CA ILE D 701 25.15 28.67 6.98
C ILE D 701 25.04 27.37 6.19
N ILE D 702 26.11 26.99 5.48
CA ILE D 702 26.10 25.75 4.73
C ILE D 702 25.88 24.58 5.66
N LEU D 703 26.56 24.58 6.81
CA LEU D 703 26.43 23.48 7.76
C LEU D 703 24.99 23.36 8.25
N LEU D 704 24.40 24.47 8.68
CA LEU D 704 23.03 24.43 9.18
C LEU D 704 22.06 23.99 8.09
N LEU D 705 22.21 24.53 6.87
CA LEU D 705 21.32 24.13 5.79
C LEU D 705 21.43 22.64 5.50
N ALA D 706 22.66 22.13 5.40
CA ALA D 706 22.85 20.71 5.11
C ALA D 706 22.25 19.85 6.20
N TYR D 707 22.45 20.23 7.46
CA TYR D 707 21.87 19.47 8.57
C TYR D 707 20.35 19.48 8.47
N VAL D 708 19.75 20.64 8.18
CA VAL D 708 18.30 20.73 8.12
C VAL D 708 17.75 19.84 7.01
N ILE D 709 18.35 19.90 5.82
CA ILE D 709 17.85 19.10 4.71
C ILE D 709 18.05 17.61 5.00
N LEU D 710 19.17 17.25 5.64
CA LEU D 710 19.45 15.84 5.87
C LEU D 710 18.52 15.25 6.92
N THR D 711 18.30 15.96 8.02
CA THR D 711 17.54 15.43 9.15
C THR D 711 16.06 15.80 9.09
N TYR D 712 15.76 17.10 9.14
CA TYR D 712 14.36 17.52 9.23
C TYR D 712 13.58 17.13 8.00
N ILE D 713 14.06 17.52 6.82
CA ILE D 713 13.30 17.29 5.60
C ILE D 713 13.29 15.81 5.24
N LEU D 714 14.44 15.15 5.33
CA LEU D 714 14.59 13.78 4.84
C LEU D 714 14.33 12.76 5.95
N LEU D 715 15.12 12.85 7.03
CA LEU D 715 15.12 11.78 8.02
C LEU D 715 13.77 11.66 8.72
N LEU D 716 13.14 12.79 9.04
CA LEU D 716 11.84 12.73 9.71
C LEU D 716 10.76 12.20 8.78
N ASN D 717 10.71 12.72 7.55
CA ASN D 717 9.80 12.18 6.55
C ASN D 717 10.11 10.72 6.26
N MET D 718 11.39 10.34 6.32
CA MET D 718 11.76 8.94 6.17
C MET D 718 11.22 8.09 7.30
N LEU D 719 11.29 8.59 8.53
CA LEU D 719 10.71 7.87 9.65
C LEU D 719 9.21 7.70 9.43
N ILE D 720 8.55 8.75 8.95
CA ILE D 720 7.13 8.66 8.64
C ILE D 720 6.85 7.56 7.64
N ALA D 721 7.60 7.53 6.54
CA ALA D 721 7.38 6.53 5.50
C ALA D 721 7.65 5.13 6.02
N LEU D 722 8.71 4.97 6.81
CA LEU D 722 9.04 3.66 7.38
C LEU D 722 7.91 3.19 8.29
N MET D 723 7.36 4.09 9.10
CA MET D 723 6.28 3.72 10.00
C MET D 723 5.02 3.37 9.23
N GLY D 724 4.71 4.10 8.15
CA GLY D 724 3.59 3.73 7.31
C GLY D 724 3.75 2.34 6.72
N GLU D 725 4.92 2.05 6.15
CA GLU D 725 5.16 0.72 5.60
C GLU D 725 5.11 -0.35 6.68
N THR D 726 5.56 -0.02 7.90
CA THR D 726 5.56 -1.01 8.97
C THR D 726 4.15 -1.32 9.44
N VAL D 727 3.34 -0.28 9.66
CA VAL D 727 1.94 -0.51 10.05
C VAL D 727 1.21 -1.24 8.95
N ASN D 728 1.63 -1.05 7.68
CA ASN D 728 0.99 -1.75 6.59
C ASN D 728 1.32 -3.24 6.56
N LYS D 729 2.25 -3.71 7.40
CA LYS D 729 2.71 -5.09 7.34
C LYS D 729 2.69 -5.81 8.69
N ILE D 730 2.18 -5.18 9.75
CA ILE D 730 2.16 -5.82 11.06
C ILE D 730 0.78 -5.74 11.69
N ALA D 731 -0.25 -5.59 10.87
CA ALA D 731 -1.61 -5.53 11.39
C ALA D 731 -1.98 -6.82 12.10
N GLN D 732 -1.99 -7.94 11.36
CA GLN D 732 -2.32 -9.22 11.97
C GLN D 732 -1.30 -9.62 13.02
N GLU D 733 -0.03 -9.31 12.79
CA GLU D 733 0.99 -9.60 13.80
C GLU D 733 0.71 -8.81 15.08
N SER D 734 0.33 -7.55 14.96
CA SER D 734 -0.01 -6.75 16.14
C SER D 734 -1.23 -7.33 16.85
N LYS D 735 -2.24 -7.75 16.10
CA LYS D 735 -3.41 -8.36 16.71
C LYS D 735 -3.03 -9.65 17.46
N ASN D 736 -2.18 -10.47 16.86
CA ASN D 736 -1.74 -11.70 17.51
C ASN D 736 -0.97 -11.39 18.79
N ILE D 737 -0.11 -10.38 18.75
CA ILE D 737 0.66 -10.03 19.94
C ILE D 737 -0.28 -9.50 21.03
N TRP D 738 -1.31 -8.74 20.64
CA TRP D 738 -2.28 -8.28 21.63
C TRP D 738 -3.00 -9.47 22.27
N LYS D 739 -3.38 -10.45 21.47
CA LYS D 739 -4.04 -11.63 22.02
C LYS D 739 -3.10 -12.39 22.96
N LEU D 740 -1.82 -12.46 22.59
CA LEU D 740 -0.84 -13.11 23.47
C LEU D 740 -0.71 -12.36 24.79
N GLN D 741 -0.70 -11.03 24.75
CA GLN D 741 -0.65 -10.25 25.98
C GLN D 741 -1.89 -10.49 26.83
N ARG D 742 -3.05 -10.57 26.18
CA ARG D 742 -4.28 -10.87 26.92
C ARG D 742 -4.21 -12.24 27.56
N ALA D 743 -3.64 -13.22 26.84
CA ALA D 743 -3.48 -14.55 27.41
C ALA D 743 -2.57 -14.51 28.63
N ILE D 744 -1.48 -13.76 28.55
CA ILE D 744 -0.56 -13.65 29.68
C ILE D 744 -1.26 -13.04 30.88
N THR D 745 -2.03 -11.97 30.65
CA THR D 745 -2.76 -11.34 31.74
C THR D 745 -3.79 -12.29 32.33
N ILE D 746 -4.48 -13.04 31.48
CA ILE D 746 -5.50 -13.98 31.95
C ILE D 746 -4.86 -15.04 32.84
N LEU D 747 -3.73 -15.59 32.41
CA LEU D 747 -3.06 -16.62 33.20
C LEU D 747 -2.52 -16.05 34.50
N ASP D 748 -1.98 -14.83 34.47
CA ASP D 748 -1.49 -14.22 35.70
C ASP D 748 -2.62 -14.02 36.70
N THR D 749 -3.78 -13.55 36.23
CA THR D 749 -4.92 -13.39 37.11
C THR D 749 -5.41 -14.74 37.64
N GLU D 750 -5.43 -15.75 36.78
CA GLU D 750 -5.92 -17.07 37.20
C GLU D 750 -5.02 -17.67 38.27
N LYS D 751 -3.71 -17.62 38.07
CA LYS D 751 -2.80 -18.18 39.07
C LYS D 751 -2.77 -17.33 40.33
N SER D 752 -2.66 -16.01 40.17
CA SER D 752 -2.69 -15.06 41.28
C SER D 752 -3.93 -14.20 41.11
N PHE D 753 -4.85 -14.28 42.07
CA PHE D 753 -6.13 -13.57 42.00
C PHE D 753 -6.40 -12.68 43.20
N LEU D 754 -5.93 -13.04 44.38
CA LEU D 754 -6.05 -12.19 45.57
C LEU D 754 -7.52 -11.90 45.91
N LYS D 755 -8.42 -12.82 45.57
CA LYS D 755 -9.82 -12.64 45.92
C LYS D 755 -10.49 -13.93 46.37
N CYS D 756 -9.76 -15.05 46.45
CA CYS D 756 -10.31 -16.31 46.95
C CYS D 756 -11.56 -16.72 46.16
N MET D 757 -11.35 -16.95 44.86
CA MET D 757 -12.42 -17.35 43.96
C MET D 757 -12.01 -18.62 43.21
N ARG D 758 -13.01 -19.40 42.82
CA ARG D 758 -12.79 -20.65 42.10
C ARG D 758 -13.60 -20.70 40.81
N LYS D 759 -13.83 -19.55 40.19
CA LYS D 759 -14.57 -19.47 38.94
C LYS D 759 -13.66 -19.60 37.72
N ALA D 760 -12.43 -20.09 37.89
CA ALA D 760 -11.53 -20.32 36.78
C ALA D 760 -11.85 -21.60 36.02
N PHE D 761 -12.79 -22.41 36.51
CA PHE D 761 -13.16 -23.64 35.84
C PHE D 761 -13.96 -23.34 34.58
N ARG D 762 -13.91 -24.28 33.64
CA ARG D 762 -14.56 -24.13 32.35
C ARG D 762 -15.88 -24.91 32.36
N SER D 763 -16.50 -25.03 31.19
CA SER D 763 -17.79 -25.69 31.06
C SER D 763 -17.81 -27.01 31.80
N GLY D 764 -18.89 -27.26 32.52
CA GLY D 764 -19.00 -28.41 33.40
C GLY D 764 -18.62 -29.73 32.75
N LYS D 765 -18.25 -30.71 33.57
CA LYS D 765 -17.89 -32.02 33.06
C LYS D 765 -19.04 -32.61 32.28
N LEU D 766 -18.74 -33.11 31.08
CA LEU D 766 -19.74 -33.70 30.20
C LEU D 766 -19.38 -35.14 29.88
N LEU D 767 -20.40 -35.99 29.79
CA LEU D 767 -20.22 -37.39 29.45
C LEU D 767 -19.96 -37.48 27.95
N GLN D 768 -18.67 -37.39 27.59
CA GLN D 768 -18.29 -37.43 26.18
C GLN D 768 -18.94 -38.61 25.47
N VAL D 769 -18.63 -39.83 25.92
CA VAL D 769 -19.23 -41.04 25.37
C VAL D 769 -19.81 -41.86 26.51
N GLY D 770 -19.05 -42.03 27.58
CA GLY D 770 -19.44 -42.88 28.67
C GLY D 770 -19.09 -44.35 28.49
N PHE D 771 -18.51 -44.71 27.34
CA PHE D 771 -18.13 -46.08 27.04
C PHE D 771 -16.65 -46.10 26.66
N THR D 772 -15.79 -46.21 27.67
CA THR D 772 -14.36 -46.31 27.45
C THR D 772 -14.01 -47.73 27.00
N PRO D 773 -12.80 -47.93 26.45
CA PRO D 773 -12.39 -49.28 26.07
C PRO D 773 -12.52 -50.29 27.20
N ASP D 774 -12.36 -49.85 28.44
CA ASP D 774 -12.58 -50.70 29.61
C ASP D 774 -14.05 -50.76 30.01
N GLY D 775 -14.92 -50.03 29.32
CA GLY D 775 -16.33 -49.97 29.64
C GLY D 775 -16.70 -48.99 30.72
N LYS D 776 -15.76 -48.17 31.18
CA LYS D 776 -16.01 -47.21 32.25
C LYS D 776 -16.66 -45.96 31.65
N ASP D 777 -16.79 -44.90 32.43
CA ASP D 777 -17.39 -43.65 32.00
C ASP D 777 -16.31 -42.63 31.69
N ASP D 778 -16.39 -42.02 30.52
CA ASP D 778 -15.42 -41.02 30.07
C ASP D 778 -15.96 -39.64 30.44
N TYR D 779 -15.41 -39.06 31.51
CA TYR D 779 -15.77 -37.73 31.97
C TYR D 779 -14.58 -36.80 31.74
N ARG D 780 -14.79 -35.77 30.93
CA ARG D 780 -13.74 -34.80 30.61
C ARG D 780 -14.32 -33.40 30.66
N TRP D 781 -13.48 -32.43 31.01
CA TRP D 781 -13.92 -31.05 31.11
C TRP D 781 -14.06 -30.43 29.72
N CYS D 782 -15.06 -30.88 28.98
CA CYS D 782 -15.27 -30.42 27.61
C CYS D 782 -15.73 -28.96 27.59
N PHE D 783 -15.48 -28.30 26.47
CA PHE D 783 -15.90 -26.93 26.24
C PHE D 783 -16.73 -26.87 24.97
N ARG D 784 -17.86 -26.18 25.03
CA ARG D 784 -18.89 -26.25 24.00
C ARG D 784 -18.79 -25.05 23.06
N VAL D 785 -18.70 -25.32 21.76
CA VAL D 785 -18.63 -24.28 20.74
C VAL D 785 -19.63 -24.58 19.65
N ASP D 786 -20.57 -23.67 19.42
CA ASP D 786 -21.58 -23.86 18.39
C ASP D 786 -21.12 -23.28 17.06
N GLU D 787 -21.67 -23.83 15.98
CA GLU D 787 -21.40 -23.31 14.64
C GLU D 787 -22.52 -23.75 13.72
N VAL D 788 -22.60 -23.10 12.56
CA VAL D 788 -23.65 -23.34 11.58
C VAL D 788 -23.01 -23.70 10.24
N ASN D 789 -23.49 -24.78 9.63
CA ASN D 789 -23.06 -25.20 8.30
C ASN D 789 -24.29 -25.19 7.39
N TRP D 790 -24.19 -24.50 6.26
CA TRP D 790 -25.32 -24.25 5.38
C TRP D 790 -25.27 -25.05 4.08
N THR D 791 -24.31 -25.97 3.95
CA THR D 791 -24.11 -26.71 2.70
C THR D 791 -24.47 -28.17 2.92
N THR D 792 -25.50 -28.64 2.20
CA THR D 792 -25.93 -30.02 2.14
C THR D 792 -26.56 -30.51 3.45
N TRP D 793 -26.61 -29.68 4.48
CA TRP D 793 -27.14 -30.10 5.77
C TRP D 793 -28.33 -29.22 6.17
#